data_8SFN
#
_entry.id   8SFN
#
_cell.length_a   1.00
_cell.length_b   1.00
_cell.length_c   1.00
_cell.angle_alpha   90.00
_cell.angle_beta   90.00
_cell.angle_gamma   90.00
#
_symmetry.space_group_name_H-M   'P 1'
#
loop_
_entity.id
_entity.type
_entity.pdbx_description
1 polymer 'CRISPR-associated endonuclease Cas12a'
2 polymer 'RNA (36-MER)'
3 polymer 'DNA (31-MER)'
4 polymer 'DNA (30-MER)'
#
loop_
_entity_poly.entity_id
_entity_poly.type
_entity_poly.pdbx_seq_one_letter_code
_entity_poly.pdbx_strand_id
1 'polypeptide(L)'
;GAASMTQFEGFTNLYQVSKTLRFELIPQGKTLKHIQEQGFIEEDKARNDHYKELKPIIDRIYKTYADQCLQLVQLDWENL
SAAIDSYRKEKTEETRNALIEEQATYRNAIHDYFIGRTDNLTDAINKRHAEIYKGLFKAELFNGKVLKQLGTVTTTEHEN
ALLRSFDKFTTYFSGFYENRKNVFSAEDISTAIPHRIVQDNFPKFKENCHIFTRLITAVPSLREHFENVKKAIGIFVSTS
IEEVFSFPFYNQLLTQTQIDLYNQLLGGISREAGTEKIKGLNEVLNLAIQKNDETAHIIASLPHRFIPLFKQILSDRNTL
SFILEEFKSDEEVIQSFCKYKTLLRNENVLETAEALFNELNSIDLTHIFISHKKLETISSALCDHWDTLRNALYERRISE
LTGKITKSAKEKVQRSLKHEDINLQEIISAAGKELSEAFKQKTSEILSHAHAALDQPLPTTLKKQEEKEILKSQLDSLLG
LYHLLDWFAVDESNEVDPEFSARLTGIKLEMEPSLSFYNKARNYATKKPYSVEKFKLNFQMPTLASGWDVNKEKNNGAIL
FVKNGLYYLGIMPKQKGRYKALSFEPTEKTSEGFDKMYYDYFPDAAKMIPKCSTQLKAVTAHFQTHTTPILLSNNFIEPL
EITKEIYDLNNPEKEPKKFQTAYAKKTGDQKGYREALCKWIDFTRDFLSKYTKTTSIDLSSLRPSSQYKDLGEYYAELNP
LLYHISFQRIAEKEIMDAVETGKLYLFQIYNKDFAKGHHGKPNLHTLYWTGLFSPENLAKTSIKLNGQAELFYRPKSRMK
RMAHRLGEKMLNKKLKDQKTPIPDTLYQELYDYVNHRLSHDLSDEARALLPNVITKEVSHEIIKDRRFTSDKFFFHVPIT
LNYQAANSPSKFNQRVNAYLKEHPETPIIGIDRGERNLIYITVIDSTGKILEQRSLNTIQQFDYQKKLDNREKERVAARQ
AWSVVGTIKDLKQGYLSQVIHEIVDLMIHYQAVVVLENLNFGFKSKRTGIAEKAVYQQFEKMLIDKLNCLVLKDYPAEKV
GGVLNPYQLTDQFTSFAKMGTQSGFLFYVPAPYTSKIDPLTGFVDPFVWKTIKNHESRKHFLEGFDFLHYDVKTGDFILH
FKMNRNLSFQRGLPGFMPAWDIVFEKNETQFDAKGTPFIAGKRIVPVIENHRFTGRYRDLYPANELIALLEEKGIVFRDG
SNILPKLLENDDSHAIDTMVALIRSVLQMRNSNAATGEDYINSPVRDLNGVCFDSRFQNPEWPMDADANGAYHIALKGQL
LLNHLKESKDLKLQNGISNQDWLAYIQELRN
;
A
2 'polyribonucleotide' UUUUUAAUUUCUACUCUUGUAGAUGUGAUAAGUGGAAUGCCAUGUGGA B
3 'polydeoxyribonucleotide'
;(DA)(DG)(DC)(DA)(DC)(DA)(DG)(DT)(DA)(DG)(DC)(DT)(DA)(DC)(DT)(DC)(DC)(DA)(DG)(DT)
(DA)(DC)(DG)(DC)(DA)(DT)(DT)(DC)(DC)(DA)(DC)(DT)(DT)(DA)(DT)(DC)(DA)(DC)(DT)(DA)
(DA)(DA)(DA)(DG)(DA)(DT)(DC)(DG)(DG)(DA)(DA)(DG)(DA)(DG)(DC)(DG)
;
C
4 'polydeoxyribonucleotide'
;(DC)(DG)(DC)(DT)(DC)(DT)(DT)(DC)(DC)(DG)(DA)(DT)(DC)(DT)(DT)(DT)(DT)(DA)(DG)(DT)
(DG)(DA)(DT)(DA)(DA)(DG)(DT)(DG)(DG)(DA)(DA)(DT)(DG)(DC)(DG)(DT)(DA)(DC)(DT)(DG)
(DG)(DA)(DG)(DT)(DA)(DG)(DC)(DT)(DA)(DC)(DT)(DG)(DT)(DG)(DC)(DT)
;
D
#
# COMPACT_ATOMS: atom_id res chain seq x y z
N MET A 5 -4.40 -39.33 -1.34
CA MET A 5 -5.51 -39.98 -0.66
C MET A 5 -5.84 -39.14 0.57
N THR A 6 -6.75 -38.18 0.40
CA THR A 6 -7.06 -37.22 1.45
C THR A 6 -8.43 -36.60 1.15
N GLN A 7 -8.88 -35.75 2.07
CA GLN A 7 -10.16 -35.06 1.97
C GLN A 7 -9.94 -33.56 1.97
N PHE A 8 -10.98 -32.82 1.56
CA PHE A 8 -10.93 -31.36 1.63
C PHE A 8 -10.91 -30.86 3.06
N GLU A 9 -11.61 -31.56 3.97
CA GLU A 9 -11.66 -31.16 5.37
C GLU A 9 -10.35 -31.40 6.10
N GLY A 10 -9.40 -32.11 5.50
CA GLY A 10 -8.12 -32.38 6.12
C GLY A 10 -7.14 -31.24 6.12
N PHE A 11 -7.53 -30.08 5.56
CA PHE A 11 -6.65 -28.92 5.53
C PHE A 11 -6.97 -28.01 6.73
N THR A 12 -6.67 -28.57 7.90
CA THR A 12 -6.80 -27.86 9.17
C THR A 12 -5.71 -28.39 10.09
N ASN A 13 -5.42 -27.62 11.14
CA ASN A 13 -4.39 -27.95 12.13
C ASN A 13 -3.02 -28.14 11.48
N LEU A 14 -2.66 -27.25 10.56
CA LEU A 14 -1.38 -27.33 9.87
C LEU A 14 -0.37 -26.31 10.39
N TYR A 15 -0.82 -25.12 10.75
CA TYR A 15 0.02 -24.14 11.43
C TYR A 15 -0.87 -23.25 12.29
N GLN A 16 -0.25 -22.56 13.23
CA GLN A 16 -0.98 -21.73 14.17
C GLN A 16 -0.93 -20.27 13.77
N VAL A 17 -1.99 -19.53 14.13
CA VAL A 17 -2.10 -18.11 13.84
C VAL A 17 -2.49 -17.40 15.13
N SER A 18 -2.25 -16.10 15.16
CA SER A 18 -2.53 -15.29 16.34
C SER A 18 -3.35 -14.09 15.94
N LYS A 19 -4.34 -13.76 16.77
CA LYS A 19 -5.26 -12.66 16.49
C LYS A 19 -5.48 -11.86 17.76
N THR A 20 -5.90 -10.61 17.59
CA THR A 20 -6.14 -9.70 18.70
C THR A 20 -7.59 -9.25 18.68
N LEU A 21 -8.28 -9.41 19.80
CA LEU A 21 -9.65 -8.97 19.95
C LEU A 21 -9.68 -7.63 20.66
N ARG A 22 -10.83 -6.96 20.57
CA ARG A 22 -11.00 -5.65 21.18
C ARG A 22 -12.35 -5.60 21.88
N PHE A 23 -12.39 -4.97 23.05
CA PHE A 23 -13.62 -4.88 23.81
C PHE A 23 -13.67 -3.54 24.54
N GLU A 24 -14.86 -3.17 24.99
CA GLU A 24 -15.08 -2.00 25.81
C GLU A 24 -15.23 -2.44 27.26
N LEU A 25 -14.60 -1.71 28.17
CA LEU A 25 -14.72 -1.97 29.60
C LEU A 25 -15.70 -0.99 30.23
N ILE A 26 -16.65 -1.52 31.00
CA ILE A 26 -17.62 -0.72 31.72
C ILE A 26 -17.40 -0.93 33.21
N PRO A 27 -17.17 0.12 33.99
CA PRO A 27 -17.01 -0.04 35.43
C PRO A 27 -18.32 -0.43 36.12
N GLN A 28 -18.18 -1.20 37.20
CA GLN A 28 -19.32 -1.69 37.97
C GLN A 28 -19.23 -1.13 39.39
N GLY A 29 -20.04 -0.12 39.68
CA GLY A 29 -20.18 0.37 41.04
C GLY A 29 -19.22 1.51 41.32
N LYS A 30 -18.52 1.42 42.45
CA LYS A 30 -17.67 2.48 42.94
C LYS A 30 -16.25 2.41 42.40
N THR A 31 -15.97 1.48 41.49
CA THR A 31 -14.64 1.38 40.89
C THR A 31 -14.32 2.61 40.06
N LEU A 32 -15.32 3.18 39.37
CA LEU A 32 -15.10 4.41 38.61
C LEU A 32 -14.81 5.58 39.55
N LYS A 33 -15.53 5.67 40.67
CA LYS A 33 -15.27 6.74 41.63
C LYS A 33 -13.90 6.61 42.26
N HIS A 34 -13.47 5.37 42.55
CA HIS A 34 -12.14 5.18 43.13
C HIS A 34 -11.04 5.46 42.10
N ILE A 35 -11.29 5.14 40.83
CA ILE A 35 -10.36 5.50 39.76
C ILE A 35 -10.24 7.01 39.65
N GLN A 36 -11.38 7.71 39.74
CA GLN A 36 -11.36 9.17 39.69
C GLN A 36 -10.65 9.78 40.89
N GLU A 37 -10.83 9.18 42.07
CA GLU A 37 -10.18 9.71 43.27
C GLU A 37 -8.67 9.45 43.25
N GLN A 38 -8.25 8.28 42.77
CA GLN A 38 -6.82 7.99 42.66
C GLN A 38 -6.15 8.80 41.57
N GLY A 39 -6.90 9.28 40.59
CA GLY A 39 -6.32 10.06 39.50
C GLY A 39 -5.40 9.27 38.59
N PHE A 40 -5.76 8.04 38.25
CA PHE A 40 -4.90 7.24 37.39
C PHE A 40 -4.93 7.69 35.94
N ILE A 41 -6.05 8.25 35.48
CA ILE A 41 -6.18 8.58 34.07
C ILE A 41 -5.38 9.83 33.71
N GLU A 42 -5.36 10.84 34.59
CA GLU A 42 -4.55 12.02 34.33
C GLU A 42 -3.07 11.71 34.45
N GLU A 43 -2.70 10.85 35.42
CA GLU A 43 -1.32 10.42 35.55
C GLU A 43 -0.87 9.64 34.31
N ASP A 44 -1.75 8.79 33.79
CA ASP A 44 -1.40 8.02 32.58
C ASP A 44 -1.35 8.92 31.35
N LYS A 45 -2.19 9.94 31.28
CA LYS A 45 -2.12 10.90 30.17
C LYS A 45 -0.81 11.68 30.19
N ALA A 46 -0.43 12.19 31.37
CA ALA A 46 0.83 12.90 31.48
C ALA A 46 2.02 11.97 31.21
N ARG A 47 1.90 10.71 31.62
CA ARG A 47 2.93 9.72 31.35
C ARG A 47 3.08 9.46 29.86
N ASN A 48 1.97 9.36 29.14
CA ASN A 48 2.01 9.16 27.70
C ASN A 48 2.61 10.35 26.98
N ASP A 49 2.23 11.57 27.38
CA ASP A 49 2.81 12.76 26.77
C ASP A 49 4.31 12.87 27.06
N HIS A 50 4.73 12.48 28.27
CA HIS A 50 6.16 12.49 28.59
C HIS A 50 6.91 11.46 27.76
N TYR A 51 6.30 10.29 27.53
CA TYR A 51 6.95 9.28 26.69
C TYR A 51 7.09 9.76 25.24
N LYS A 52 6.04 10.40 24.71
CA LYS A 52 6.11 10.93 23.34
C LYS A 52 7.14 12.05 23.23
N GLU A 53 7.23 12.91 24.25
CA GLU A 53 8.22 13.97 24.23
C GLU A 53 9.63 13.44 24.41
N LEU A 54 9.78 12.33 25.12
CA LEU A 54 11.11 11.86 25.51
C LEU A 54 11.70 10.86 24.52
N LYS A 55 10.88 10.18 23.71
CA LYS A 55 11.36 9.29 22.65
C LYS A 55 12.41 9.89 21.72
N PRO A 56 12.32 11.15 21.24
CA PRO A 56 13.42 11.70 20.44
C PRO A 56 14.76 11.74 21.15
N ILE A 57 14.81 11.80 22.49
CA ILE A 57 16.09 11.91 23.17
C ILE A 57 16.86 10.58 23.11
N ILE A 58 16.18 9.46 23.39
CA ILE A 58 16.80 8.16 23.22
C ILE A 58 17.12 7.94 21.76
N ASP A 59 16.28 8.47 20.87
CA ASP A 59 16.60 8.43 19.45
C ASP A 59 17.89 9.17 19.14
N ARG A 60 18.12 10.35 19.74
CA ARG A 60 19.37 11.10 19.54
C ARG A 60 20.57 10.30 20.03
N ILE A 61 20.44 9.66 21.19
CA ILE A 61 21.52 8.83 21.70
C ILE A 61 21.87 7.71 20.71
N TYR A 62 20.84 7.07 20.17
CA TYR A 62 21.06 5.95 19.25
C TYR A 62 21.66 6.43 17.93
N LYS A 63 21.17 7.57 17.39
CA LYS A 63 21.78 8.15 16.19
C LYS A 63 23.25 8.45 16.42
N THR A 64 23.58 9.11 17.53
CA THR A 64 24.95 9.55 17.80
C THR A 64 25.89 8.36 17.90
N TYR A 65 25.50 7.33 18.66
CA TYR A 65 26.30 6.10 18.70
C TYR A 65 26.43 5.47 17.33
N ALA A 66 25.37 5.53 16.52
CA ALA A 66 25.40 4.95 15.19
C ALA A 66 26.49 5.61 14.32
N ASP A 67 26.42 6.95 14.14
CA ASP A 67 27.33 7.51 13.14
C ASP A 67 28.74 7.55 13.69
N GLN A 68 28.88 7.72 15.02
CA GLN A 68 30.19 7.61 15.64
C GLN A 68 30.78 6.21 15.43
N CYS A 69 29.93 5.19 15.36
CA CYS A 69 30.43 3.87 15.03
C CYS A 69 30.81 3.75 13.56
N LEU A 70 29.96 4.24 12.65
CA LEU A 70 30.28 3.98 11.24
C LEU A 70 31.29 4.96 10.64
N GLN A 71 31.76 5.96 11.40
CA GLN A 71 32.86 6.79 10.88
C GLN A 71 34.15 6.01 10.66
N LEU A 72 34.36 4.90 11.37
CA LEU A 72 35.61 4.15 11.27
C LEU A 72 35.49 2.88 10.43
N VAL A 73 34.52 2.83 9.52
CA VAL A 73 34.30 1.63 8.73
C VAL A 73 35.39 1.49 7.67
N GLN A 74 36.02 0.32 7.62
CA GLN A 74 37.16 0.06 6.73
C GLN A 74 37.08 -1.38 6.22
N LEU A 75 36.52 -1.57 5.03
CA LEU A 75 36.41 -2.92 4.47
C LEU A 75 36.25 -2.84 2.96
N ASP A 76 36.52 -3.97 2.31
CA ASP A 76 36.42 -4.07 0.86
C ASP A 76 34.96 -4.21 0.43
N TRP A 77 34.70 -4.00 -0.86
CA TRP A 77 33.38 -4.22 -1.43
C TRP A 77 33.44 -4.94 -2.77
N GLU A 78 34.58 -5.57 -3.11
CA GLU A 78 34.71 -6.22 -4.41
C GLU A 78 33.93 -7.52 -4.47
N ASN A 79 33.99 -8.33 -3.40
CA ASN A 79 33.44 -9.69 -3.45
C ASN A 79 31.92 -9.69 -3.57
N LEU A 80 31.26 -8.74 -2.90
CA LEU A 80 29.80 -8.67 -2.99
C LEU A 80 29.38 -8.23 -4.38
N SER A 81 30.14 -7.33 -5.00
CA SER A 81 29.87 -6.95 -6.39
C SER A 81 30.06 -8.13 -7.34
N ALA A 82 31.10 -8.94 -7.09
CA ALA A 82 31.32 -10.13 -7.91
C ALA A 82 30.18 -11.12 -7.76
N ALA A 83 29.70 -11.32 -6.54
CA ALA A 83 28.55 -12.19 -6.33
C ALA A 83 27.30 -11.63 -7.01
N ILE A 84 27.10 -10.31 -6.94
CA ILE A 84 25.90 -9.69 -7.50
C ILE A 84 25.88 -9.83 -9.02
N ASP A 85 26.98 -9.50 -9.70
CA ASP A 85 26.90 -9.60 -11.15
C ASP A 85 27.06 -11.03 -11.64
N SER A 86 27.65 -11.94 -10.84
CA SER A 86 27.59 -13.35 -11.17
C SER A 86 26.16 -13.87 -11.11
N TYR A 87 25.41 -13.46 -10.08
CA TYR A 87 24.00 -13.85 -9.99
C TYR A 87 23.18 -13.19 -11.09
N ARG A 88 23.54 -11.97 -11.50
CA ARG A 88 22.85 -11.31 -12.60
C ARG A 88 23.09 -12.03 -13.92
N LYS A 89 24.32 -12.48 -14.16
CA LYS A 89 24.65 -13.11 -15.43
C LYS A 89 24.12 -14.54 -15.48
N GLU A 90 24.18 -15.27 -14.36
CA GLU A 90 23.90 -16.70 -14.35
C GLU A 90 22.50 -17.03 -13.85
N LYS A 91 22.07 -16.43 -12.74
CA LYS A 91 20.81 -16.75 -12.06
C LYS A 91 20.70 -18.23 -11.73
N THR A 92 21.81 -18.81 -11.29
CA THR A 92 21.88 -20.22 -10.91
C THR A 92 21.79 -20.34 -9.40
N GLU A 93 21.37 -21.53 -8.94
CA GLU A 93 21.10 -21.75 -7.52
C GLU A 93 22.38 -21.64 -6.68
N GLU A 94 23.48 -22.22 -7.15
CA GLU A 94 24.74 -22.14 -6.42
C GLU A 94 25.27 -20.71 -6.37
N THR A 95 25.06 -19.94 -7.45
CA THR A 95 25.42 -18.53 -7.43
C THR A 95 24.57 -17.77 -6.42
N ARG A 96 23.29 -18.12 -6.29
CA ARG A 96 22.43 -17.48 -5.31
C ARG A 96 22.87 -17.83 -3.88
N ASN A 97 23.28 -19.08 -3.66
CA ASN A 97 23.79 -19.47 -2.34
C ASN A 97 25.08 -18.72 -2.01
N ALA A 98 25.98 -18.58 -2.99
CA ALA A 98 27.19 -17.79 -2.78
C ALA A 98 26.85 -16.33 -2.50
N LEU A 99 25.86 -15.79 -3.22
CA LEU A 99 25.44 -14.41 -3.02
C LEU A 99 24.91 -14.17 -1.61
N ILE A 100 24.02 -15.06 -1.14
CA ILE A 100 23.45 -14.86 0.20
C ILE A 100 24.50 -15.12 1.27
N GLU A 101 25.46 -16.02 1.01
CA GLU A 101 26.55 -16.25 1.96
C GLU A 101 27.43 -15.01 2.09
N GLU A 102 27.79 -14.38 0.96
CA GLU A 102 28.57 -13.15 1.03
C GLU A 102 27.77 -12.00 1.60
N GLN A 103 26.46 -11.96 1.36
CA GLN A 103 25.62 -10.91 1.93
C GLN A 103 25.58 -11.00 3.45
N ALA A 104 25.42 -12.22 3.98
CA ALA A 104 25.50 -12.41 5.43
C ALA A 104 26.90 -12.10 5.95
N THR A 105 27.93 -12.41 5.15
CA THR A 105 29.31 -12.11 5.56
C THR A 105 29.53 -10.62 5.73
N TYR A 106 29.09 -9.82 4.75
CA TYR A 106 29.24 -8.37 4.86
C TYR A 106 28.34 -7.79 5.94
N ARG A 107 27.14 -8.35 6.13
CA ARG A 107 26.25 -7.85 7.19
C ARG A 107 26.87 -8.06 8.57
N ASN A 108 27.40 -9.26 8.83
CA ASN A 108 28.06 -9.45 10.12
C ASN A 108 29.40 -8.72 10.17
N ALA A 109 30.01 -8.42 9.03
CA ALA A 109 31.26 -7.65 9.02
C ALA A 109 31.03 -6.23 9.51
N ILE A 110 29.97 -5.57 9.03
CA ILE A 110 29.68 -4.23 9.57
C ILE A 110 29.12 -4.36 10.99
N HIS A 111 28.38 -5.44 11.28
CA HIS A 111 27.86 -5.64 12.63
C HIS A 111 28.96 -5.82 13.67
N ASP A 112 30.13 -6.31 13.27
CA ASP A 112 31.26 -6.39 14.19
C ASP A 112 31.73 -5.03 14.66
N TYR A 113 31.52 -3.99 13.85
CA TYR A 113 31.86 -2.64 14.28
C TYR A 113 30.95 -2.18 15.41
N PHE A 114 29.65 -2.52 15.32
CA PHE A 114 28.73 -2.24 16.41
C PHE A 114 29.07 -3.08 17.64
N ILE A 115 29.41 -4.36 17.43
CA ILE A 115 29.75 -5.25 18.52
C ILE A 115 31.08 -4.85 19.15
N GLY A 116 32.09 -4.60 18.32
CA GLY A 116 33.45 -4.47 18.78
C GLY A 116 34.26 -5.73 18.65
N ARG A 117 34.03 -6.54 17.62
CA ARG A 117 34.66 -7.84 17.46
C ARG A 117 35.71 -7.86 16.37
N THR A 118 35.62 -6.96 15.39
CA THR A 118 36.48 -7.00 14.20
C THR A 118 37.95 -6.83 14.55
N ASP A 119 38.79 -7.60 13.86
CA ASP A 119 40.21 -7.67 14.17
C ASP A 119 41.01 -6.50 13.58
N ASN A 120 40.44 -5.77 12.62
CA ASN A 120 41.17 -4.66 12.02
C ASN A 120 41.28 -3.47 12.96
N LEU A 121 40.32 -3.32 13.87
CA LEU A 121 40.31 -2.20 14.81
C LEU A 121 41.10 -2.56 16.06
N THR A 122 41.57 -1.53 16.75
CA THR A 122 42.38 -1.72 17.95
C THR A 122 41.52 -2.22 19.11
N ASP A 123 42.18 -2.88 20.06
CA ASP A 123 41.48 -3.60 21.11
C ASP A 123 40.80 -2.67 22.12
N ALA A 124 41.39 -1.50 22.38
CA ALA A 124 40.85 -0.61 23.40
C ALA A 124 39.50 -0.04 22.96
N ILE A 125 39.42 0.48 21.74
CA ILE A 125 38.17 1.12 21.33
C ILE A 125 37.11 0.09 20.96
N ASN A 126 37.50 -1.12 20.55
CA ASN A 126 36.45 -2.12 20.34
C ASN A 126 35.96 -2.71 21.65
N LYS A 127 36.81 -2.75 22.68
CA LYS A 127 36.34 -3.06 24.03
C LYS A 127 35.38 -2.00 24.53
N ARG A 128 35.69 -0.72 24.26
CA ARG A 128 34.77 0.37 24.59
C ARG A 128 33.45 0.22 23.84
N HIS A 129 33.53 -0.16 22.56
CA HIS A 129 32.32 -0.39 21.77
C HIS A 129 31.50 -1.55 22.33
N ALA A 130 32.15 -2.61 22.80
CA ALA A 130 31.44 -3.72 23.41
C ALA A 130 30.73 -3.29 24.68
N GLU A 131 31.41 -2.49 25.50
CA GLU A 131 30.78 -1.99 26.73
C GLU A 131 29.58 -1.10 26.40
N ILE A 132 29.72 -0.24 25.39
CA ILE A 132 28.64 0.67 25.02
C ILE A 132 27.46 -0.11 24.45
N TYR A 133 27.73 -1.12 23.59
CA TYR A 133 26.67 -1.93 23.00
C TYR A 133 25.94 -2.73 24.06
N LYS A 134 26.65 -3.25 25.06
CA LYS A 134 25.96 -3.83 26.20
C LYS A 134 25.15 -2.78 26.94
N GLY A 135 25.60 -1.53 26.92
CA GLY A 135 24.87 -0.46 27.59
C GLY A 135 23.64 0.05 26.88
N LEU A 136 23.52 -0.15 25.56
CA LEU A 136 22.37 0.40 24.86
C LEU A 136 21.08 -0.33 25.20
N PHE A 137 21.12 -1.66 25.24
CA PHE A 137 19.91 -2.45 25.40
C PHE A 137 19.66 -2.86 26.84
N LYS A 138 20.09 -2.04 27.79
CA LYS A 138 19.70 -2.17 29.19
C LYS A 138 19.26 -0.81 29.70
N ALA A 139 18.89 -0.75 30.98
CA ALA A 139 18.24 0.44 31.55
C ALA A 139 19.21 1.56 31.90
N GLU A 140 20.45 1.51 31.44
CA GLU A 140 21.40 2.60 31.73
C GLU A 140 21.29 3.77 30.75
N LEU A 141 20.22 3.85 29.97
CA LEU A 141 19.95 5.02 29.16
C LEU A 141 19.29 6.13 29.98
N PHE A 142 18.94 5.88 31.23
CA PHE A 142 18.19 6.82 32.04
C PHE A 142 18.98 7.41 33.20
N ASN A 143 19.96 6.68 33.73
CA ASN A 143 20.85 7.26 34.74
C ASN A 143 22.01 8.02 34.12
N GLY A 144 22.15 7.98 32.80
CA GLY A 144 23.26 8.64 32.15
C GLY A 144 24.57 7.90 32.19
N LYS A 145 24.55 6.58 32.30
CA LYS A 145 25.80 5.82 32.32
C LYS A 145 26.44 5.81 30.93
N VAL A 146 25.72 5.29 29.93
CA VAL A 146 26.26 5.29 28.58
C VAL A 146 26.18 6.67 27.95
N LEU A 147 25.36 7.57 28.50
CA LEU A 147 25.25 8.92 27.97
C LEU A 147 26.54 9.71 28.21
N LYS A 148 27.05 9.69 29.44
CA LYS A 148 28.35 10.29 29.71
C LYS A 148 29.50 9.38 29.28
N GLN A 149 29.26 8.08 29.15
CA GLN A 149 30.29 7.20 28.59
C GLN A 149 30.59 7.58 27.14
N LEU A 150 29.54 7.87 26.37
CA LEU A 150 29.74 8.51 25.07
C LEU A 150 30.18 9.95 25.25
N GLY A 151 29.47 10.69 26.10
CA GLY A 151 29.87 12.04 26.51
C GLY A 151 29.97 13.06 25.40
N THR A 152 29.06 13.01 24.42
CA THR A 152 29.11 13.92 23.29
C THR A 152 27.83 14.70 23.07
N VAL A 153 26.74 14.37 23.74
CA VAL A 153 25.45 15.03 23.55
C VAL A 153 25.08 15.75 24.85
N THR A 154 24.70 17.01 24.73
CA THR A 154 24.29 17.80 25.88
C THR A 154 22.86 17.49 26.26
N THR A 155 22.56 17.61 27.56
CA THR A 155 21.22 17.36 28.10
C THR A 155 20.93 18.42 29.15
N THR A 156 20.01 19.33 28.84
CA THR A 156 19.64 20.37 29.79
C THR A 156 18.82 19.78 30.94
N GLU A 157 18.58 20.62 31.96
CA GLU A 157 17.93 20.16 33.17
C GLU A 157 16.46 19.79 32.97
N HIS A 158 15.79 20.35 31.96
CA HIS A 158 14.44 19.90 31.63
C HIS A 158 14.46 18.47 31.09
N GLU A 159 15.43 18.18 30.22
CA GLU A 159 15.62 16.83 29.72
C GLU A 159 15.96 15.86 30.84
N ASN A 160 16.81 16.29 31.78
CA ASN A 160 17.16 15.45 32.92
C ASN A 160 15.96 15.19 33.82
N ALA A 161 15.12 16.21 34.03
CA ALA A 161 13.91 16.03 34.84
C ALA A 161 12.92 15.10 34.17
N LEU A 162 12.76 15.24 32.84
CA LEU A 162 11.89 14.34 32.10
C LEU A 162 12.40 12.91 32.13
N LEU A 163 13.72 12.74 32.08
CA LEU A 163 14.31 11.40 32.17
C LEU A 163 14.17 10.82 33.57
N ARG A 164 14.28 11.67 34.60
CA ARG A 164 14.09 11.23 35.98
C ARG A 164 12.64 10.93 36.30
N SER A 165 11.70 11.47 35.52
CA SER A 165 10.29 11.20 35.78
C SER A 165 9.88 9.75 35.48
N PHE A 166 10.75 8.97 34.85
CA PHE A 166 10.49 7.55 34.58
C PHE A 166 11.34 6.65 35.45
N ASP A 167 11.54 7.03 36.71
CA ASP A 167 12.29 6.20 37.64
C ASP A 167 11.47 4.97 38.03
N LYS A 168 12.15 3.82 38.08
CA LYS A 168 11.55 2.50 38.34
C LYS A 168 10.44 2.17 37.33
N PHE A 169 10.59 2.67 36.11
CA PHE A 169 9.56 2.50 35.09
C PHE A 169 10.19 2.27 33.71
N THR A 170 11.41 1.72 33.66
CA THR A 170 12.08 1.52 32.40
C THR A 170 11.55 0.33 31.60
N THR A 171 10.73 -0.53 32.21
CA THR A 171 10.09 -1.60 31.45
C THR A 171 8.97 -1.10 30.54
N TYR A 172 8.56 0.16 30.70
CA TYR A 172 7.62 0.75 29.75
C TYR A 172 8.25 0.79 28.36
N PHE A 173 9.56 0.99 28.28
CA PHE A 173 10.25 1.13 27.03
C PHE A 173 10.74 -0.20 26.47
N SER A 174 10.19 -1.34 26.91
CA SER A 174 10.68 -2.62 26.43
C SER A 174 10.40 -2.81 24.94
N GLY A 175 9.24 -2.36 24.48
CA GLY A 175 8.97 -2.36 23.05
C GLY A 175 9.91 -1.46 22.28
N PHE A 176 10.27 -0.31 22.87
CA PHE A 176 11.26 0.58 22.28
C PHE A 176 12.62 -0.12 22.19
N TYR A 177 12.97 -0.87 23.23
CA TYR A 177 14.24 -1.58 23.27
C TYR A 177 14.31 -2.63 22.17
N GLU A 178 13.21 -3.34 21.93
CA GLU A 178 13.18 -4.32 20.84
C GLU A 178 13.16 -3.63 19.48
N ASN A 179 12.43 -2.51 19.36
CA ASN A 179 12.36 -1.74 18.12
C ASN A 179 13.66 -1.02 17.79
N ARG A 180 14.61 -0.96 18.72
CA ARG A 180 15.97 -0.54 18.39
C ARG A 180 16.93 -1.72 18.23
N LYS A 181 16.66 -2.83 18.93
CA LYS A 181 17.46 -4.02 18.78
C LYS A 181 17.36 -4.59 17.37
N ASN A 182 16.19 -4.47 16.75
CA ASN A 182 16.09 -4.92 15.36
C ASN A 182 16.77 -3.94 14.40
N VAL A 183 16.88 -2.66 14.80
CA VAL A 183 17.62 -1.70 13.99
C VAL A 183 19.11 -2.04 13.99
N PHE A 184 19.67 -2.38 15.15
CA PHE A 184 21.08 -2.73 15.18
C PHE A 184 21.34 -4.21 14.93
N SER A 185 20.32 -5.00 14.61
CA SER A 185 20.53 -6.41 14.33
C SER A 185 21.20 -6.61 12.97
N ALA A 186 21.58 -7.85 12.68
CA ALA A 186 22.25 -8.19 11.43
C ALA A 186 21.72 -9.49 10.84
N GLU A 187 20.42 -9.72 10.96
CA GLU A 187 19.81 -10.94 10.43
C GLU A 187 18.83 -10.60 9.30
N ASP A 188 19.28 -9.82 8.32
CA ASP A 188 18.58 -9.58 7.04
C ASP A 188 17.32 -8.73 7.25
N ILE A 189 17.10 -8.27 8.49
CA ILE A 189 15.92 -7.50 8.87
C ILE A 189 15.85 -6.19 8.10
N SER A 190 14.66 -5.88 7.55
CA SER A 190 14.52 -4.77 6.63
C SER A 190 14.75 -3.42 7.28
N THR A 191 14.68 -3.32 8.60
CA THR A 191 14.98 -2.08 9.29
C THR A 191 16.35 -2.12 9.97
N ALA A 192 17.20 -3.07 9.61
CA ALA A 192 18.53 -3.17 10.18
C ALA A 192 19.53 -2.38 9.36
N ILE A 193 20.51 -1.79 10.06
CA ILE A 193 21.55 -1.00 9.37
C ILE A 193 22.43 -1.85 8.45
N PRO A 194 22.96 -3.03 8.85
CA PRO A 194 23.72 -3.84 7.87
C PRO A 194 22.94 -4.24 6.64
N HIS A 195 21.66 -4.54 6.79
CA HIS A 195 20.83 -4.89 5.64
C HIS A 195 20.70 -3.71 4.69
N ARG A 196 20.60 -2.50 5.24
CA ARG A 196 20.51 -1.32 4.39
C ARG A 196 21.82 -1.08 3.64
N ILE A 197 22.96 -1.12 4.34
CA ILE A 197 24.22 -0.82 3.66
C ILE A 197 24.71 -1.96 2.78
N VAL A 198 24.17 -3.16 2.90
CA VAL A 198 24.59 -4.28 2.06
C VAL A 198 23.62 -4.52 0.92
N GLN A 199 22.32 -4.53 1.18
CA GLN A 199 21.32 -4.87 0.17
C GLN A 199 20.62 -3.66 -0.42
N ASP A 200 20.25 -2.68 0.40
CA ASP A 200 19.42 -1.58 -0.09
C ASP A 200 20.22 -0.42 -0.68
N ASN A 201 21.52 -0.39 -0.48
CA ASN A 201 22.28 0.74 -1.02
C ASN A 201 23.48 0.34 -1.85
N PHE A 202 24.20 -0.72 -1.48
CA PHE A 202 25.38 -1.10 -2.24
C PHE A 202 25.12 -1.55 -3.67
N PRO A 203 24.11 -2.39 -3.99
CA PRO A 203 23.88 -2.70 -5.42
C PRO A 203 23.55 -1.49 -6.26
N LYS A 204 22.84 -0.51 -5.69
CA LYS A 204 22.56 0.72 -6.42
C LYS A 204 23.83 1.50 -6.70
N PHE A 205 24.74 1.57 -5.72
CA PHE A 205 26.01 2.25 -5.93
C PHE A 205 26.90 1.48 -6.90
N LYS A 206 26.83 0.16 -6.87
CA LYS A 206 27.62 -0.66 -7.80
C LYS A 206 27.15 -0.48 -9.23
N GLU A 207 25.84 -0.50 -9.46
CA GLU A 207 25.36 -0.28 -10.82
C GLU A 207 25.57 1.17 -11.23
N ASN A 208 25.60 2.10 -10.25
CA ASN A 208 25.94 3.49 -10.53
C ASN A 208 27.37 3.62 -11.03
N CYS A 209 28.30 2.90 -10.39
CA CYS A 209 29.67 2.83 -10.88
C CYS A 209 29.73 2.27 -12.29
N HIS A 210 28.93 1.23 -12.56
CA HIS A 210 28.93 0.62 -13.88
C HIS A 210 28.39 1.55 -14.95
N ILE A 211 27.27 2.24 -14.70
CA ILE A 211 26.71 3.12 -15.72
C ILE A 211 27.61 4.33 -15.91
N PHE A 212 28.24 4.81 -14.82
CA PHE A 212 29.16 5.94 -14.95
C PHE A 212 30.37 5.56 -15.79
N THR A 213 30.97 4.40 -15.55
CA THR A 213 32.16 4.05 -16.33
C THR A 213 31.81 3.70 -17.78
N ARG A 214 30.62 3.13 -18.03
CA ARG A 214 30.20 2.85 -19.40
C ARG A 214 29.89 4.15 -20.15
N LEU A 215 29.21 5.09 -19.50
CA LEU A 215 28.94 6.39 -20.09
C LEU A 215 30.23 7.18 -20.31
N ILE A 216 31.22 6.99 -19.45
CA ILE A 216 32.47 7.72 -19.58
C ILE A 216 33.30 7.17 -20.73
N THR A 217 33.39 5.85 -20.85
CA THR A 217 34.10 5.29 -22.01
C THR A 217 33.28 5.44 -23.29
N ALA A 218 32.00 5.75 -23.19
CA ALA A 218 31.23 6.14 -24.37
C ALA A 218 31.53 7.58 -24.79
N VAL A 219 31.28 8.53 -23.89
CA VAL A 219 31.52 9.95 -24.15
C VAL A 219 32.58 10.43 -23.16
N PRO A 220 33.83 10.59 -23.61
CA PRO A 220 34.89 11.01 -22.68
C PRO A 220 34.83 12.47 -22.26
N SER A 221 34.11 13.32 -23.01
CA SER A 221 34.09 14.74 -22.69
C SER A 221 33.22 15.06 -21.49
N LEU A 222 32.36 14.14 -21.06
CA LEU A 222 31.41 14.45 -20.00
C LEU A 222 32.04 14.44 -18.61
N ARG A 223 33.23 13.86 -18.44
CA ARG A 223 33.90 13.95 -17.15
C ARG A 223 34.32 15.38 -16.84
N GLU A 224 34.60 16.18 -17.87
CA GLU A 224 34.88 17.59 -17.66
C GLU A 224 33.66 18.31 -17.09
N HIS A 225 32.48 18.05 -17.66
CA HIS A 225 31.26 18.69 -17.18
C HIS A 225 30.90 18.20 -15.78
N PHE A 226 31.14 16.90 -15.51
CA PHE A 226 30.88 16.36 -14.18
C PHE A 226 31.79 17.01 -13.14
N GLU A 227 33.06 17.20 -13.48
CA GLU A 227 33.96 17.85 -12.53
C GLU A 227 33.63 19.32 -12.34
N ASN A 228 33.21 20.03 -13.40
CA ASN A 228 32.81 21.42 -13.23
C ASN A 228 31.53 21.55 -12.40
N VAL A 229 30.56 20.64 -12.58
CA VAL A 229 29.35 20.76 -11.77
C VAL A 229 29.64 20.35 -10.32
N LYS A 230 30.59 19.44 -10.10
CA LYS A 230 31.00 19.13 -8.73
C LYS A 230 31.70 20.32 -8.08
N LYS A 231 32.56 21.01 -8.83
CA LYS A 231 33.25 22.17 -8.28
C LYS A 231 32.29 23.34 -8.07
N ALA A 232 31.29 23.49 -8.93
CA ALA A 232 30.29 24.53 -8.75
C ALA A 232 29.38 24.23 -7.57
N ILE A 233 29.13 22.96 -7.29
CA ILE A 233 28.39 22.62 -6.07
C ILE A 233 29.33 22.49 -4.87
N GLY A 234 30.62 22.24 -5.09
CA GLY A 234 31.61 22.27 -4.03
C GLY A 234 31.48 21.20 -2.96
N ILE A 235 31.00 20.01 -3.32
CA ILE A 235 30.92 18.89 -2.39
C ILE A 235 31.88 17.82 -2.90
N PHE A 236 32.43 17.03 -1.97
CA PHE A 236 33.46 16.01 -2.25
C PHE A 236 34.67 16.64 -2.93
N VAL A 237 35.12 17.79 -2.40
CA VAL A 237 36.18 18.56 -3.04
C VAL A 237 37.53 17.84 -3.00
N SER A 238 37.73 16.91 -2.06
CA SER A 238 39.00 16.20 -1.98
C SER A 238 39.08 15.08 -3.01
N THR A 239 37.97 14.71 -3.63
CA THR A 239 37.90 13.55 -4.51
C THR A 239 37.63 13.97 -5.95
N SER A 240 38.19 13.20 -6.89
CA SER A 240 37.88 13.35 -8.30
C SER A 240 36.68 12.48 -8.65
N ILE A 241 36.02 12.82 -9.76
CA ILE A 241 34.65 12.37 -10.01
C ILE A 241 34.60 10.86 -10.26
N GLU A 242 35.59 10.29 -10.96
CA GLU A 242 35.57 8.85 -11.14
C GLU A 242 36.02 8.10 -9.88
N GLU A 243 36.70 8.78 -8.95
CA GLU A 243 36.97 8.16 -7.66
C GLU A 243 35.73 8.13 -6.78
N VAL A 244 34.80 9.05 -6.99
CA VAL A 244 33.50 8.96 -6.33
C VAL A 244 32.76 7.72 -6.79
N PHE A 245 32.74 7.48 -8.10
CA PHE A 245 32.05 6.33 -8.67
C PHE A 245 32.99 5.15 -8.81
N SER A 246 33.48 4.70 -7.65
CA SER A 246 34.32 3.51 -7.57
C SER A 246 34.03 2.80 -6.25
N PHE A 247 34.27 1.49 -6.23
CA PHE A 247 33.99 0.68 -5.04
C PHE A 247 34.74 1.10 -3.76
N PRO A 248 36.03 1.45 -3.78
CA PRO A 248 36.67 1.86 -2.50
C PRO A 248 36.09 3.11 -1.88
N PHE A 249 35.37 3.94 -2.64
CA PHE A 249 34.72 5.08 -2.02
C PHE A 249 33.43 4.71 -1.29
N TYR A 250 32.94 3.47 -1.43
CA TYR A 250 31.84 3.08 -0.58
C TYR A 250 32.28 2.77 0.86
N ASN A 251 33.57 2.91 1.16
CA ASN A 251 34.01 3.01 2.54
C ASN A 251 33.51 4.28 3.23
N GLN A 252 33.09 5.27 2.45
CA GLN A 252 32.28 6.40 2.89
C GLN A 252 30.84 6.17 2.43
N LEU A 253 30.01 7.21 2.53
CA LEU A 253 28.59 7.16 2.17
C LEU A 253 27.84 6.07 2.94
N LEU A 254 28.23 5.89 4.21
CA LEU A 254 27.49 5.02 5.11
C LEU A 254 26.76 5.79 6.20
N THR A 255 27.31 6.91 6.64
CA THR A 255 26.60 7.79 7.55
C THR A 255 25.56 8.59 6.79
N GLN A 256 24.70 9.29 7.55
CA GLN A 256 23.56 9.97 6.95
C GLN A 256 23.98 11.15 6.10
N THR A 257 24.91 11.97 6.61
CA THR A 257 25.26 13.22 5.96
C THR A 257 25.91 12.98 4.61
N GLN A 258 26.77 11.95 4.51
CA GLN A 258 27.43 11.66 3.25
C GLN A 258 26.44 11.18 2.19
N ILE A 259 25.47 10.34 2.60
CA ILE A 259 24.44 9.89 1.68
C ILE A 259 23.56 11.06 1.24
N ASP A 260 23.24 11.96 2.18
CA ASP A 260 22.44 13.13 1.84
C ASP A 260 23.17 14.06 0.88
N LEU A 261 24.48 14.22 1.06
CA LEU A 261 25.23 15.09 0.16
C LEU A 261 25.44 14.44 -1.22
N TYR A 262 25.58 13.12 -1.26
CA TYR A 262 25.59 12.40 -2.54
C TYR A 262 24.26 12.55 -3.27
N ASN A 263 23.14 12.40 -2.55
CA ASN A 263 21.84 12.57 -3.15
C ASN A 263 21.62 14.02 -3.57
N GLN A 264 22.26 14.95 -2.87
CA GLN A 264 22.16 16.37 -3.19
C GLN A 264 22.91 16.68 -4.47
N LEU A 265 24.11 16.10 -4.63
CA LEU A 265 24.85 16.21 -5.87
C LEU A 265 24.10 15.56 -7.02
N LEU A 266 23.33 14.50 -6.72
CA LEU A 266 22.44 13.93 -7.72
C LEU A 266 21.34 14.91 -8.13
N GLY A 267 20.66 15.50 -7.17
CA GLY A 267 19.47 16.29 -7.44
C GLY A 267 19.62 17.80 -7.44
N GLY A 268 20.80 18.33 -7.12
CA GLY A 268 21.01 19.76 -7.14
C GLY A 268 20.44 20.47 -5.92
N ILE A 269 20.75 21.77 -5.85
CA ILE A 269 20.36 22.64 -4.75
C ILE A 269 19.53 23.78 -5.32
N SER A 270 18.53 24.23 -4.55
CA SER A 270 17.72 25.38 -4.92
C SER A 270 17.78 26.42 -3.81
N ARG A 271 17.78 27.70 -4.19
CA ARG A 271 17.56 28.76 -3.20
C ARG A 271 16.07 28.92 -2.96
N GLU A 272 15.69 30.03 -2.32
CA GLU A 272 14.29 30.39 -2.17
C GLU A 272 13.68 30.76 -3.52
N ALA A 273 12.36 30.91 -3.52
CA ALA A 273 11.59 30.95 -4.75
C ALA A 273 11.84 32.22 -5.55
N GLY A 274 11.86 32.07 -6.87
CA GLY A 274 12.08 33.18 -7.79
C GLY A 274 13.51 33.39 -8.23
N THR A 275 14.43 32.52 -7.83
CA THR A 275 15.84 32.64 -8.20
C THR A 275 16.26 31.40 -9.00
N GLU A 276 17.56 31.31 -9.26
CA GLU A 276 18.11 30.24 -10.08
C GLU A 276 18.28 28.97 -9.26
N LYS A 277 18.75 27.91 -9.92
CA LYS A 277 18.95 26.62 -9.29
C LYS A 277 20.11 25.92 -10.00
N ILE A 278 21.10 25.48 -9.22
CA ILE A 278 22.24 24.78 -9.81
C ILE A 278 21.80 23.38 -10.22
N LYS A 279 22.15 23.01 -11.45
CA LYS A 279 21.74 21.71 -11.98
C LYS A 279 22.44 20.58 -11.24
N GLY A 280 21.70 19.49 -11.01
CA GLY A 280 22.25 18.28 -10.45
C GLY A 280 22.99 17.48 -11.49
N LEU A 281 23.44 16.29 -11.07
CA LEU A 281 24.23 15.43 -11.97
C LEU A 281 23.38 14.88 -13.10
N ASN A 282 22.11 14.56 -12.84
CA ASN A 282 21.25 14.04 -13.89
C ASN A 282 20.62 15.14 -14.74
N GLU A 283 20.57 16.37 -14.23
CA GLU A 283 20.06 17.49 -15.01
C GLU A 283 20.93 17.76 -16.23
N VAL A 284 22.25 17.59 -16.10
CA VAL A 284 23.12 17.81 -17.24
C VAL A 284 22.95 16.68 -18.27
N LEU A 285 22.59 15.47 -17.82
CA LEU A 285 22.28 14.40 -18.77
C LEU A 285 20.98 14.68 -19.50
N ASN A 286 19.97 15.20 -18.78
CA ASN A 286 18.72 15.59 -19.42
C ASN A 286 18.94 16.72 -20.41
N LEU A 287 19.81 17.68 -20.07
CA LEU A 287 20.12 18.76 -21.01
C LEU A 287 20.90 18.26 -22.21
N ALA A 288 21.78 17.27 -22.02
CA ALA A 288 22.47 16.67 -23.15
C ALA A 288 21.49 15.96 -24.07
N ILE A 289 20.48 15.31 -23.50
CA ILE A 289 19.39 14.73 -24.30
C ILE A 289 18.64 15.83 -25.04
N GLN A 290 18.40 16.97 -24.37
CA GLN A 290 17.71 18.10 -24.97
C GLN A 290 18.49 18.66 -26.15
N LYS A 291 19.82 18.61 -26.10
CA LYS A 291 20.67 19.14 -27.16
C LYS A 291 20.40 18.46 -28.51
N ASN A 292 20.01 17.18 -28.48
CA ASN A 292 19.48 16.45 -29.64
C ASN A 292 20.49 16.35 -30.78
N ASP A 293 21.78 16.25 -30.43
CA ASP A 293 22.84 16.00 -31.38
C ASP A 293 23.14 14.50 -31.41
N GLU A 294 24.23 14.12 -32.09
CA GLU A 294 24.60 12.71 -32.15
C GLU A 294 25.11 12.20 -30.81
N THR A 295 25.65 13.09 -29.97
CA THR A 295 26.01 12.69 -28.61
C THR A 295 24.77 12.40 -27.78
N ALA A 296 23.68 13.13 -28.03
CA ALA A 296 22.40 12.82 -27.39
C ALA A 296 21.89 11.45 -27.80
N HIS A 297 22.03 11.11 -29.08
CA HIS A 297 21.59 9.81 -29.56
C HIS A 297 22.45 8.68 -29.00
N ILE A 298 23.76 8.89 -28.89
CA ILE A 298 24.61 7.86 -28.32
C ILE A 298 24.47 7.78 -26.80
N ILE A 299 24.00 8.86 -26.15
CA ILE A 299 23.71 8.80 -24.73
C ILE A 299 22.39 8.05 -24.50
N ALA A 300 21.38 8.30 -25.34
CA ALA A 300 20.08 7.68 -25.16
C ALA A 300 20.09 6.20 -25.52
N SER A 301 21.01 5.77 -26.39
CA SER A 301 21.16 4.35 -26.69
C SER A 301 21.68 3.54 -25.52
N LEU A 302 22.29 4.20 -24.55
CA LEU A 302 22.72 3.70 -23.26
C LEU A 302 21.74 4.20 -22.20
N PRO A 303 21.73 3.65 -20.98
CA PRO A 303 20.92 4.29 -19.94
C PRO A 303 21.60 5.44 -19.21
N HIS A 304 20.73 6.30 -18.65
CA HIS A 304 21.19 7.61 -18.21
C HIS A 304 20.58 8.03 -16.88
N ARG A 305 20.17 7.09 -16.04
CA ARG A 305 19.60 7.40 -14.74
C ARG A 305 20.55 6.94 -13.65
N PHE A 306 21.01 7.87 -12.83
CA PHE A 306 21.73 7.56 -11.60
C PHE A 306 20.72 7.53 -10.46
N ILE A 307 20.49 6.36 -9.88
CA ILE A 307 19.48 6.26 -8.83
C ILE A 307 20.07 6.75 -7.51
N PRO A 308 19.39 7.64 -6.81
CA PRO A 308 19.90 8.12 -5.52
C PRO A 308 19.86 7.03 -4.47
N LEU A 309 20.79 7.11 -3.52
CA LEU A 309 20.88 6.12 -2.46
C LEU A 309 19.76 6.31 -1.44
N PHE A 310 19.32 5.19 -0.85
CA PHE A 310 18.27 5.23 0.15
C PHE A 310 18.79 5.85 1.43
N LYS A 311 17.90 6.52 2.17
CA LYS A 311 18.27 7.12 3.44
C LYS A 311 18.56 6.05 4.49
N GLN A 312 19.52 6.35 5.36
CA GLN A 312 19.84 5.44 6.45
C GLN A 312 18.68 5.32 7.42
N ILE A 313 18.76 4.31 8.29
CA ILE A 313 17.58 3.84 9.00
C ILE A 313 17.14 4.84 10.06
N LEU A 314 17.96 5.05 11.07
CA LEU A 314 17.48 5.77 12.25
C LEU A 314 17.76 7.26 12.19
N SER A 315 18.40 7.74 11.13
CA SER A 315 18.87 9.12 11.09
C SER A 315 17.80 10.06 10.53
N ASP A 316 18.13 11.34 10.49
CA ASP A 316 17.25 12.39 9.99
C ASP A 316 17.93 13.14 8.87
N ARG A 317 17.14 13.60 7.90
CA ARG A 317 17.68 14.25 6.71
C ARG A 317 18.25 15.62 7.04
N ASN A 318 19.15 16.08 6.17
CA ASN A 318 19.73 17.42 6.28
C ASN A 318 20.03 17.93 4.88
N THR A 319 19.22 18.88 4.41
CA THR A 319 19.32 19.40 3.07
C THR A 319 19.97 20.78 3.04
N LEU A 320 20.62 21.09 1.93
CA LEU A 320 21.26 22.38 1.69
C LEU A 320 20.36 23.33 0.92
N SER A 321 19.21 22.86 0.45
CA SER A 321 18.25 23.72 -0.21
C SER A 321 17.51 24.57 0.81
N PHE A 322 16.73 25.53 0.32
CA PHE A 322 16.07 26.46 1.20
C PHE A 322 14.84 25.77 1.80
N ILE A 323 14.65 25.95 3.11
CA ILE A 323 13.55 25.37 3.85
C ILE A 323 12.68 26.52 4.34
N LEU A 324 11.43 26.55 3.89
CA LEU A 324 10.54 27.65 4.19
C LEU A 324 10.08 27.61 5.64
N GLU A 325 9.92 28.79 6.23
CA GLU A 325 9.42 28.90 7.59
C GLU A 325 7.97 28.43 7.64
N GLU A 326 7.62 27.71 8.70
CA GLU A 326 6.30 27.12 8.87
C GLU A 326 5.60 27.79 10.05
N PHE A 327 4.38 28.28 9.81
CA PHE A 327 3.57 28.86 10.88
C PHE A 327 3.11 27.77 11.85
N LYS A 328 3.01 28.14 13.12
CA LYS A 328 2.61 27.21 14.16
C LYS A 328 1.34 27.62 14.88
N SER A 329 0.63 28.63 14.39
CA SER A 329 -0.67 29.00 14.94
C SER A 329 -1.47 29.73 13.87
N ASP A 330 -2.78 29.82 14.09
CA ASP A 330 -3.63 30.61 13.21
C ASP A 330 -3.43 32.10 13.41
N GLU A 331 -3.16 32.52 14.65
CA GLU A 331 -3.08 33.94 14.97
C GLU A 331 -1.92 34.63 14.27
N GLU A 332 -0.76 33.96 14.22
CA GLU A 332 0.41 34.58 13.60
C GLU A 332 0.23 34.80 12.11
N VAL A 333 -0.29 33.78 11.40
CA VAL A 333 -0.48 33.92 9.96
C VAL A 333 -1.62 34.89 9.65
N ILE A 334 -2.68 34.88 10.44
CA ILE A 334 -3.78 35.79 10.15
C ILE A 334 -3.40 37.25 10.47
N GLN A 335 -2.57 37.48 11.50
CA GLN A 335 -2.13 38.85 11.78
C GLN A 335 -1.10 39.32 10.77
N SER A 336 -0.22 38.43 10.33
CA SER A 336 0.75 38.79 9.31
C SER A 336 0.08 39.08 7.97
N PHE A 337 -0.99 38.35 7.62
CA PHE A 337 -1.83 38.79 6.49
C PHE A 337 -2.58 40.08 6.78
N CYS A 338 -2.93 40.35 8.04
CA CYS A 338 -3.59 41.62 8.35
C CYS A 338 -2.67 42.80 8.05
N LYS A 339 -1.41 42.71 8.47
CA LYS A 339 -0.45 43.77 8.12
C LYS A 339 -0.10 43.75 6.64
N TYR A 340 -0.12 42.59 5.98
CA TYR A 340 0.18 42.56 4.55
C TYR A 340 -0.92 43.24 3.74
N LYS A 341 -2.18 42.97 4.07
CA LYS A 341 -3.28 43.66 3.40
C LYS A 341 -3.40 45.11 3.84
N THR A 342 -2.91 45.46 5.04
CA THR A 342 -2.78 46.87 5.40
C THR A 342 -1.77 47.58 4.51
N LEU A 343 -0.65 46.90 4.21
CA LEU A 343 0.32 47.44 3.26
C LEU A 343 -0.29 47.60 1.88
N LEU A 344 -1.10 46.62 1.46
CA LEU A 344 -1.85 46.70 0.21
C LEU A 344 -2.77 47.92 0.19
N ARG A 345 -3.56 48.11 1.24
CA ARG A 345 -4.58 49.15 1.21
C ARG A 345 -4.00 50.55 1.40
N ASN A 346 -2.88 50.69 2.12
CA ASN A 346 -2.33 52.04 2.29
C ASN A 346 -1.29 52.40 1.25
N GLU A 347 -0.71 51.42 0.54
CA GLU A 347 0.20 51.73 -0.55
C GLU A 347 -0.54 52.23 -1.79
N ASN A 348 -1.86 52.00 -1.86
CA ASN A 348 -2.72 52.36 -2.98
C ASN A 348 -2.23 51.70 -4.27
N VAL A 349 -2.24 50.37 -4.26
CA VAL A 349 -1.72 49.59 -5.39
C VAL A 349 -2.67 49.65 -6.58
N LEU A 350 -3.97 49.88 -6.33
CA LEU A 350 -4.95 49.77 -7.40
C LEU A 350 -4.82 50.92 -8.40
N GLU A 351 -4.51 52.12 -7.91
CA GLU A 351 -4.32 53.27 -8.81
C GLU A 351 -3.16 53.04 -9.77
N THR A 352 -1.99 52.66 -9.24
CA THR A 352 -0.83 52.47 -10.09
C THR A 352 -0.96 51.22 -10.95
N ALA A 353 -1.66 50.19 -10.48
CA ALA A 353 -1.91 49.02 -11.32
C ALA A 353 -2.83 49.36 -12.48
N GLU A 354 -3.89 50.13 -12.22
CA GLU A 354 -4.77 50.58 -13.30
C GLU A 354 -4.04 51.47 -14.28
N ALA A 355 -3.18 52.37 -13.78
CA ALA A 355 -2.39 53.22 -14.65
C ALA A 355 -1.44 52.39 -15.51
N LEU A 356 -0.79 51.39 -14.92
CA LEU A 356 0.10 50.50 -15.66
C LEU A 356 -0.66 49.74 -16.74
N PHE A 357 -1.89 49.33 -16.46
CA PHE A 357 -2.72 48.69 -17.49
C PHE A 357 -3.10 49.68 -18.58
N ASN A 358 -3.32 50.96 -18.23
CA ASN A 358 -3.67 51.94 -19.23
C ASN A 358 -2.49 52.40 -20.08
N GLU A 359 -1.25 52.18 -19.63
CA GLU A 359 -0.13 52.43 -20.56
C GLU A 359 -0.08 51.45 -21.73
N LEU A 360 -0.80 50.32 -21.65
CA LEU A 360 -0.93 49.46 -22.81
C LEU A 360 -1.71 50.15 -23.93
N ASN A 361 -2.63 51.06 -23.59
CA ASN A 361 -3.38 51.83 -24.57
C ASN A 361 -2.77 53.19 -24.86
N SER A 362 -2.12 53.81 -23.86
CA SER A 362 -1.55 55.15 -24.07
C SER A 362 -0.33 55.10 -24.97
N ILE A 363 0.57 54.14 -24.74
CA ILE A 363 1.75 53.98 -25.57
C ILE A 363 1.52 52.78 -26.49
N ASP A 364 2.26 52.75 -27.59
CA ASP A 364 2.14 51.65 -28.55
C ASP A 364 2.73 50.38 -27.95
N LEU A 365 2.14 49.24 -28.30
CA LEU A 365 2.54 47.96 -27.73
C LEU A 365 3.82 47.40 -28.33
N THR A 366 4.42 48.08 -29.31
CA THR A 366 5.76 47.69 -29.76
C THR A 366 6.81 47.98 -28.69
N HIS A 367 6.54 48.94 -27.81
CA HIS A 367 7.38 49.23 -26.66
C HIS A 367 6.98 48.39 -25.43
N ILE A 368 6.17 47.36 -25.61
CA ILE A 368 5.78 46.45 -24.55
C ILE A 368 6.07 45.04 -25.04
N PHE A 369 7.02 44.37 -24.40
CA PHE A 369 7.39 43.01 -24.76
C PHE A 369 6.86 42.04 -23.73
N ILE A 370 7.08 40.75 -23.99
CA ILE A 370 6.52 39.68 -23.19
C ILE A 370 7.64 38.72 -22.82
N SER A 371 7.41 37.94 -21.77
CA SER A 371 8.37 36.94 -21.31
C SER A 371 8.12 35.65 -22.07
N HIS A 372 9.08 35.23 -22.90
CA HIS A 372 8.91 34.07 -23.75
C HIS A 372 9.01 32.75 -23.00
N LYS A 373 9.50 32.75 -21.75
CA LYS A 373 9.58 31.51 -21.00
C LYS A 373 8.23 31.04 -20.50
N LYS A 374 7.24 31.92 -20.44
CA LYS A 374 5.90 31.56 -19.96
C LYS A 374 4.82 32.18 -20.84
N LEU A 375 5.03 32.19 -22.15
CA LEU A 375 3.99 32.63 -23.08
C LEU A 375 2.89 31.59 -23.24
N GLU A 376 3.11 30.37 -22.74
CA GLU A 376 2.15 29.29 -22.97
C GLU A 376 0.91 29.48 -22.09
N THR A 377 1.08 29.91 -20.85
CA THR A 377 -0.08 30.23 -20.02
C THR A 377 -0.78 31.50 -20.50
N ILE A 378 -0.04 32.42 -21.13
CA ILE A 378 -0.64 33.56 -21.81
C ILE A 378 -1.53 33.12 -22.96
N SER A 379 -1.06 32.16 -23.75
CA SER A 379 -1.87 31.63 -24.84
C SER A 379 -3.08 30.86 -24.30
N SER A 380 -2.92 30.18 -23.17
CA SER A 380 -4.05 29.49 -22.55
C SER A 380 -5.08 30.47 -22.00
N ALA A 381 -4.63 31.58 -21.42
CA ALA A 381 -5.56 32.55 -20.83
C ALA A 381 -6.27 33.38 -21.89
N LEU A 382 -5.53 33.82 -22.92
CA LEU A 382 -6.14 34.69 -23.94
C LEU A 382 -6.91 33.86 -24.96
N CYS A 383 -6.23 32.94 -25.63
CA CYS A 383 -6.86 32.10 -26.63
C CYS A 383 -7.43 30.84 -25.97
N ASP A 384 -8.04 29.98 -26.78
CA ASP A 384 -8.62 28.75 -26.25
C ASP A 384 -7.59 27.69 -25.94
N HIS A 385 -6.51 27.63 -26.71
CA HIS A 385 -5.48 26.60 -26.54
C HIS A 385 -4.11 27.25 -26.45
N TRP A 386 -3.21 26.56 -25.74
CA TRP A 386 -1.88 27.12 -25.47
C TRP A 386 -0.97 27.11 -26.70
N ASP A 387 -1.25 26.28 -27.70
CA ASP A 387 -0.41 26.20 -28.89
C ASP A 387 -0.89 27.10 -30.02
N THR A 388 -2.07 27.71 -29.90
CA THR A 388 -2.65 28.46 -31.01
C THR A 388 -1.85 29.70 -31.34
N LEU A 389 -1.48 30.49 -30.33
CA LEU A 389 -0.72 31.71 -30.57
C LEU A 389 0.69 31.40 -31.06
N ARG A 390 1.29 30.34 -30.53
CA ARG A 390 2.64 29.94 -30.93
C ARG A 390 2.66 29.46 -32.39
N ASN A 391 1.66 28.66 -32.79
CA ASN A 391 1.53 28.27 -34.19
C ASN A 391 1.22 29.47 -35.08
N ALA A 392 0.35 30.38 -34.63
CA ALA A 392 -0.04 31.54 -35.43
C ALA A 392 1.13 32.49 -35.64
N LEU A 393 1.92 32.72 -34.59
CA LEU A 393 3.13 33.53 -34.73
C LEU A 393 4.13 32.87 -35.66
N TYR A 394 4.27 31.55 -35.58
CA TYR A 394 5.21 30.84 -36.45
C TYR A 394 4.81 30.97 -37.92
N GLU A 395 3.53 30.75 -38.23
CA GLU A 395 3.09 30.91 -39.62
C GLU A 395 3.08 32.36 -40.06
N ARG A 396 2.89 33.30 -39.12
CA ARG A 396 2.91 34.72 -39.45
C ARG A 396 4.31 35.17 -39.86
N ARG A 397 5.34 34.73 -39.13
CA ARG A 397 6.70 35.06 -39.55
C ARG A 397 7.19 34.18 -40.70
N ILE A 398 6.53 33.06 -40.98
CA ILE A 398 6.76 32.40 -42.27
C ILE A 398 6.28 33.29 -43.41
N SER A 399 5.08 33.87 -43.26
CA SER A 399 4.45 34.61 -44.35
C SER A 399 5.21 35.89 -44.73
N GLU A 400 6.03 36.43 -43.83
CA GLU A 400 6.78 37.64 -44.11
C GLU A 400 8.25 37.38 -44.44
N LEU A 401 8.62 36.13 -44.69
CA LEU A 401 10.00 35.82 -45.08
C LEU A 401 10.29 36.32 -46.50
N LYS A 407 13.20 24.25 -46.85
CA LYS A 407 12.33 24.38 -45.68
C LYS A 407 13.14 24.81 -44.45
N SER A 408 14.46 24.89 -44.61
CA SER A 408 15.32 25.33 -43.51
C SER A 408 15.04 26.79 -43.14
N ALA A 409 14.82 27.65 -44.14
CA ALA A 409 14.46 29.04 -43.87
C ALA A 409 13.10 29.14 -43.19
N LYS A 410 12.16 28.25 -43.55
CA LYS A 410 10.87 28.24 -42.88
C LYS A 410 11.01 27.76 -41.43
N GLU A 411 11.89 26.81 -41.18
CA GLU A 411 12.12 26.31 -39.82
C GLU A 411 13.02 27.23 -39.00
N LYS A 412 13.66 28.22 -39.64
CA LYS A 412 14.40 29.23 -38.87
C LYS A 412 13.46 30.03 -37.97
N VAL A 413 12.20 30.22 -38.40
CA VAL A 413 11.21 30.92 -37.60
C VAL A 413 10.94 30.17 -36.29
N GLN A 414 10.73 28.85 -36.38
CA GLN A 414 10.51 28.08 -35.17
C GLN A 414 11.80 27.86 -34.38
N ARG A 415 12.96 27.96 -35.04
CA ARG A 415 14.22 27.88 -34.31
C ARG A 415 14.43 29.12 -33.46
N SER A 416 14.02 30.28 -33.96
CA SER A 416 14.32 31.54 -33.28
C SER A 416 13.29 31.94 -32.23
N LEU A 417 12.10 31.35 -32.25
CA LEU A 417 10.98 31.90 -31.48
C LEU A 417 11.01 31.55 -30.00
N LYS A 418 11.76 30.53 -29.59
CA LYS A 418 11.80 30.10 -28.20
C LYS A 418 13.01 30.60 -27.43
N HIS A 419 13.71 31.62 -27.93
CA HIS A 419 14.83 32.17 -27.17
C HIS A 419 14.92 33.69 -27.30
N GLU A 420 13.80 34.36 -27.54
CA GLU A 420 13.79 35.82 -27.59
C GLU A 420 12.42 36.34 -27.18
N ASP A 421 12.40 37.56 -26.65
CA ASP A 421 11.15 38.22 -26.31
C ASP A 421 10.49 38.78 -27.56
N ILE A 422 9.15 38.74 -27.58
CA ILE A 422 8.37 39.18 -28.72
C ILE A 422 7.39 40.26 -28.27
N ASN A 423 7.27 41.30 -29.07
CA ASN A 423 6.36 42.40 -28.77
C ASN A 423 4.90 41.95 -28.90
N LEU A 424 4.03 42.64 -28.17
CA LEU A 424 2.61 42.29 -28.17
C LEU A 424 1.93 42.66 -29.49
N GLN A 425 2.44 43.70 -30.17
CA GLN A 425 1.87 44.11 -31.46
C GLN A 425 2.04 43.02 -32.51
N GLU A 426 3.17 42.31 -32.49
CA GLU A 426 3.38 41.20 -33.42
C GLU A 426 2.41 40.06 -33.13
N ILE A 427 2.13 39.81 -31.85
CA ILE A 427 1.15 38.78 -31.48
C ILE A 427 -0.24 39.18 -31.95
N ILE A 428 -0.60 40.45 -31.80
CA ILE A 428 -1.90 40.94 -32.27
C ILE A 428 -2.01 40.82 -33.78
N SER A 429 -0.95 41.18 -34.50
CA SER A 429 -0.94 41.03 -35.95
C SER A 429 -1.00 39.57 -36.38
N ALA A 430 -0.41 38.67 -35.59
CA ALA A 430 -0.42 37.25 -35.93
C ALA A 430 -1.78 36.61 -35.70
N ALA A 431 -2.43 36.95 -34.59
CA ALA A 431 -3.62 36.21 -34.16
C ALA A 431 -4.89 37.06 -34.06
N GLY A 432 -4.84 38.32 -34.47
CA GLY A 432 -6.04 39.12 -34.58
C GLY A 432 -6.11 40.22 -33.51
N LYS A 433 -7.14 41.06 -33.68
CA LYS A 433 -7.34 42.21 -32.80
C LYS A 433 -8.01 41.84 -31.49
N GLU A 434 -8.74 40.72 -31.45
CA GLU A 434 -9.54 40.35 -30.29
C GLU A 434 -8.70 40.09 -29.04
N LEU A 435 -7.41 39.80 -29.19
CA LEU A 435 -6.57 39.62 -28.02
C LEU A 435 -6.32 40.93 -27.27
N SER A 436 -6.45 42.08 -27.93
CA SER A 436 -6.33 43.35 -27.20
C SER A 436 -7.48 43.54 -26.22
N GLU A 437 -8.71 43.33 -26.67
CA GLU A 437 -9.84 43.44 -25.76
C GLU A 437 -9.87 42.28 -24.76
N ALA A 438 -9.40 41.10 -25.16
CA ALA A 438 -9.25 40.01 -24.20
C ALA A 438 -8.24 40.34 -23.11
N PHE A 439 -7.13 40.98 -23.48
CA PHE A 439 -6.12 41.39 -22.52
C PHE A 439 -6.66 42.46 -21.57
N LYS A 440 -7.37 43.45 -22.11
CA LYS A 440 -7.90 44.50 -21.23
C LYS A 440 -9.00 43.96 -20.31
N GLN A 441 -9.82 43.03 -20.79
CA GLN A 441 -10.82 42.45 -19.91
C GLN A 441 -10.19 41.49 -18.89
N LYS A 442 -9.06 40.86 -19.23
CA LYS A 442 -8.35 40.03 -18.26
C LYS A 442 -7.74 40.89 -17.17
N THR A 443 -7.14 42.02 -17.53
CA THR A 443 -6.63 42.96 -16.53
C THR A 443 -7.77 43.52 -15.68
N SER A 444 -8.93 43.79 -16.31
CA SER A 444 -10.09 44.28 -15.58
C SER A 444 -10.59 43.25 -14.58
N GLU A 445 -10.66 41.98 -14.96
CA GLU A 445 -11.13 40.97 -14.03
C GLU A 445 -10.11 40.67 -12.94
N ILE A 446 -8.80 40.76 -13.23
CA ILE A 446 -7.80 40.56 -12.21
C ILE A 446 -7.85 41.70 -11.19
N LEU A 447 -7.99 42.94 -11.66
CA LEU A 447 -8.15 44.06 -10.73
C LEU A 447 -9.48 43.97 -9.99
N SER A 448 -10.50 43.36 -10.60
CA SER A 448 -11.76 43.13 -9.90
C SER A 448 -11.59 42.15 -8.75
N HIS A 449 -10.86 41.04 -8.98
CA HIS A 449 -10.58 40.11 -7.88
C HIS A 449 -9.69 40.76 -6.81
N ALA A 450 -8.74 41.60 -7.23
CA ALA A 450 -7.90 42.29 -6.25
C ALA A 450 -8.71 43.27 -5.41
N HIS A 451 -9.64 44.00 -6.04
CA HIS A 451 -10.48 44.92 -5.31
C HIS A 451 -11.47 44.19 -4.40
N ALA A 452 -11.95 43.02 -4.83
CA ALA A 452 -12.79 42.20 -3.96
C ALA A 452 -12.00 41.67 -2.77
N ALA A 453 -10.72 41.33 -2.98
CA ALA A 453 -9.85 40.90 -1.89
C ALA A 453 -9.62 42.03 -0.90
N LEU A 454 -9.40 43.25 -1.40
CA LEU A 454 -9.26 44.39 -0.51
C LEU A 454 -10.57 44.72 0.20
N ASP A 455 -11.71 44.51 -0.45
CA ASP A 455 -13.00 44.76 0.17
C ASP A 455 -13.36 43.68 1.18
N GLN A 456 -12.92 42.45 0.96
CA GLN A 456 -13.24 41.36 1.88
C GLN A 456 -12.42 41.51 3.15
N PRO A 457 -13.05 41.63 4.31
CA PRO A 457 -12.30 41.82 5.55
C PRO A 457 -11.65 40.53 6.03
N LEU A 458 -10.73 40.69 6.98
CA LEU A 458 -10.08 39.54 7.58
C LEU A 458 -11.07 38.78 8.47
N PRO A 459 -10.93 37.46 8.57
CA PRO A 459 -11.80 36.70 9.46
C PRO A 459 -11.29 36.68 10.90
N THR A 460 -11.97 35.94 11.77
CA THR A 460 -11.56 35.82 13.17
C THR A 460 -10.96 34.47 13.53
N THR A 461 -11.23 33.43 12.76
CA THR A 461 -10.76 32.09 13.07
C THR A 461 -10.63 31.30 11.79
N LEU A 462 -10.42 29.98 11.93
CA LEU A 462 -10.21 29.10 10.79
C LEU A 462 -11.04 27.82 10.84
N LYS A 463 -11.82 27.62 11.90
CA LYS A 463 -12.50 26.33 12.11
C LYS A 463 -13.53 26.05 11.04
N LYS A 464 -14.32 27.06 10.66
CA LYS A 464 -15.29 26.88 9.60
C LYS A 464 -14.60 26.85 8.24
N GLN A 465 -15.17 26.07 7.31
CA GLN A 465 -14.54 25.89 6.01
C GLN A 465 -14.65 27.13 5.14
N GLU A 466 -15.69 27.94 5.34
CA GLU A 466 -15.89 29.13 4.51
C GLU A 466 -14.80 30.18 4.75
N GLU A 467 -14.25 30.24 5.97
CA GLU A 467 -13.15 31.15 6.23
C GLU A 467 -11.90 30.76 5.45
N LYS A 468 -11.60 29.45 5.40
CA LYS A 468 -10.51 28.97 4.58
C LYS A 468 -10.78 29.20 3.10
N GLU A 469 -12.05 29.07 2.68
CA GLU A 469 -12.42 29.34 1.29
C GLU A 469 -12.19 30.79 0.91
N ILE A 470 -12.59 31.73 1.77
CA ILE A 470 -12.43 33.14 1.41
C ILE A 470 -10.97 33.59 1.50
N LEU A 471 -10.19 33.05 2.45
CA LEU A 471 -8.77 33.38 2.47
C LEU A 471 -8.06 32.77 1.27
N LYS A 472 -8.47 31.56 0.86
CA LYS A 472 -7.98 30.97 -0.37
C LYS A 472 -8.30 31.84 -1.57
N SER A 473 -9.52 32.37 -1.64
CA SER A 473 -9.96 33.15 -2.80
C SER A 473 -9.19 34.46 -2.92
N GLN A 474 -9.03 35.19 -1.81
CA GLN A 474 -8.22 36.41 -1.88
C GLN A 474 -6.76 36.08 -2.17
N LEU A 475 -6.30 34.90 -1.74
CA LEU A 475 -4.93 34.50 -2.05
C LEU A 475 -4.76 34.18 -3.52
N ASP A 476 -5.78 33.56 -4.16
CA ASP A 476 -5.69 33.37 -5.62
C ASP A 476 -5.75 34.69 -6.35
N SER A 477 -6.52 35.66 -5.85
CA SER A 477 -6.53 36.99 -6.45
C SER A 477 -5.13 37.62 -6.40
N LEU A 478 -4.47 37.54 -5.25
CA LEU A 478 -3.15 38.13 -5.09
C LEU A 478 -2.11 37.41 -5.97
N LEU A 479 -2.12 36.07 -5.99
CA LEU A 479 -1.14 35.37 -6.80
C LEU A 479 -1.42 35.54 -8.29
N GLY A 480 -2.69 35.63 -8.70
CA GLY A 480 -3.00 35.89 -10.09
C GLY A 480 -2.54 37.27 -10.53
N LEU A 481 -2.68 38.28 -9.66
CA LEU A 481 -2.10 39.58 -9.96
C LEU A 481 -0.57 39.49 -10.06
N TYR A 482 0.04 38.66 -9.20
CA TYR A 482 1.49 38.50 -9.24
C TYR A 482 1.95 37.88 -10.55
N HIS A 483 1.26 36.83 -11.02
CA HIS A 483 1.63 36.30 -12.34
C HIS A 483 1.32 37.29 -13.45
N LEU A 484 0.22 38.04 -13.35
CA LEU A 484 -0.13 39.01 -14.37
C LEU A 484 0.97 40.07 -14.52
N LEU A 485 1.66 40.39 -13.42
CA LEU A 485 2.85 41.21 -13.55
C LEU A 485 3.98 40.50 -14.28
N ASP A 486 4.00 39.16 -14.27
CA ASP A 486 5.11 38.39 -14.80
C ASP A 486 4.92 37.95 -16.26
N TRP A 487 3.76 38.23 -16.86
CA TRP A 487 3.63 38.15 -18.32
C TRP A 487 4.68 39.00 -19.03
N PHE A 488 4.80 40.27 -18.64
CA PHE A 488 5.73 41.18 -19.31
C PHE A 488 7.16 40.89 -18.89
N ALA A 489 8.09 41.13 -19.82
CA ALA A 489 9.50 40.95 -19.56
C ALA A 489 10.03 42.04 -18.63
N VAL A 490 11.02 41.69 -17.82
CA VAL A 490 11.57 42.60 -16.82
C VAL A 490 12.75 43.39 -17.35
N ASP A 491 13.63 42.74 -18.10
CA ASP A 491 14.86 43.38 -18.55
C ASP A 491 14.58 44.39 -19.66
N GLU A 492 15.53 45.31 -19.85
CA GLU A 492 15.43 46.36 -20.85
C GLU A 492 16.46 46.18 -21.97
N SER A 493 16.87 44.93 -22.22
CA SER A 493 17.79 44.67 -23.33
C SER A 493 17.11 44.92 -24.68
N ASN A 494 15.82 44.66 -24.78
CA ASN A 494 15.04 44.95 -25.97
C ASN A 494 14.52 46.40 -25.90
N GLU A 495 13.55 46.73 -26.75
CA GLU A 495 13.12 48.11 -26.95
C GLU A 495 11.90 48.49 -26.11
N VAL A 496 11.76 47.94 -24.90
CA VAL A 496 10.66 48.34 -24.03
C VAL A 496 10.88 49.77 -23.53
N ASP A 497 9.79 50.40 -23.11
CA ASP A 497 9.85 51.70 -22.48
C ASP A 497 10.51 51.56 -21.11
N PRO A 498 11.57 52.33 -20.81
CA PRO A 498 12.20 52.24 -19.49
C PRO A 498 11.29 52.58 -18.33
N GLU A 499 10.37 53.53 -18.51
CA GLU A 499 9.41 53.84 -17.44
C GLU A 499 8.46 52.67 -17.22
N PHE A 500 7.99 52.04 -18.29
CA PHE A 500 7.13 50.87 -18.19
C PHE A 500 7.83 49.72 -17.47
N SER A 501 9.07 49.44 -17.85
CA SER A 501 9.82 48.35 -17.23
C SER A 501 10.13 48.64 -15.77
N ALA A 502 10.51 49.90 -15.46
CA ALA A 502 10.78 50.28 -14.08
C ALA A 502 9.54 50.19 -13.21
N ARG A 503 8.39 50.63 -13.74
CA ARG A 503 7.14 50.56 -12.99
C ARG A 503 6.71 49.11 -12.74
N LEU A 504 6.83 48.25 -13.76
CA LEU A 504 6.45 46.85 -13.56
C LEU A 504 7.42 46.15 -12.62
N THR A 505 8.70 46.50 -12.69
CA THR A 505 9.68 45.91 -11.76
C THR A 505 9.39 46.33 -10.33
N GLY A 506 9.10 47.62 -10.11
CA GLY A 506 8.78 48.08 -8.77
C GLY A 506 7.52 47.43 -8.22
N ILE A 507 6.46 47.39 -9.04
CA ILE A 507 5.21 46.80 -8.59
C ILE A 507 5.30 45.29 -8.46
N LYS A 508 6.28 44.64 -9.10
CA LYS A 508 6.42 43.20 -8.95
C LYS A 508 7.31 42.81 -7.77
N LEU A 509 8.26 43.66 -7.38
CA LEU A 509 8.92 43.43 -6.10
C LEU A 509 8.17 44.00 -4.91
N GLU A 510 7.10 44.77 -5.12
CA GLU A 510 6.17 44.98 -4.01
C GLU A 510 5.27 43.78 -3.78
N MET A 511 4.99 43.00 -4.83
CA MET A 511 4.13 41.82 -4.72
C MET A 511 4.92 40.52 -4.62
N GLU A 512 6.24 40.59 -4.49
CA GLU A 512 7.05 39.38 -4.38
C GLU A 512 6.76 38.54 -3.13
N PRO A 513 6.62 39.09 -1.90
CA PRO A 513 6.35 38.20 -0.75
C PRO A 513 4.98 37.52 -0.77
N SER A 514 4.06 37.92 -1.65
CA SER A 514 2.74 37.32 -1.68
C SER A 514 2.79 35.85 -2.12
N LEU A 515 3.70 35.50 -3.01
CA LEU A 515 3.86 34.10 -3.40
C LEU A 515 4.35 33.25 -2.23
N SER A 516 5.34 33.75 -1.49
CA SER A 516 5.82 33.02 -0.31
C SER A 516 4.74 32.94 0.75
N PHE A 517 3.92 33.99 0.87
CA PHE A 517 2.79 33.96 1.79
C PHE A 517 1.77 32.89 1.40
N TYR A 518 1.48 32.77 0.11
CA TYR A 518 0.61 31.70 -0.36
C TYR A 518 1.20 30.33 -0.06
N ASN A 519 2.53 30.19 -0.20
CA ASN A 519 3.18 28.92 0.12
C ASN A 519 3.05 28.59 1.60
N LYS A 520 3.25 29.56 2.49
CA LYS A 520 3.15 29.27 3.92
C LYS A 520 1.70 29.02 4.35
N ALA A 521 0.75 29.76 3.78
CA ALA A 521 -0.66 29.52 4.08
C ALA A 521 -1.10 28.15 3.59
N ARG A 522 -0.57 27.72 2.45
CA ARG A 522 -0.78 26.35 1.97
C ARG A 522 -0.17 25.34 2.94
N ASN A 523 1.02 25.62 3.45
CA ASN A 523 1.69 24.68 4.35
C ASN A 523 0.94 24.54 5.67
N TYR A 524 0.28 25.60 6.13
CA TYR A 524 -0.38 25.48 7.42
C TYR A 524 -1.83 25.02 7.29
N ALA A 525 -2.57 25.53 6.28
CA ALA A 525 -4.01 25.29 6.22
C ALA A 525 -4.35 23.87 5.77
N THR A 526 -3.40 23.14 5.19
CA THR A 526 -3.66 21.80 4.68
C THR A 526 -3.51 20.74 5.79
N LYS A 527 -2.91 21.10 6.92
CA LYS A 527 -2.63 20.17 8.01
C LYS A 527 -3.91 19.63 8.64
N LYS A 528 -3.76 18.50 9.34
CA LYS A 528 -4.90 17.83 9.95
C LYS A 528 -5.48 18.67 11.09
N PRO A 529 -6.79 18.63 11.28
CA PRO A 529 -7.41 19.37 12.38
C PRO A 529 -7.10 18.72 13.72
N TYR A 530 -7.39 19.48 14.79
CA TYR A 530 -7.17 18.99 16.14
C TYR A 530 -8.15 17.88 16.49
N SER A 531 -7.62 16.81 17.09
CA SER A 531 -8.45 15.71 17.55
C SER A 531 -7.77 15.06 18.75
N VAL A 532 -8.56 14.32 19.52
CA VAL A 532 -8.08 13.64 20.72
C VAL A 532 -8.37 12.15 20.58
N GLU A 533 -7.36 11.33 20.85
CA GLU A 533 -7.44 9.88 20.70
C GLU A 533 -7.13 9.20 22.02
N LYS A 534 -7.15 7.87 21.97
CA LYS A 534 -6.92 7.03 23.13
C LYS A 534 -5.44 6.94 23.49
N PHE A 535 -5.18 6.48 24.71
CA PHE A 535 -3.82 6.31 25.22
C PHE A 535 -3.80 5.17 26.23
N LYS A 536 -2.62 4.60 26.42
CA LYS A 536 -2.47 3.45 27.32
C LYS A 536 -2.68 3.84 28.77
N LEU A 537 -3.26 2.92 29.53
CA LEU A 537 -3.46 3.08 30.96
C LEU A 537 -2.58 2.09 31.72
N ASN A 538 -2.07 2.52 32.87
CA ASN A 538 -1.17 1.66 33.63
C ASN A 538 -1.55 1.53 35.09
N PHE A 539 -2.20 2.57 35.67
CA PHE A 539 -2.47 2.66 37.11
C PHE A 539 -1.20 2.47 37.94
N GLN A 540 -0.11 3.11 37.49
CA GLN A 540 1.21 3.04 38.13
C GLN A 540 1.71 1.61 38.27
N MET A 541 1.44 0.78 37.27
CA MET A 541 1.90 -0.60 37.26
C MET A 541 2.90 -0.78 36.12
N PRO A 542 4.15 -1.15 36.40
CA PRO A 542 5.13 -1.25 35.31
C PRO A 542 4.87 -2.39 34.34
N THR A 543 4.28 -3.48 34.80
CA THR A 543 4.08 -4.68 33.98
C THR A 543 2.62 -5.10 34.01
N LEU A 544 1.72 -4.13 33.79
CA LEU A 544 0.29 -4.39 33.87
C LEU A 544 -0.17 -5.29 32.72
N ALA A 545 -0.90 -6.36 33.10
CA ALA A 545 -1.58 -7.27 32.18
C ALA A 545 -0.63 -7.97 31.21
N SER A 546 0.65 -8.10 31.56
CA SER A 546 1.60 -8.73 30.66
C SER A 546 1.55 -10.25 30.71
N GLY A 547 0.76 -10.82 31.62
CA GLY A 547 0.62 -12.27 31.74
C GLY A 547 -0.40 -12.60 32.80
N TRP A 548 -1.18 -13.66 32.61
CA TRP A 548 -2.26 -13.99 33.51
C TRP A 548 -1.91 -15.09 34.49
N ASP A 549 -0.65 -15.54 34.52
CA ASP A 549 -0.25 -16.73 35.26
C ASP A 549 -0.50 -16.55 36.76
N VAL A 550 -0.78 -17.66 37.43
CA VAL A 550 -1.17 -17.63 38.84
C VAL A 550 -0.01 -17.19 39.72
N ASN A 551 1.23 -17.47 39.32
CA ASN A 551 2.37 -16.96 40.07
C ASN A 551 2.61 -15.49 39.80
N LYS A 552 2.33 -15.04 38.58
CA LYS A 552 2.65 -13.68 38.16
C LYS A 552 1.46 -12.73 38.25
N GLU A 553 0.29 -13.18 38.68
CA GLU A 553 -0.87 -12.30 38.69
C GLU A 553 -0.84 -11.28 39.83
N LYS A 554 0.09 -11.42 40.77
CA LYS A 554 0.18 -10.45 41.86
C LYS A 554 0.68 -9.10 41.37
N ASN A 555 1.76 -9.11 40.59
CA ASN A 555 2.36 -7.88 40.07
C ASN A 555 1.93 -7.54 38.65
N ASN A 556 1.44 -8.51 37.88
CA ASN A 556 0.79 -8.17 36.61
C ASN A 556 -0.58 -7.56 36.85
N GLY A 557 -1.34 -8.10 37.80
CA GLY A 557 -2.55 -7.46 38.25
C GLY A 557 -3.75 -7.59 37.36
N ALA A 558 -3.79 -8.57 36.47
CA ALA A 558 -4.92 -8.75 35.55
C ALA A 558 -5.46 -10.16 35.66
N ILE A 559 -6.73 -10.28 36.03
CA ILE A 559 -7.44 -11.55 36.09
C ILE A 559 -8.85 -11.34 35.54
N LEU A 560 -9.45 -12.42 35.06
CA LEU A 560 -10.80 -12.37 34.50
C LEU A 560 -11.77 -13.16 35.36
N PHE A 561 -13.03 -12.75 35.30
CA PHE A 561 -14.14 -13.45 35.92
C PHE A 561 -15.19 -13.79 34.86
N VAL A 562 -15.90 -14.88 35.09
CA VAL A 562 -17.06 -15.26 34.28
C VAL A 562 -18.27 -15.32 35.19
N LYS A 563 -19.31 -14.55 34.86
CA LYS A 563 -20.50 -14.43 35.72
C LYS A 563 -21.73 -14.59 34.84
N ASN A 564 -22.28 -15.81 34.83
CA ASN A 564 -23.45 -16.24 34.05
C ASN A 564 -23.46 -15.68 32.63
N GLY A 565 -22.38 -15.94 31.91
CA GLY A 565 -22.25 -15.51 30.53
C GLY A 565 -21.68 -14.12 30.33
N LEU A 566 -21.43 -13.37 31.39
CA LEU A 566 -20.84 -12.05 31.31
C LEU A 566 -19.39 -12.11 31.80
N TYR A 567 -18.48 -11.63 30.98
CA TYR A 567 -17.05 -11.68 31.26
C TYR A 567 -16.60 -10.37 31.88
N TYR A 568 -15.81 -10.46 32.96
CA TYR A 568 -15.38 -9.30 33.72
C TYR A 568 -13.86 -9.25 33.77
N LEU A 569 -13.33 -8.03 33.91
CA LEU A 569 -11.91 -7.80 34.09
C LEU A 569 -11.63 -7.37 35.52
N GLY A 570 -10.61 -7.97 36.13
CA GLY A 570 -10.21 -7.61 37.47
C GLY A 570 -8.81 -7.03 37.51
N ILE A 571 -8.71 -5.75 37.85
CA ILE A 571 -7.42 -5.07 38.00
C ILE A 571 -7.29 -4.68 39.46
N MET A 572 -6.47 -5.41 40.20
CA MET A 572 -6.15 -5.01 41.56
C MET A 572 -4.94 -4.09 41.55
N PRO A 573 -5.04 -2.88 42.07
CA PRO A 573 -3.95 -1.92 41.96
C PRO A 573 -2.92 -2.08 43.09
N LYS A 574 -1.80 -1.39 42.92
CA LYS A 574 -0.75 -1.35 43.92
C LYS A 574 -1.20 -0.40 45.02
N GLN A 575 -1.76 -0.96 46.10
CA GLN A 575 -2.37 -0.16 47.14
C GLN A 575 -1.31 0.43 48.06
N LYS A 576 -1.33 1.75 48.23
CA LYS A 576 -0.42 2.51 49.09
C LYS A 576 1.05 2.29 48.72
N GLY A 577 1.31 2.06 47.43
CA GLY A 577 2.66 1.75 47.01
C GLY A 577 3.14 0.36 47.34
N ARG A 578 2.23 -0.54 47.69
CA ARG A 578 2.57 -1.92 48.02
C ARG A 578 1.62 -2.88 47.30
N TYR A 579 2.14 -4.05 46.96
CA TYR A 579 1.32 -5.11 46.37
C TYR A 579 0.65 -5.90 47.48
N LYS A 580 -0.57 -5.50 47.82
CA LYS A 580 -1.34 -6.22 48.83
C LYS A 580 -1.73 -7.60 48.30
N ALA A 581 -1.45 -8.64 49.09
CA ALA A 581 -1.73 -10.01 48.68
C ALA A 581 -3.22 -10.27 48.81
N LEU A 582 -3.96 -9.82 47.80
CA LEU A 582 -5.40 -10.03 47.74
C LEU A 582 -5.66 -11.41 47.13
N SER A 583 -6.08 -12.35 47.96
CA SER A 583 -6.33 -13.71 47.52
C SER A 583 -7.76 -14.10 47.87
N PHE A 584 -8.32 -15.00 47.06
CA PHE A 584 -9.68 -15.47 47.23
C PHE A 584 -9.66 -16.97 47.46
N GLU A 585 -10.40 -17.43 48.47
CA GLU A 585 -10.51 -18.87 48.62
C GLU A 585 -11.55 -19.41 47.64
N PRO A 586 -11.29 -20.55 47.01
CA PRO A 586 -12.25 -21.11 46.04
C PRO A 586 -13.40 -21.81 46.76
N THR A 587 -14.58 -21.19 46.70
CA THR A 587 -15.78 -21.81 47.26
C THR A 587 -16.34 -22.83 46.29
N GLU A 588 -17.36 -23.56 46.74
CA GLU A 588 -17.96 -24.61 45.92
C GLU A 588 -18.79 -24.00 44.79
N LYS A 589 -18.95 -24.79 43.73
CA LYS A 589 -19.65 -24.32 42.53
C LYS A 589 -21.13 -24.08 42.79
N THR A 590 -21.71 -24.76 43.79
CA THR A 590 -23.10 -24.53 44.15
C THR A 590 -23.32 -23.13 44.71
N SER A 591 -22.33 -22.62 45.44
CA SER A 591 -22.43 -21.26 45.96
C SER A 591 -22.33 -20.25 44.84
N GLU A 592 -23.15 -19.21 44.92
CA GLU A 592 -23.19 -18.18 43.88
C GLU A 592 -21.94 -17.30 43.94
N GLY A 593 -21.63 -16.68 42.81
CA GLY A 593 -20.53 -15.75 42.75
C GLY A 593 -19.84 -15.81 41.40
N PHE A 594 -18.61 -15.30 41.38
CA PHE A 594 -17.83 -15.18 40.16
C PHE A 594 -16.96 -16.43 39.94
N ASP A 595 -16.55 -16.63 38.70
CA ASP A 595 -15.68 -17.73 38.31
C ASP A 595 -14.33 -17.14 37.90
N LYS A 596 -13.36 -17.19 38.79
CA LYS A 596 -12.04 -16.62 38.51
C LYS A 596 -11.21 -17.60 37.71
N MET A 597 -10.56 -17.09 36.66
CA MET A 597 -9.72 -17.92 35.80
C MET A 597 -8.40 -18.21 36.48
N TYR A 598 -7.87 -19.41 36.25
CA TYR A 598 -6.58 -19.83 36.80
C TYR A 598 -5.65 -20.22 35.64
N TYR A 599 -4.95 -19.22 35.11
CA TYR A 599 -3.94 -19.45 34.09
C TYR A 599 -2.75 -20.21 34.65
N ASP A 600 -2.18 -21.10 33.83
CA ASP A 600 -1.05 -21.93 34.25
C ASP A 600 -0.20 -22.18 33.01
N TYR A 601 0.85 -21.38 32.85
CA TYR A 601 1.62 -21.36 31.61
C TYR A 601 3.10 -21.46 31.87
N PHE A 602 3.77 -22.35 31.14
CA PHE A 602 5.22 -22.32 30.98
C PHE A 602 5.50 -21.90 29.54
N PRO A 603 6.09 -20.70 29.31
CA PRO A 603 6.01 -20.05 27.99
C PRO A 603 6.54 -20.84 26.80
N ASP A 604 7.79 -21.28 26.84
CA ASP A 604 8.35 -21.98 25.70
C ASP A 604 9.36 -23.01 26.19
N ALA A 605 9.28 -24.22 25.63
CA ALA A 605 10.19 -25.29 26.02
C ALA A 605 11.60 -25.00 25.57
N ALA A 606 11.78 -24.54 24.34
CA ALA A 606 13.12 -24.26 23.84
C ALA A 606 13.74 -23.05 24.52
N LYS A 607 12.93 -22.09 24.94
CA LYS A 607 13.44 -20.82 25.44
C LYS A 607 13.93 -20.93 26.88
N MET A 608 13.12 -21.48 27.79
CA MET A 608 13.45 -21.44 29.21
C MET A 608 13.85 -22.79 29.81
N ILE A 609 14.01 -23.82 29.01
CA ILE A 609 14.63 -25.03 29.57
C ILE A 609 16.13 -24.86 29.79
N PRO A 610 16.90 -24.00 29.03
CA PRO A 610 18.24 -23.68 29.55
C PRO A 610 18.27 -22.43 30.44
N LYS A 611 17.22 -21.60 30.38
CA LYS A 611 17.18 -20.40 31.21
C LYS A 611 16.95 -20.72 32.68
N CYS A 612 16.42 -21.90 32.98
CA CYS A 612 16.18 -22.31 34.35
C CYS A 612 17.09 -23.44 34.82
N SER A 613 17.79 -24.10 33.90
CA SER A 613 18.65 -25.23 34.26
C SER A 613 20.10 -25.02 33.89
N THR A 614 20.38 -24.58 32.67
CA THR A 614 21.74 -24.61 32.13
C THR A 614 22.40 -23.24 32.11
N GLN A 615 21.67 -22.17 31.79
CA GLN A 615 22.25 -20.84 31.67
C GLN A 615 22.01 -19.97 32.90
N LEU A 616 22.02 -20.55 34.10
CA LEU A 616 22.06 -19.74 35.30
C LEU A 616 23.49 -19.27 35.54
N LYS A 617 23.63 -18.23 36.37
CA LYS A 617 24.97 -17.75 36.69
C LYS A 617 25.72 -18.70 37.61
N ALA A 618 25.02 -19.37 38.52
CA ALA A 618 25.69 -20.26 39.47
C ALA A 618 26.32 -21.45 38.74
N VAL A 619 25.59 -22.06 37.81
CA VAL A 619 26.10 -23.23 37.10
C VAL A 619 27.23 -22.84 36.15
N THR A 620 27.13 -21.70 35.48
CA THR A 620 28.22 -21.31 34.57
C THR A 620 29.44 -20.84 35.34
N ALA A 621 29.26 -20.32 36.56
CA ALA A 621 30.40 -19.98 37.39
C ALA A 621 31.07 -21.24 37.93
N HIS A 622 30.27 -22.24 38.29
CA HIS A 622 30.80 -23.52 38.76
C HIS A 622 31.51 -24.28 37.65
N PHE A 623 31.06 -24.11 36.40
CA PHE A 623 31.49 -24.98 35.32
C PHE A 623 32.78 -24.53 34.64
N GLN A 624 33.12 -23.24 34.70
CA GLN A 624 34.33 -22.78 34.03
C GLN A 624 35.60 -23.05 34.84
N THR A 625 35.48 -23.59 36.05
CA THR A 625 36.63 -23.97 36.87
C THR A 625 36.89 -25.47 36.85
N HIS A 626 35.89 -26.28 37.20
CA HIS A 626 36.05 -27.72 37.26
C HIS A 626 34.88 -28.41 36.56
N THR A 627 35.10 -29.69 36.23
CA THR A 627 34.16 -30.47 35.44
C THR A 627 33.25 -31.35 36.29
N THR A 628 33.27 -31.20 37.61
CA THR A 628 32.37 -31.98 38.46
C THR A 628 30.94 -31.49 38.28
N PRO A 629 29.98 -32.40 38.09
CA PRO A 629 28.59 -31.98 37.87
C PRO A 629 27.99 -31.29 39.09
N ILE A 630 26.99 -30.45 38.82
CA ILE A 630 26.39 -29.58 39.81
C ILE A 630 24.96 -30.04 40.08
N LEU A 631 24.57 -30.02 41.35
CA LEU A 631 23.23 -30.40 41.77
C LEU A 631 22.45 -29.14 42.15
N LEU A 632 21.25 -29.01 41.59
CA LEU A 632 20.43 -27.81 41.75
C LEU A 632 19.22 -28.14 42.60
N SER A 633 19.06 -27.43 43.71
CA SER A 633 18.05 -27.76 44.70
C SER A 633 16.87 -26.80 44.72
N ASN A 634 17.11 -25.50 44.63
CA ASN A 634 16.02 -24.53 44.69
C ASN A 634 15.16 -24.59 43.44
N ASN A 635 13.84 -24.45 43.64
CA ASN A 635 12.82 -24.63 42.60
C ASN A 635 12.95 -26.00 41.93
N PHE A 636 13.20 -27.02 42.74
CA PHE A 636 13.30 -28.40 42.27
C PHE A 636 12.88 -29.31 43.41
N ILE A 637 11.86 -30.13 43.16
CA ILE A 637 11.40 -31.07 44.18
C ILE A 637 12.47 -32.12 44.45
N GLU A 638 13.05 -32.67 43.39
CA GLU A 638 14.25 -33.46 43.53
C GLU A 638 15.42 -32.72 42.88
N PRO A 639 16.63 -32.86 43.41
CA PRO A 639 17.79 -32.19 42.79
C PRO A 639 18.05 -32.69 41.37
N LEU A 640 18.46 -31.76 40.52
CA LEU A 640 18.76 -32.05 39.12
C LEU A 640 20.26 -31.92 38.89
N GLU A 641 20.83 -32.86 38.15
CA GLU A 641 22.26 -32.89 37.88
C GLU A 641 22.54 -32.39 36.48
N ILE A 642 23.48 -31.46 36.35
CA ILE A 642 23.94 -30.94 35.08
C ILE A 642 25.37 -31.38 34.88
N THR A 643 25.63 -32.11 33.79
CA THR A 643 26.96 -32.63 33.50
C THR A 643 27.63 -31.80 32.41
N LYS A 644 28.92 -32.08 32.20
CA LYS A 644 29.67 -31.36 31.19
C LYS A 644 29.22 -31.73 29.78
N GLU A 645 28.79 -32.98 29.59
CA GLU A 645 28.40 -33.50 28.28
C GLU A 645 27.06 -32.98 27.80
N ILE A 646 26.41 -32.06 28.53
CA ILE A 646 25.22 -31.38 28.03
C ILE A 646 25.47 -29.87 28.06
N TYR A 647 26.33 -29.43 28.98
CA TYR A 647 26.67 -28.01 29.05
C TYR A 647 27.52 -27.59 27.87
N ASP A 648 28.39 -28.49 27.38
CA ASP A 648 29.11 -28.19 26.15
C ASP A 648 28.18 -28.19 24.94
N LEU A 649 27.10 -28.99 25.01
CA LEU A 649 26.14 -29.01 23.91
C LEU A 649 25.36 -27.71 23.82
N ASN A 650 24.86 -27.22 24.96
CA ASN A 650 24.11 -25.98 24.92
C ASN A 650 25.01 -24.76 24.76
N ASN A 651 26.27 -24.87 25.19
CA ASN A 651 27.24 -23.76 25.10
C ASN A 651 28.47 -24.26 24.37
N PRO A 652 28.43 -24.31 23.04
CA PRO A 652 29.56 -24.83 22.26
C PRO A 652 30.56 -23.78 21.78
N GLU A 653 30.50 -22.55 22.34
CA GLU A 653 31.35 -21.39 22.00
C GLU A 653 31.37 -21.08 20.49
N LYS A 654 30.37 -21.56 19.76
CA LYS A 654 30.29 -21.38 18.31
C LYS A 654 28.83 -21.24 17.93
N GLU A 655 28.60 -20.81 16.67
CA GLU A 655 27.25 -20.68 16.16
C GLU A 655 26.48 -22.01 16.10
N PRO A 656 27.00 -23.11 15.48
CA PRO A 656 26.16 -24.32 15.44
C PRO A 656 26.29 -25.18 16.69
N LYS A 657 25.17 -25.40 17.37
CA LYS A 657 25.16 -26.32 18.51
C LYS A 657 25.21 -27.76 18.04
N LYS A 658 25.69 -28.64 18.93
CA LYS A 658 25.93 -30.03 18.54
C LYS A 658 24.62 -30.77 18.26
N PHE A 659 23.58 -30.50 19.03
CA PHE A 659 22.29 -31.15 18.81
C PHE A 659 21.45 -30.47 17.74
N GLN A 660 21.89 -29.33 17.21
CA GLN A 660 21.12 -28.63 16.19
C GLN A 660 21.30 -29.30 14.84
N THR A 661 20.29 -29.12 13.97
CA THR A 661 20.36 -29.66 12.62
C THR A 661 21.37 -28.93 11.75
N ALA A 662 21.77 -27.72 12.13
CA ALA A 662 22.79 -26.99 11.37
C ALA A 662 24.14 -27.69 11.45
N TYR A 663 24.46 -28.31 12.59
CA TYR A 663 25.70 -29.06 12.72
C TYR A 663 25.70 -30.27 11.79
N ALA A 664 24.59 -31.01 11.75
CA ALA A 664 24.50 -32.16 10.86
C ALA A 664 24.46 -31.73 9.40
N LYS A 665 23.95 -30.53 9.12
CA LYS A 665 23.98 -30.01 7.76
C LYS A 665 25.40 -29.66 7.34
N LYS A 666 26.15 -28.99 8.22
CA LYS A 666 27.50 -28.56 7.88
C LYS A 666 28.47 -29.73 7.86
N THR A 667 28.43 -30.59 8.88
CA THR A 667 29.41 -31.65 9.02
C THR A 667 28.94 -32.95 8.38
N GLY A 668 27.78 -33.45 8.78
CA GLY A 668 27.29 -34.71 8.28
C GLY A 668 27.49 -35.89 9.22
N ASP A 669 27.99 -35.66 10.43
CA ASP A 669 28.14 -36.72 11.42
C ASP A 669 26.76 -37.04 11.96
N GLN A 670 26.06 -37.93 11.26
CA GLN A 670 24.70 -38.30 11.65
C GLN A 670 24.64 -39.07 12.95
N LYS A 671 25.60 -39.98 13.19
CA LYS A 671 25.59 -40.77 14.41
C LYS A 671 25.86 -39.89 15.63
N GLY A 672 26.85 -39.00 15.53
CA GLY A 672 27.15 -38.11 16.65
C GLY A 672 26.03 -37.12 16.91
N TYR A 673 25.41 -36.60 15.84
CA TYR A 673 24.24 -35.75 15.98
C TYR A 673 23.09 -36.49 16.65
N ARG A 674 22.89 -37.75 16.28
CA ARG A 674 21.84 -38.56 16.90
C ARG A 674 22.11 -38.79 18.38
N GLU A 675 23.37 -39.10 18.74
CA GLU A 675 23.70 -39.32 20.15
C GLU A 675 23.55 -38.04 20.97
N ALA A 676 23.99 -36.90 20.41
CA ALA A 676 23.83 -35.63 21.10
C ALA A 676 22.37 -35.26 21.27
N LEU A 677 21.56 -35.50 20.24
CA LEU A 677 20.13 -35.24 20.32
C LEU A 677 19.47 -36.12 21.37
N CYS A 678 19.85 -37.40 21.44
CA CYS A 678 19.29 -38.30 22.44
C CYS A 678 19.65 -37.84 23.85
N LYS A 679 20.90 -37.43 24.05
CA LYS A 679 21.33 -36.97 25.38
C LYS A 679 20.61 -35.70 25.80
N TRP A 680 20.49 -34.74 24.87
CA TRP A 680 19.74 -33.52 25.18
C TRP A 680 18.28 -33.81 25.43
N ILE A 681 17.70 -34.77 24.72
CA ILE A 681 16.27 -35.06 24.87
C ILE A 681 16.03 -35.71 26.22
N ASP A 682 16.92 -36.62 26.63
CA ASP A 682 16.85 -37.21 27.97
C ASP A 682 17.00 -36.15 29.04
N PHE A 683 17.91 -35.19 28.84
CA PHE A 683 18.07 -34.11 29.81
C PHE A 683 16.82 -33.24 29.91
N THR A 684 16.18 -32.95 28.77
CA THR A 684 14.97 -32.12 28.79
C THR A 684 13.87 -32.83 29.56
N ARG A 685 13.69 -34.13 29.31
CA ARG A 685 12.70 -34.91 30.02
C ARG A 685 13.01 -34.97 31.52
N ASP A 686 14.29 -35.06 31.87
CA ASP A 686 14.69 -35.00 33.26
C ASP A 686 14.32 -33.67 33.91
N PHE A 687 14.51 -32.56 33.18
CA PHE A 687 14.17 -31.26 33.73
C PHE A 687 12.67 -31.14 33.96
N LEU A 688 11.86 -31.56 32.99
CA LEU A 688 10.41 -31.52 33.18
C LEU A 688 9.97 -32.47 34.29
N SER A 689 10.73 -33.53 34.55
CA SER A 689 10.43 -34.39 35.68
C SER A 689 10.70 -33.67 37.00
N LYS A 690 11.83 -32.98 37.11
CA LYS A 690 12.26 -32.45 38.41
C LYS A 690 11.77 -31.04 38.72
N TYR A 691 11.49 -30.22 37.72
CA TYR A 691 11.21 -28.80 37.97
C TYR A 691 9.84 -28.61 38.63
N THR A 692 9.76 -27.61 39.50
CA THR A 692 8.59 -27.46 40.37
C THR A 692 7.36 -26.92 39.64
N LYS A 693 7.52 -26.28 38.49
CA LYS A 693 6.35 -25.88 37.71
C LYS A 693 5.72 -27.07 37.00
N THR A 694 6.54 -27.96 36.47
CA THR A 694 6.08 -29.00 35.56
C THR A 694 6.20 -30.40 36.14
N THR A 695 6.37 -30.54 37.46
CA THR A 695 6.43 -31.88 38.04
C THR A 695 5.06 -32.55 38.07
N SER A 696 3.98 -31.76 38.01
CA SER A 696 2.62 -32.29 38.04
C SER A 696 1.99 -32.34 36.65
N ILE A 697 2.81 -32.40 35.60
CA ILE A 697 2.34 -32.47 34.22
C ILE A 697 2.73 -33.83 33.66
N ASP A 698 1.78 -34.49 33.00
CA ASP A 698 2.04 -35.80 32.42
C ASP A 698 2.84 -35.67 31.13
N LEU A 699 3.85 -36.52 30.99
CA LEU A 699 4.70 -36.54 29.80
C LEU A 699 4.64 -37.88 29.07
N SER A 700 3.66 -38.73 29.39
CA SER A 700 3.59 -40.07 28.80
C SER A 700 3.21 -40.03 27.32
N SER A 701 2.59 -38.95 26.85
CA SER A 701 2.18 -38.85 25.46
C SER A 701 3.34 -38.62 24.49
N LEU A 702 4.54 -38.34 25.01
CA LEU A 702 5.67 -38.06 24.14
C LEU A 702 6.37 -39.35 23.73
N ARG A 703 6.93 -39.34 22.52
CA ARG A 703 7.61 -40.51 21.99
C ARG A 703 8.95 -40.74 22.71
N PRO A 704 9.53 -41.94 22.62
CA PRO A 704 10.84 -42.18 23.21
C PRO A 704 11.94 -41.37 22.54
N SER A 705 13.14 -41.43 23.16
CA SER A 705 14.24 -40.54 22.81
C SER A 705 14.75 -40.79 21.40
N SER A 706 15.05 -42.05 21.07
CA SER A 706 15.70 -42.37 19.80
C SER A 706 14.75 -42.26 18.60
N GLN A 707 13.45 -42.13 18.82
CA GLN A 707 12.51 -42.09 17.71
C GLN A 707 12.58 -40.76 16.97
N TYR A 708 12.94 -39.68 17.67
CA TYR A 708 12.88 -38.35 17.09
C TYR A 708 13.95 -38.15 16.04
N LYS A 709 13.61 -37.40 15.00
CA LYS A 709 14.55 -37.04 13.95
C LYS A 709 14.95 -35.58 13.97
N ASP A 710 14.18 -34.72 14.62
CA ASP A 710 14.39 -33.29 14.56
C ASP A 710 14.02 -32.72 15.93
N LEU A 711 14.88 -31.83 16.45
CA LEU A 711 14.67 -31.29 17.79
C LEU A 711 13.49 -30.32 17.83
N GLY A 712 13.37 -29.46 16.81
CA GLY A 712 12.27 -28.53 16.77
C GLY A 712 10.91 -29.21 16.67
N GLU A 713 10.88 -30.40 16.07
CA GLU A 713 9.67 -31.23 16.10
C GLU A 713 9.28 -31.60 17.53
N TYR A 714 10.27 -31.98 18.35
CA TYR A 714 9.99 -32.29 19.75
C TYR A 714 9.53 -31.05 20.51
N TYR A 715 10.14 -29.90 20.22
CA TYR A 715 9.70 -28.67 20.89
C TYR A 715 8.28 -28.29 20.51
N ALA A 716 7.92 -28.46 19.23
CA ALA A 716 6.55 -28.18 18.80
C ALA A 716 5.57 -29.17 19.41
N GLU A 717 6.00 -30.41 19.62
CA GLU A 717 5.12 -31.39 20.27
C GLU A 717 4.98 -31.10 21.77
N LEU A 718 6.04 -30.60 22.40
CA LEU A 718 6.06 -30.42 23.84
C LEU A 718 5.39 -29.13 24.29
N ASN A 719 5.46 -28.08 23.46
CA ASN A 719 4.93 -26.78 23.87
C ASN A 719 3.44 -26.74 24.27
N PRO A 720 2.50 -27.39 23.58
CA PRO A 720 1.10 -27.34 24.05
C PRO A 720 0.85 -28.03 25.38
N LEU A 721 1.71 -28.94 25.82
CA LEU A 721 1.47 -29.65 27.07
C LEU A 721 1.63 -28.75 28.29
N LEU A 722 2.48 -27.73 28.20
CA LEU A 722 2.77 -26.88 29.34
C LEU A 722 1.71 -25.81 29.57
N TYR A 723 0.74 -25.67 28.67
CA TYR A 723 -0.31 -24.67 28.78
C TYR A 723 -1.59 -25.33 29.29
N HIS A 724 -2.27 -24.63 30.20
CA HIS A 724 -3.42 -25.22 30.88
C HIS A 724 -4.27 -24.12 31.50
N ILE A 725 -5.58 -24.27 31.41
CA ILE A 725 -6.53 -23.43 32.12
C ILE A 725 -7.43 -24.31 32.98
N SER A 726 -7.69 -23.86 34.20
CA SER A 726 -8.74 -24.42 35.03
C SER A 726 -9.68 -23.29 35.44
N PHE A 727 -10.65 -23.57 36.31
CA PHE A 727 -11.59 -22.55 36.73
C PHE A 727 -12.07 -22.88 38.13
N GLN A 728 -12.25 -21.85 38.95
CA GLN A 728 -12.74 -22.02 40.31
C GLN A 728 -13.76 -20.94 40.61
N ARG A 729 -14.63 -21.25 41.59
CA ARG A 729 -15.77 -20.40 41.92
C ARG A 729 -15.43 -19.55 43.13
N ILE A 730 -15.67 -18.25 43.03
CA ILE A 730 -15.40 -17.29 44.09
C ILE A 730 -16.72 -16.67 44.53
N ALA A 731 -16.93 -16.60 45.85
CA ALA A 731 -18.15 -16.00 46.38
C ALA A 731 -18.19 -14.51 46.07
N GLU A 732 -19.37 -14.02 45.67
CA GLU A 732 -19.51 -12.65 45.21
C GLU A 732 -19.45 -11.63 46.34
N LYS A 733 -19.58 -12.05 47.60
CA LYS A 733 -19.42 -11.12 48.71
C LYS A 733 -18.00 -10.59 48.77
N GLU A 734 -17.01 -11.46 48.54
CA GLU A 734 -15.61 -11.03 48.51
C GLU A 734 -15.36 -10.03 47.39
N ILE A 735 -15.91 -10.30 46.20
CA ILE A 735 -15.70 -9.41 45.06
C ILE A 735 -16.37 -8.07 45.30
N MET A 736 -17.59 -8.08 45.82
CA MET A 736 -18.30 -6.82 46.07
C MET A 736 -17.63 -6.00 47.16
N ASP A 737 -17.12 -6.66 48.21
CA ASP A 737 -16.39 -5.94 49.25
C ASP A 737 -15.07 -5.40 48.74
N ALA A 738 -14.37 -6.17 47.88
CA ALA A 738 -13.12 -5.70 47.32
C ALA A 738 -13.32 -4.49 46.41
N VAL A 739 -14.38 -4.51 45.61
CA VAL A 739 -14.68 -3.37 44.75
C VAL A 739 -15.12 -2.17 45.60
N GLU A 740 -15.86 -2.42 46.69
CA GLU A 740 -16.32 -1.35 47.55
C GLU A 740 -15.16 -0.64 48.24
N THR A 741 -14.18 -1.39 48.73
CA THR A 741 -13.03 -0.80 49.40
C THR A 741 -11.93 -0.37 48.43
N GLY A 742 -12.09 -0.61 47.13
CA GLY A 742 -11.10 -0.20 46.16
C GLY A 742 -9.94 -1.12 46.00
N LYS A 743 -9.95 -2.29 46.63
CA LYS A 743 -8.85 -3.23 46.51
C LYS A 743 -8.83 -3.93 45.16
N LEU A 744 -9.96 -3.96 44.45
CA LEU A 744 -10.05 -4.57 43.14
C LEU A 744 -10.91 -3.69 42.24
N TYR A 745 -10.43 -3.39 41.04
CA TYR A 745 -11.17 -2.62 40.07
C TYR A 745 -11.81 -3.56 39.07
N LEU A 746 -13.14 -3.48 38.94
CA LEU A 746 -13.92 -4.46 38.20
C LEU A 746 -14.53 -3.79 36.98
N PHE A 747 -14.08 -4.20 35.80
CA PHE A 747 -14.60 -3.75 34.52
C PHE A 747 -15.19 -4.94 33.78
N GLN A 748 -16.34 -4.74 33.14
CA GLN A 748 -16.97 -5.81 32.38
C GLN A 748 -16.51 -5.77 30.94
N ILE A 749 -16.01 -6.90 30.45
CA ILE A 749 -15.71 -7.04 29.03
C ILE A 749 -17.01 -6.98 28.25
N TYR A 750 -17.13 -5.99 27.37
CA TYR A 750 -18.43 -5.66 26.79
C TYR A 750 -18.28 -5.22 25.35
N ASN A 751 -18.98 -5.90 24.45
CA ASN A 751 -19.42 -5.35 23.18
C ASN A 751 -20.93 -5.52 23.12
N LYS A 752 -21.56 -5.05 22.04
CA LYS A 752 -23.02 -5.05 22.02
C LYS A 752 -23.61 -6.41 21.67
N ASP A 753 -22.79 -7.44 21.51
CA ASP A 753 -23.32 -8.80 21.49
C ASP A 753 -23.78 -9.24 22.87
N PHE A 754 -23.12 -8.74 23.92
CA PHE A 754 -23.51 -9.03 25.30
C PHE A 754 -24.59 -8.09 25.81
N ALA A 755 -25.26 -7.36 24.91
CA ALA A 755 -26.27 -6.39 25.30
C ALA A 755 -27.56 -7.10 25.68
N LYS A 756 -28.56 -6.30 26.05
CA LYS A 756 -29.84 -6.85 26.51
C LYS A 756 -30.62 -7.46 25.35
N GLY A 757 -30.80 -6.71 24.27
CA GLY A 757 -31.63 -7.16 23.17
C GLY A 757 -30.88 -7.90 22.08
N HIS A 758 -30.00 -8.81 22.46
CA HIS A 758 -29.21 -9.56 21.50
C HIS A 758 -30.02 -10.75 20.99
N HIS A 759 -30.35 -10.76 19.70
CA HIS A 759 -31.19 -11.79 19.11
C HIS A 759 -30.43 -12.68 18.14
N GLY A 760 -29.81 -12.10 17.13
CA GLY A 760 -29.26 -12.87 16.03
C GLY A 760 -27.85 -13.34 16.25
N LYS A 761 -27.14 -13.57 15.16
CA LYS A 761 -25.77 -14.04 15.21
C LYS A 761 -24.86 -12.95 15.78
N PRO A 762 -23.85 -13.32 16.56
CA PRO A 762 -22.96 -12.33 17.16
C PRO A 762 -21.91 -11.87 16.17
N ASN A 763 -20.98 -11.04 16.65
CA ASN A 763 -19.79 -10.76 15.88
C ASN A 763 -18.88 -11.99 15.85
N LEU A 764 -17.88 -11.95 14.98
CA LEU A 764 -16.97 -13.09 14.88
C LEU A 764 -16.03 -13.14 16.08
N HIS A 765 -15.50 -11.99 16.50
CA HIS A 765 -14.60 -11.94 17.66
C HIS A 765 -15.30 -12.41 18.93
N THR A 766 -16.60 -12.11 19.07
CA THR A 766 -17.37 -12.71 20.15
C THR A 766 -17.39 -14.22 20.05
N LEU A 767 -17.38 -14.76 18.84
CA LEU A 767 -17.44 -16.20 18.68
C LEU A 767 -16.10 -16.85 19.05
N TYR A 768 -14.97 -16.21 18.69
CA TYR A 768 -13.69 -16.76 19.20
C TYR A 768 -13.58 -16.58 20.70
N TRP A 769 -14.09 -15.48 21.24
CA TRP A 769 -13.99 -15.23 22.68
C TRP A 769 -14.83 -16.24 23.47
N THR A 770 -15.97 -16.64 22.92
CA THR A 770 -16.76 -17.70 23.55
C THR A 770 -16.09 -19.06 23.37
N GLY A 771 -15.59 -19.35 22.17
CA GLY A 771 -14.96 -20.64 21.92
C GLY A 771 -13.64 -20.83 22.63
N LEU A 772 -13.00 -19.74 23.07
CA LEU A 772 -11.82 -19.85 23.91
C LEU A 772 -12.15 -20.50 25.24
N PHE A 773 -13.29 -20.13 25.83
CA PHE A 773 -13.66 -20.55 27.17
C PHE A 773 -14.68 -21.68 27.17
N SER A 774 -14.85 -22.35 26.02
CA SER A 774 -15.72 -23.52 25.96
C SER A 774 -15.08 -24.68 26.71
N PRO A 775 -15.90 -25.54 27.33
CA PRO A 775 -15.35 -26.73 28.01
C PRO A 775 -14.59 -27.67 27.09
N GLU A 776 -15.00 -27.76 25.82
CA GLU A 776 -14.26 -28.57 24.86
C GLU A 776 -12.87 -28.00 24.61
N ASN A 777 -12.76 -26.67 24.57
CA ASN A 777 -11.45 -26.04 24.45
C ASN A 777 -10.66 -26.13 25.74
N LEU A 778 -11.34 -26.14 26.89
CA LEU A 778 -10.63 -26.28 28.17
C LEU A 778 -10.05 -27.67 28.34
N ALA A 779 -10.76 -28.70 27.87
CA ALA A 779 -10.23 -30.06 27.93
C ALA A 779 -9.03 -30.22 27.03
N LYS A 780 -9.09 -29.65 25.82
CA LYS A 780 -7.98 -29.69 24.87
C LYS A 780 -7.93 -28.36 24.15
N THR A 781 -6.83 -27.63 24.33
CA THR A 781 -6.73 -26.24 23.87
C THR A 781 -6.37 -26.23 22.39
N SER A 782 -7.36 -26.05 21.53
CA SER A 782 -7.10 -25.78 20.13
C SER A 782 -6.68 -24.34 19.91
N ILE A 783 -7.30 -23.40 20.62
CA ILE A 783 -6.90 -22.00 20.60
C ILE A 783 -6.52 -21.58 22.01
N LYS A 784 -5.68 -20.56 22.12
CA LYS A 784 -5.04 -20.21 23.39
C LYS A 784 -5.08 -18.71 23.62
N LEU A 785 -5.30 -18.33 24.87
CA LEU A 785 -5.21 -16.95 25.31
C LEU A 785 -3.76 -16.54 25.57
N ASN A 786 -3.38 -15.35 25.11
CA ASN A 786 -2.03 -14.83 25.30
C ASN A 786 -2.04 -13.64 26.25
N GLY A 787 -0.83 -13.14 26.54
CA GLY A 787 -0.64 -12.05 27.47
C GLY A 787 -0.54 -10.70 26.78
N GLN A 788 0.18 -9.79 27.45
CA GLN A 788 0.38 -8.37 27.10
C GLN A 788 -0.91 -7.70 26.63
N ALA A 789 -1.96 -7.87 27.43
CA ALA A 789 -3.18 -7.11 27.20
C ALA A 789 -2.93 -5.65 27.52
N GLU A 790 -3.64 -4.78 26.80
CA GLU A 790 -3.50 -3.35 26.98
C GLU A 790 -4.85 -2.74 27.36
N LEU A 791 -4.80 -1.70 28.19
CA LEU A 791 -5.98 -0.93 28.54
C LEU A 791 -5.82 0.46 27.94
N PHE A 792 -6.87 0.95 27.29
CA PHE A 792 -6.84 2.25 26.66
C PHE A 792 -8.01 3.09 27.16
N TYR A 793 -7.82 4.40 27.15
CA TYR A 793 -8.83 5.35 27.61
C TYR A 793 -9.04 6.39 26.52
N ARG A 794 -10.06 6.21 25.68
CA ARG A 794 -10.41 7.24 24.72
C ARG A 794 -11.25 8.30 25.42
N PRO A 795 -10.81 9.55 25.47
CA PRO A 795 -11.52 10.57 26.23
C PRO A 795 -12.79 11.03 25.51
N LYS A 796 -13.47 11.98 26.14
CA LYS A 796 -14.75 12.47 25.64
C LYS A 796 -14.50 13.33 24.41
N SER A 797 -14.68 12.74 23.23
CA SER A 797 -14.58 13.51 22.00
C SER A 797 -15.81 14.40 21.85
N ARG A 798 -15.58 15.68 21.60
CA ARG A 798 -16.60 16.71 21.74
C ARG A 798 -17.26 17.00 20.39
N MET A 799 -18.46 16.48 20.19
CA MET A 799 -19.31 16.87 19.09
C MET A 799 -20.62 17.43 19.62
N LYS A 800 -21.25 18.28 18.81
CA LYS A 800 -22.64 18.66 19.06
C LYS A 800 -23.54 17.44 18.87
N ARG A 801 -24.63 17.41 19.64
CA ARG A 801 -25.54 16.26 19.64
C ARG A 801 -26.81 16.61 18.88
N MET A 802 -27.09 15.84 17.84
CA MET A 802 -28.38 15.87 17.14
C MET A 802 -28.90 14.45 17.06
N ALA A 803 -30.20 14.29 17.33
CA ALA A 803 -30.78 12.97 17.46
C ALA A 803 -32.27 13.05 17.18
N HIS A 804 -32.86 11.89 16.89
CA HIS A 804 -34.28 11.76 16.66
C HIS A 804 -35.03 11.87 17.99
N ARG A 805 -35.75 12.98 18.20
CA ARG A 805 -36.49 13.23 19.42
C ARG A 805 -37.86 12.53 19.39
N LEU A 806 -38.55 12.59 20.54
CA LEU A 806 -39.86 11.99 20.70
C LEU A 806 -40.92 12.78 19.93
N GLY A 807 -42.01 12.08 19.57
CA GLY A 807 -43.09 12.69 18.83
C GLY A 807 -42.79 12.98 17.38
N GLU A 808 -41.64 12.55 16.88
CA GLU A 808 -41.20 12.84 15.53
C GLU A 808 -41.47 11.67 14.60
N LYS A 809 -41.61 11.97 13.32
CA LYS A 809 -41.70 10.96 12.28
C LYS A 809 -40.37 10.92 11.53
N MET A 810 -39.86 9.71 11.29
CA MET A 810 -38.48 9.54 10.86
C MET A 810 -38.40 8.52 9.72
N LEU A 811 -37.50 8.80 8.78
CA LEU A 811 -37.48 8.15 7.47
C LEU A 811 -36.46 7.02 7.42
N ASN A 812 -36.86 5.91 6.82
CA ASN A 812 -35.95 4.81 6.51
C ASN A 812 -35.20 5.07 5.21
N LYS A 813 -33.95 4.59 5.16
CA LYS A 813 -33.11 4.80 3.99
C LYS A 813 -33.63 4.01 2.79
N LYS A 814 -34.13 2.81 3.01
CA LYS A 814 -34.60 1.96 1.92
C LYS A 814 -36.04 2.27 1.55
N LEU A 815 -36.45 1.78 0.38
CA LEU A 815 -37.81 1.90 -0.10
C LEU A 815 -38.63 0.73 0.49
N LYS A 816 -39.91 0.64 0.11
CA LYS A 816 -40.71 -0.52 0.52
C LYS A 816 -40.10 -1.82 -0.03
N ASP A 817 -39.66 -1.79 -1.28
CA ASP A 817 -38.82 -2.87 -1.81
C ASP A 817 -37.40 -2.66 -1.32
N GLN A 818 -36.83 -3.68 -0.67
CA GLN A 818 -35.50 -3.56 -0.10
C GLN A 818 -34.39 -3.53 -1.15
N LYS A 819 -34.71 -3.85 -2.40
CA LYS A 819 -33.70 -3.85 -3.44
C LYS A 819 -33.29 -2.44 -3.85
N THR A 820 -34.24 -1.50 -3.86
CA THR A 820 -34.00 -0.17 -4.41
C THR A 820 -33.72 0.82 -3.29
N PRO A 821 -32.54 1.42 -3.23
CA PRO A 821 -32.25 2.45 -2.24
C PRO A 821 -32.77 3.82 -2.70
N ILE A 822 -32.45 4.84 -1.91
CA ILE A 822 -32.82 6.22 -2.20
C ILE A 822 -31.55 7.04 -2.27
N PRO A 823 -31.35 7.86 -3.30
CA PRO A 823 -30.17 8.73 -3.35
C PRO A 823 -30.20 9.77 -2.22
N ASP A 824 -28.99 10.17 -1.80
CA ASP A 824 -28.84 11.06 -0.65
C ASP A 824 -29.44 12.43 -0.88
N THR A 825 -29.36 12.94 -2.12
CA THR A 825 -29.97 14.22 -2.44
C THR A 825 -31.48 14.18 -2.28
N LEU A 826 -32.11 13.08 -2.69
CA LEU A 826 -33.53 12.90 -2.42
C LEU A 826 -33.77 12.55 -0.94
N TYR A 827 -32.82 11.85 -0.32
CA TYR A 827 -32.98 11.42 1.06
C TYR A 827 -33.06 12.60 2.02
N GLN A 828 -32.22 13.62 1.83
CA GLN A 828 -32.24 14.77 2.73
C GLN A 828 -33.53 15.56 2.58
N GLU A 829 -34.05 15.68 1.36
CA GLU A 829 -35.30 16.42 1.15
C GLU A 829 -36.47 15.66 1.75
N LEU A 830 -36.53 14.34 1.56
CA LEU A 830 -37.60 13.56 2.17
C LEU A 830 -37.48 13.56 3.69
N TYR A 831 -36.26 13.56 4.22
CA TYR A 831 -36.06 13.67 5.68
C TYR A 831 -36.52 15.02 6.20
N ASP A 832 -36.28 16.09 5.46
CA ASP A 832 -36.81 17.40 5.84
C ASP A 832 -38.33 17.43 5.79
N TYR A 833 -38.93 16.69 4.86
CA TYR A 833 -40.39 16.64 4.81
C TYR A 833 -40.96 15.87 6.00
N VAL A 834 -40.39 14.71 6.31
CA VAL A 834 -41.06 13.84 7.29
C VAL A 834 -40.91 14.43 8.68
N ASN A 835 -39.84 15.19 8.93
CA ASN A 835 -39.69 15.96 10.15
C ASN A 835 -40.36 17.33 10.07
N HIS A 836 -40.97 17.65 8.93
CA HIS A 836 -41.66 18.92 8.68
C HIS A 836 -40.74 20.13 8.88
N ARG A 837 -39.57 20.06 8.26
CA ARG A 837 -38.59 21.14 8.29
C ARG A 837 -38.04 21.39 6.89
N LEU A 838 -38.94 21.50 5.91
CA LEU A 838 -38.54 21.74 4.52
C LEU A 838 -37.99 23.14 4.35
N SER A 839 -36.71 23.24 4.02
CA SER A 839 -36.10 24.52 3.67
C SER A 839 -36.23 24.86 2.19
N HIS A 840 -36.69 23.92 1.37
CA HIS A 840 -36.86 24.14 -0.05
C HIS A 840 -38.06 23.35 -0.54
N ASP A 841 -38.60 23.77 -1.70
CA ASP A 841 -39.69 23.04 -2.31
C ASP A 841 -39.20 21.73 -2.90
N LEU A 842 -39.93 20.65 -2.64
CA LEU A 842 -39.56 19.34 -3.13
C LEU A 842 -39.73 19.24 -4.65
N SER A 843 -38.88 18.45 -5.28
CA SER A 843 -38.77 18.38 -6.72
C SER A 843 -39.79 17.39 -7.30
N ASP A 844 -39.69 17.18 -8.62
CA ASP A 844 -40.67 16.34 -9.32
C ASP A 844 -40.48 14.86 -9.02
N GLU A 845 -39.22 14.39 -9.01
CA GLU A 845 -38.99 12.99 -8.64
C GLU A 845 -39.25 12.75 -7.16
N ALA A 846 -39.23 13.80 -6.34
CA ALA A 846 -39.73 13.68 -4.98
C ALA A 846 -41.22 13.35 -4.97
N ARG A 847 -41.99 14.00 -5.83
CA ARG A 847 -43.40 13.62 -6.00
C ARG A 847 -43.53 12.20 -6.54
N ALA A 848 -42.64 11.81 -7.46
CA ALA A 848 -42.72 10.48 -8.06
C ALA A 848 -42.42 9.38 -7.05
N LEU A 849 -41.51 9.61 -6.11
CA LEU A 849 -41.09 8.57 -5.17
C LEU A 849 -41.66 8.77 -3.77
N LEU A 850 -42.46 9.83 -3.55
CA LEU A 850 -43.01 10.06 -2.21
C LEU A 850 -43.99 9.01 -1.73
N PRO A 851 -45.03 8.60 -2.47
CA PRO A 851 -45.97 7.62 -1.90
C PRO A 851 -45.46 6.19 -1.94
N ASN A 852 -44.24 5.95 -2.44
CA ASN A 852 -43.64 4.62 -2.48
C ASN A 852 -42.63 4.41 -1.37
N VAL A 853 -42.59 5.27 -0.35
CA VAL A 853 -41.59 5.19 0.70
C VAL A 853 -42.28 4.83 2.01
N ILE A 854 -41.50 4.29 2.93
CA ILE A 854 -41.94 3.88 4.26
C ILE A 854 -41.27 4.80 5.27
N THR A 855 -41.99 5.16 6.33
CA THR A 855 -41.47 5.93 7.45
C THR A 855 -41.75 5.22 8.76
N LYS A 856 -41.10 5.69 9.83
CA LYS A 856 -41.31 5.16 11.17
C LYS A 856 -41.44 6.28 12.18
N GLU A 857 -42.15 5.98 13.27
CA GLU A 857 -42.17 6.83 14.45
C GLU A 857 -40.90 6.60 15.26
N VAL A 858 -40.44 7.65 15.94
CA VAL A 858 -39.20 7.59 16.70
C VAL A 858 -39.44 6.86 18.02
N SER A 859 -38.52 5.96 18.37
CA SER A 859 -38.52 5.27 19.65
C SER A 859 -37.08 4.91 19.98
N HIS A 860 -36.76 4.89 21.29
CA HIS A 860 -35.47 4.46 21.89
C HIS A 860 -34.35 5.49 21.80
N GLU A 861 -34.63 6.72 21.33
CA GLU A 861 -33.70 7.85 21.31
C GLU A 861 -32.32 7.46 20.76
N ILE A 862 -32.30 7.07 19.48
CA ILE A 862 -31.03 6.77 18.82
C ILE A 862 -30.23 8.06 18.66
N ILE A 863 -28.96 8.02 19.05
CA ILE A 863 -28.07 9.17 19.01
C ILE A 863 -26.95 8.87 18.02
N LYS A 864 -26.58 9.85 17.21
CA LYS A 864 -25.51 9.59 16.26
C LYS A 864 -24.15 9.78 16.95
N ASP A 865 -23.18 8.95 16.55
CA ASP A 865 -21.87 8.81 17.20
C ASP A 865 -21.97 8.75 18.72
N ARG A 866 -22.74 7.79 19.23
CA ARG A 866 -22.92 7.63 20.68
C ARG A 866 -21.63 7.18 21.35
N ARG A 867 -20.95 6.18 20.78
CA ARG A 867 -19.69 5.66 21.32
C ARG A 867 -18.60 6.71 21.45
N PHE A 868 -18.62 7.75 20.61
CA PHE A 868 -17.66 8.84 20.72
C PHE A 868 -18.18 10.01 21.55
N THR A 869 -19.40 9.91 22.07
CA THR A 869 -19.97 11.04 22.83
C THR A 869 -19.37 11.12 24.22
N SER A 870 -19.10 9.98 24.86
CA SER A 870 -18.62 9.97 26.23
C SER A 870 -17.34 9.15 26.32
N ASP A 871 -16.56 9.41 27.37
CA ASP A 871 -15.27 8.76 27.55
C ASP A 871 -15.47 7.29 27.90
N LYS A 872 -14.73 6.41 27.21
CA LYS A 872 -14.88 4.97 27.34
C LYS A 872 -13.52 4.33 27.55
N PHE A 873 -13.48 3.31 28.41
CA PHE A 873 -12.32 2.46 28.56
C PHE A 873 -12.30 1.40 27.46
N PHE A 874 -11.11 0.87 27.17
CA PHE A 874 -10.97 -0.14 26.13
C PHE A 874 -9.93 -1.16 26.56
N PHE A 875 -9.90 -2.28 25.86
CA PHE A 875 -9.11 -3.44 26.31
C PHE A 875 -8.82 -4.31 25.11
N HIS A 876 -7.55 -4.41 24.75
CA HIS A 876 -7.11 -5.18 23.59
C HIS A 876 -6.43 -6.45 24.11
N VAL A 877 -6.88 -7.61 23.63
CA VAL A 877 -6.42 -8.89 24.12
C VAL A 877 -5.98 -9.80 22.96
N PRO A 878 -4.75 -10.31 22.97
CA PRO A 878 -4.30 -11.20 21.90
C PRO A 878 -4.55 -12.66 22.22
N ILE A 879 -5.02 -13.40 21.21
CA ILE A 879 -5.26 -14.83 21.32
C ILE A 879 -4.52 -15.53 20.18
N THR A 880 -4.26 -16.82 20.37
CA THR A 880 -3.54 -17.63 19.40
C THR A 880 -4.40 -18.82 19.00
N LEU A 881 -4.62 -18.99 17.71
CA LEU A 881 -5.52 -20.03 17.23
C LEU A 881 -4.74 -21.17 16.59
N ASN A 882 -5.44 -22.31 16.46
CA ASN A 882 -4.91 -23.54 15.87
C ASN A 882 -3.63 -23.97 16.57
N TYR A 883 -3.64 -23.86 17.91
CA TYR A 883 -2.42 -23.88 18.71
C TYR A 883 -1.74 -25.24 18.75
N GLN A 884 -2.46 -26.33 18.50
CA GLN A 884 -1.84 -27.65 18.58
C GLN A 884 -0.84 -27.90 17.45
N ALA A 885 -0.93 -27.15 16.35
CA ALA A 885 -0.01 -27.34 15.24
C ALA A 885 1.29 -26.56 15.47
N ALA A 886 2.22 -26.73 14.54
CA ALA A 886 3.51 -26.05 14.63
C ALA A 886 3.35 -24.57 14.34
N ASN A 887 4.42 -23.81 14.59
CA ASN A 887 4.38 -22.37 14.35
C ASN A 887 4.47 -22.05 12.87
N SER A 888 5.16 -22.88 12.09
CA SER A 888 5.31 -22.66 10.67
C SER A 888 4.92 -23.91 9.91
N PRO A 889 4.28 -23.77 8.75
CA PRO A 889 3.90 -24.95 7.97
C PRO A 889 5.10 -25.58 7.28
N SER A 890 4.93 -26.83 6.90
CA SER A 890 5.98 -27.62 6.26
C SER A 890 5.44 -28.16 4.93
N LYS A 891 5.86 -27.52 3.83
CA LYS A 891 5.45 -27.88 2.47
C LYS A 891 3.92 -27.85 2.32
N PHE A 892 3.34 -26.69 2.65
CA PHE A 892 1.89 -26.52 2.53
C PHE A 892 1.44 -26.61 1.08
N ASN A 893 2.17 -25.95 0.18
CA ASN A 893 1.83 -25.97 -1.24
C ASN A 893 1.99 -27.37 -1.83
N GLN A 894 2.97 -28.14 -1.35
CA GLN A 894 3.11 -29.51 -1.81
C GLN A 894 1.90 -30.35 -1.42
N ARG A 895 1.39 -30.15 -0.19
CA ARG A 895 0.19 -30.87 0.24
C ARG A 895 -1.03 -30.47 -0.58
N VAL A 896 -1.16 -29.17 -0.87
CA VAL A 896 -2.29 -28.70 -1.68
C VAL A 896 -2.22 -29.28 -3.09
N ASN A 897 -1.03 -29.28 -3.70
CA ASN A 897 -0.90 -29.83 -5.04
C ASN A 897 -1.08 -31.35 -5.05
N ALA A 898 -0.71 -32.04 -3.97
CA ALA A 898 -0.99 -33.47 -3.87
C ALA A 898 -2.49 -33.73 -3.79
N TYR A 899 -3.21 -32.88 -3.04
CA TYR A 899 -4.67 -32.99 -2.98
C TYR A 899 -5.30 -32.74 -4.34
N LEU A 900 -4.78 -31.75 -5.09
CA LEU A 900 -5.35 -31.48 -6.41
C LEU A 900 -5.00 -32.58 -7.40
N LYS A 901 -3.84 -33.23 -7.22
CA LYS A 901 -3.50 -34.39 -8.04
C LYS A 901 -4.44 -35.55 -7.73
N GLU A 902 -4.83 -35.73 -6.47
CA GLU A 902 -5.75 -36.79 -6.13
C GLU A 902 -7.20 -36.44 -6.41
N HIS A 903 -7.53 -35.17 -6.67
CA HIS A 903 -8.89 -34.73 -6.96
C HIS A 903 -8.90 -33.95 -8.27
N PRO A 904 -8.93 -34.66 -9.41
CA PRO A 904 -8.88 -33.96 -10.71
C PRO A 904 -10.17 -33.24 -11.08
N GLU A 905 -11.27 -33.46 -10.36
CA GLU A 905 -12.56 -32.89 -10.72
C GLU A 905 -12.83 -31.56 -10.01
N THR A 906 -11.79 -30.85 -9.60
CA THR A 906 -11.96 -29.66 -8.77
C THR A 906 -12.37 -28.47 -9.63
N PRO A 907 -13.43 -27.76 -9.28
CA PRO A 907 -13.80 -26.54 -10.00
C PRO A 907 -12.81 -25.41 -9.71
N ILE A 908 -12.89 -24.36 -10.53
CA ILE A 908 -12.02 -23.19 -10.42
C ILE A 908 -12.89 -21.94 -10.54
N ILE A 909 -12.73 -21.01 -9.59
CA ILE A 909 -13.40 -19.71 -9.65
C ILE A 909 -12.36 -18.64 -9.95
N GLY A 910 -12.82 -17.53 -10.52
CA GLY A 910 -11.92 -16.47 -10.92
C GLY A 910 -12.35 -15.07 -10.52
N ILE A 911 -11.42 -14.29 -9.98
CA ILE A 911 -11.68 -12.92 -9.54
C ILE A 911 -10.86 -11.98 -10.41
N ASP A 912 -11.49 -10.87 -10.83
CA ASP A 912 -10.82 -9.83 -11.58
C ASP A 912 -10.91 -8.51 -10.81
N ARG A 913 -10.08 -7.55 -11.22
CA ARG A 913 -10.05 -6.25 -10.58
C ARG A 913 -9.93 -5.16 -11.63
N GLY A 914 -10.52 -4.02 -11.35
CA GLY A 914 -10.56 -2.95 -12.32
C GLY A 914 -11.25 -1.72 -11.78
N GLU A 915 -11.61 -0.83 -12.70
CA GLU A 915 -12.31 0.42 -12.39
C GLU A 915 -13.78 0.37 -12.76
N ARG A 916 -14.10 -0.02 -14.00
CA ARG A 916 -15.49 -0.01 -14.46
C ARG A 916 -16.28 -1.10 -13.74
N ASN A 917 -15.79 -2.34 -13.80
CA ASN A 917 -16.26 -3.43 -12.95
C ASN A 917 -15.17 -3.72 -11.92
N LEU A 918 -15.47 -3.45 -10.65
CA LEU A 918 -14.49 -3.71 -9.60
C LEU A 918 -14.20 -5.21 -9.47
N ILE A 919 -15.23 -6.02 -9.32
CA ILE A 919 -15.07 -7.47 -9.21
C ILE A 919 -16.06 -8.14 -10.17
N TYR A 920 -15.78 -9.42 -10.45
CA TYR A 920 -16.72 -10.23 -11.22
C TYR A 920 -16.44 -11.70 -10.90
N ILE A 921 -17.47 -12.53 -11.03
CA ILE A 921 -17.41 -13.92 -10.61
C ILE A 921 -17.66 -14.81 -11.82
N THR A 922 -16.77 -15.76 -12.06
CA THR A 922 -16.99 -16.86 -12.99
C THR A 922 -16.58 -18.16 -12.33
N VAL A 923 -17.43 -19.17 -12.45
CA VAL A 923 -17.18 -20.51 -11.91
C VAL A 923 -17.17 -21.49 -13.07
N ILE A 924 -16.07 -22.24 -13.22
CA ILE A 924 -15.94 -23.22 -14.28
C ILE A 924 -15.72 -24.60 -13.67
N ASP A 925 -15.89 -25.63 -14.50
CA ASP A 925 -15.59 -27.01 -14.14
C ASP A 925 -14.19 -27.37 -14.64
N SER A 926 -13.86 -28.66 -14.55
CA SER A 926 -12.58 -29.13 -15.07
C SER A 926 -12.56 -29.23 -16.59
N THR A 927 -13.74 -29.25 -17.22
CA THR A 927 -13.83 -29.35 -18.68
C THR A 927 -14.18 -28.03 -19.33
N GLY A 928 -14.16 -26.92 -18.59
CA GLY A 928 -14.38 -25.60 -19.14
C GLY A 928 -15.82 -25.16 -19.19
N LYS A 929 -16.78 -26.02 -18.86
CA LYS A 929 -18.17 -25.60 -18.82
C LYS A 929 -18.41 -24.70 -17.61
N ILE A 930 -19.03 -23.56 -17.84
CA ILE A 930 -19.20 -22.54 -16.81
C ILE A 930 -20.41 -22.89 -15.95
N LEU A 931 -20.26 -22.77 -14.63
CA LEU A 931 -21.34 -23.08 -13.69
C LEU A 931 -22.24 -21.87 -13.46
N GLU A 932 -21.66 -20.76 -12.99
CA GLU A 932 -22.44 -19.60 -12.62
C GLU A 932 -21.57 -18.36 -12.78
N GLN A 933 -22.21 -17.25 -13.18
CA GLN A 933 -21.51 -16.00 -13.44
C GLN A 933 -22.50 -14.85 -13.25
N ARG A 934 -22.07 -13.80 -12.55
CA ARG A 934 -22.95 -12.69 -12.21
C ARG A 934 -22.10 -11.51 -11.74
N SER A 935 -22.80 -10.42 -11.41
CA SER A 935 -22.17 -9.20 -10.91
C SER A 935 -22.34 -9.06 -9.40
N LEU A 936 -21.31 -8.52 -8.76
CA LEU A 936 -21.39 -8.07 -7.38
C LEU A 936 -20.83 -6.66 -7.24
N ASN A 937 -21.13 -5.80 -8.21
CA ASN A 937 -20.98 -4.36 -7.99
C ASN A 937 -21.98 -3.87 -6.96
N THR A 938 -23.13 -4.53 -6.87
CA THR A 938 -24.04 -4.41 -5.74
C THR A 938 -24.13 -5.77 -5.06
N ILE A 939 -24.45 -5.75 -3.77
CA ILE A 939 -24.51 -6.95 -2.96
C ILE A 939 -25.98 -7.15 -2.59
N GLN A 940 -26.85 -6.76 -3.53
CA GLN A 940 -28.33 -6.71 -3.50
C GLN A 940 -28.78 -5.54 -2.64
N GLN A 941 -27.83 -4.87 -2.00
CA GLN A 941 -28.02 -3.59 -1.33
C GLN A 941 -27.73 -2.48 -2.34
N PHE A 942 -27.55 -1.25 -1.86
CA PHE A 942 -27.19 -0.14 -2.71
C PHE A 942 -25.85 -0.37 -3.41
N ASP A 943 -25.79 -0.01 -4.68
CA ASP A 943 -24.59 -0.21 -5.50
C ASP A 943 -23.49 0.74 -5.01
N TYR A 944 -22.45 0.16 -4.41
CA TYR A 944 -21.44 0.95 -3.69
C TYR A 944 -20.59 1.82 -4.63
N GLN A 945 -20.58 1.51 -5.93
CA GLN A 945 -19.75 2.27 -6.87
C GLN A 945 -20.22 3.71 -6.97
N LYS A 946 -21.54 3.92 -6.96
CA LYS A 946 -22.12 5.25 -7.17
C LYS A 946 -21.79 6.18 -6.00
N LYS A 947 -21.57 5.64 -4.81
CA LYS A 947 -21.12 6.46 -3.70
C LYS A 947 -19.59 6.50 -3.61
N LEU A 948 -18.91 5.43 -4.03
CA LEU A 948 -17.46 5.35 -3.90
C LEU A 948 -16.76 6.31 -4.85
N ASP A 949 -17.23 6.42 -6.10
CA ASP A 949 -16.61 7.39 -7.00
C ASP A 949 -16.91 8.83 -6.59
N ASN A 950 -18.10 9.06 -6.01
CA ASN A 950 -18.41 10.38 -5.46
C ASN A 950 -17.49 10.72 -4.29
N ARG A 951 -17.19 9.74 -3.44
CA ARG A 951 -16.26 9.95 -2.34
C ARG A 951 -14.85 10.25 -2.86
N GLU A 952 -14.43 9.54 -3.91
CA GLU A 952 -13.13 9.79 -4.53
C GLU A 952 -13.04 11.21 -5.10
N LYS A 953 -14.04 11.62 -5.88
CA LYS A 953 -14.00 12.96 -6.46
C LYS A 953 -14.17 14.03 -5.40
N GLU A 954 -14.89 13.73 -4.32
CA GLU A 954 -15.02 14.69 -3.22
C GLU A 954 -13.70 14.89 -2.51
N ARG A 955 -12.94 13.81 -2.30
CA ARG A 955 -11.59 13.97 -1.73
C ARG A 955 -10.68 14.74 -2.67
N VAL A 956 -10.78 14.48 -3.99
CA VAL A 956 -9.95 15.18 -4.96
C VAL A 956 -10.27 16.67 -4.97
N ALA A 957 -11.56 17.02 -4.93
CA ALA A 957 -11.97 18.42 -4.92
C ALA A 957 -11.58 19.10 -3.62
N ALA A 958 -11.76 18.41 -2.48
CA ALA A 958 -11.47 19.03 -1.19
C ALA A 958 -9.99 19.13 -0.89
N ARG A 959 -9.15 18.32 -1.53
CA ARG A 959 -7.71 18.40 -1.29
C ARG A 959 -7.13 19.69 -1.86
N GLN A 960 -7.62 20.15 -3.01
CA GLN A 960 -7.18 21.42 -3.56
C GLN A 960 -7.91 22.61 -2.95
N ALA A 961 -9.10 22.40 -2.39
CA ALA A 961 -9.89 23.47 -1.79
C ALA A 961 -9.51 23.76 -0.34
N TRP A 962 -8.45 23.12 0.16
CA TRP A 962 -7.96 23.28 1.53
C TRP A 962 -9.03 22.92 2.56
N SER A 963 -9.83 21.92 2.25
CA SER A 963 -10.82 21.38 3.17
C SER A 963 -10.25 20.15 3.86
N VAL A 964 -11.09 19.45 4.62
CA VAL A 964 -10.67 18.18 5.19
C VAL A 964 -10.49 17.15 4.08
N VAL A 965 -9.55 16.23 4.29
CA VAL A 965 -9.21 15.26 3.26
C VAL A 965 -10.07 14.00 3.39
N GLY A 966 -10.12 13.43 4.58
CA GLY A 966 -10.88 12.21 4.80
C GLY A 966 -10.11 10.98 4.37
N THR A 967 -10.79 9.84 4.44
CA THR A 967 -10.21 8.55 4.12
C THR A 967 -11.08 7.83 3.10
N ILE A 968 -10.44 6.92 2.35
CA ILE A 968 -11.14 6.08 1.38
C ILE A 968 -11.34 4.66 1.89
N LYS A 969 -10.65 4.27 2.96
CA LYS A 969 -10.70 2.88 3.44
C LYS A 969 -12.04 2.49 4.02
N ASP A 970 -12.85 3.47 4.47
CA ASP A 970 -14.15 3.17 5.05
C ASP A 970 -15.07 2.48 4.05
N LEU A 971 -15.39 3.17 2.94
CA LEU A 971 -16.22 2.57 1.90
C LEU A 971 -15.53 1.40 1.22
N LYS A 972 -14.19 1.46 1.15
CA LYS A 972 -13.40 0.39 0.55
C LYS A 972 -13.64 -0.93 1.27
N GLN A 973 -13.33 -0.99 2.56
CA GLN A 973 -13.53 -2.24 3.27
C GLN A 973 -15.00 -2.50 3.58
N GLY A 974 -15.88 -1.49 3.51
CA GLY A 974 -17.29 -1.80 3.65
C GLY A 974 -17.91 -2.48 2.46
N TYR A 975 -17.38 -2.22 1.26
CA TYR A 975 -17.64 -3.09 0.12
C TYR A 975 -16.92 -4.42 0.27
N LEU A 976 -15.65 -4.38 0.67
CA LEU A 976 -14.81 -5.55 0.53
C LEU A 976 -15.07 -6.61 1.59
N SER A 977 -15.65 -6.26 2.73
CA SER A 977 -16.02 -7.26 3.73
C SER A 977 -17.12 -8.19 3.22
N GLN A 978 -18.20 -7.61 2.71
CA GLN A 978 -19.28 -8.41 2.15
C GLN A 978 -18.84 -9.12 0.88
N VAL A 979 -17.97 -8.48 0.09
CA VAL A 979 -17.41 -9.15 -1.07
C VAL A 979 -16.60 -10.38 -0.66
N ILE A 980 -15.75 -10.23 0.35
CA ILE A 980 -14.93 -11.33 0.87
C ILE A 980 -15.82 -12.46 1.37
N HIS A 981 -16.93 -12.10 2.03
CA HIS A 981 -17.92 -13.07 2.47
C HIS A 981 -18.48 -13.86 1.29
N GLU A 982 -18.79 -13.17 0.19
CA GLU A 982 -19.33 -13.86 -0.98
C GLU A 982 -18.33 -14.84 -1.60
N ILE A 983 -17.07 -14.42 -1.77
CA ILE A 983 -16.10 -15.35 -2.34
C ILE A 983 -15.84 -16.54 -1.42
N VAL A 984 -15.79 -16.34 -0.08
CA VAL A 984 -15.50 -17.51 0.75
C VAL A 984 -16.72 -18.44 0.75
N ASP A 985 -17.93 -17.88 0.67
CA ASP A 985 -19.14 -18.71 0.61
C ASP A 985 -19.11 -19.59 -0.64
N LEU A 986 -18.85 -19.02 -1.82
CA LEU A 986 -18.78 -19.85 -3.02
C LEU A 986 -17.59 -20.79 -3.00
N MET A 987 -16.48 -20.38 -2.36
CA MET A 987 -15.28 -21.21 -2.33
C MET A 987 -15.49 -22.48 -1.53
N ILE A 988 -16.13 -22.36 -0.36
CA ILE A 988 -16.42 -23.56 0.44
C ILE A 988 -17.57 -24.35 -0.18
N HIS A 989 -18.55 -23.66 -0.78
CA HIS A 989 -19.69 -24.39 -1.35
C HIS A 989 -19.28 -25.23 -2.55
N TYR A 990 -18.32 -24.76 -3.35
CA TYR A 990 -17.88 -25.52 -4.51
C TYR A 990 -16.61 -26.33 -4.26
N GLN A 991 -15.92 -26.12 -3.13
CA GLN A 991 -14.60 -26.69 -2.85
C GLN A 991 -13.63 -26.41 -4.00
N ALA A 992 -13.67 -25.19 -4.51
CA ALA A 992 -13.00 -24.83 -5.73
C ALA A 992 -11.64 -24.20 -5.44
N VAL A 993 -10.94 -23.79 -6.49
CA VAL A 993 -9.62 -23.17 -6.41
C VAL A 993 -9.74 -21.78 -6.99
N VAL A 994 -9.43 -20.77 -6.20
CA VAL A 994 -9.54 -19.39 -6.63
C VAL A 994 -8.30 -18.99 -7.41
N VAL A 995 -8.47 -18.12 -8.40
CA VAL A 995 -7.35 -17.58 -9.15
C VAL A 995 -7.45 -16.07 -9.19
N LEU A 996 -6.30 -15.40 -9.06
CA LEU A 996 -6.20 -13.96 -9.19
C LEU A 996 -4.98 -13.67 -10.06
N GLU A 997 -5.04 -12.57 -10.81
CA GLU A 997 -3.93 -12.27 -11.72
C GLU A 997 -2.73 -11.72 -10.95
N ASN A 998 -1.54 -12.12 -11.37
CA ASN A 998 -0.30 -11.61 -10.82
C ASN A 998 0.17 -10.42 -11.66
N LEU A 999 0.41 -9.29 -11.01
CA LEU A 999 0.77 -8.07 -11.70
C LEU A 999 2.06 -7.52 -11.09
N ASN A 1000 2.78 -6.72 -11.89
CA ASN A 1000 3.97 -6.03 -11.41
C ASN A 1000 3.59 -5.00 -10.35
N PHE A 1001 4.50 -4.81 -9.38
CA PHE A 1001 4.20 -3.95 -8.23
C PHE A 1001 4.06 -2.49 -8.63
N GLY A 1002 4.91 -2.02 -9.54
CA GLY A 1002 4.82 -0.65 -10.01
C GLY A 1002 3.53 -0.36 -10.75
N PHE A 1003 2.98 -1.37 -11.42
CA PHE A 1003 1.70 -1.23 -12.11
C PHE A 1003 0.59 -0.90 -11.12
N LYS A 1004 0.46 -1.71 -10.06
CA LYS A 1004 -0.59 -1.46 -9.08
C LYS A 1004 -0.34 -0.16 -8.33
N SER A 1005 0.93 0.16 -8.04
CA SER A 1005 1.24 1.42 -7.37
C SER A 1005 0.81 2.62 -8.21
N LYS A 1006 1.12 2.59 -9.51
CA LYS A 1006 0.73 3.70 -10.38
C LYS A 1006 -0.78 3.80 -10.51
N ARG A 1007 -1.45 2.66 -10.75
CA ARG A 1007 -2.91 2.70 -10.95
C ARG A 1007 -3.66 3.08 -9.67
N THR A 1008 -3.07 2.81 -8.50
CA THR A 1008 -3.53 3.47 -7.29
C THR A 1008 -3.23 4.97 -7.36
N GLY A 1009 -2.15 5.33 -8.08
CA GLY A 1009 -1.82 6.73 -8.27
C GLY A 1009 -2.91 7.52 -8.99
N ILE A 1010 -3.35 7.05 -10.16
CA ILE A 1010 -4.40 7.79 -10.88
C ILE A 1010 -5.74 7.60 -10.20
N ALA A 1011 -6.19 6.36 -10.08
CA ALA A 1011 -7.52 6.06 -9.56
C ALA A 1011 -7.41 5.64 -8.09
N GLU A 1012 -8.33 6.16 -7.27
CA GLU A 1012 -8.33 5.85 -5.84
C GLU A 1012 -9.03 4.52 -5.56
N LYS A 1013 -8.62 3.47 -6.26
CA LYS A 1013 -9.15 2.11 -6.08
C LYS A 1013 -7.94 1.21 -5.86
N ALA A 1014 -7.51 1.09 -4.60
CA ALA A 1014 -6.31 0.35 -4.22
C ALA A 1014 -6.58 -1.13 -4.04
N VAL A 1015 -7.62 -1.67 -4.68
CA VAL A 1015 -8.01 -3.06 -4.48
C VAL A 1015 -7.12 -4.06 -5.21
N TYR A 1016 -6.14 -3.61 -5.97
CA TYR A 1016 -5.23 -4.57 -6.61
C TYR A 1016 -4.30 -5.24 -5.62
N GLN A 1017 -4.12 -4.68 -4.43
CA GLN A 1017 -3.28 -5.30 -3.40
C GLN A 1017 -3.99 -5.59 -2.11
N GLN A 1018 -5.01 -4.82 -1.75
CA GLN A 1018 -5.57 -4.93 -0.42
C GLN A 1018 -6.74 -5.91 -0.39
N PHE A 1019 -7.43 -6.11 -1.52
CA PHE A 1019 -8.22 -7.32 -1.73
C PHE A 1019 -7.41 -8.58 -1.49
N GLU A 1020 -6.21 -8.64 -2.07
CA GLU A 1020 -5.35 -9.81 -1.88
C GLU A 1020 -4.98 -9.98 -0.42
N LYS A 1021 -4.75 -8.86 0.28
CA LYS A 1021 -4.40 -8.92 1.70
C LYS A 1021 -5.55 -9.48 2.54
N MET A 1022 -6.77 -8.96 2.32
CA MET A 1022 -7.90 -9.47 3.09
C MET A 1022 -8.26 -10.91 2.72
N LEU A 1023 -8.10 -11.30 1.45
CA LEU A 1023 -8.36 -12.68 1.05
C LEU A 1023 -7.34 -13.63 1.67
N ILE A 1024 -6.07 -13.22 1.74
CA ILE A 1024 -5.06 -14.07 2.37
C ILE A 1024 -5.30 -14.17 3.88
N ASP A 1025 -5.56 -13.03 4.54
CA ASP A 1025 -5.71 -13.08 5.99
C ASP A 1025 -7.08 -13.61 6.43
N LYS A 1026 -8.03 -13.82 5.52
CA LYS A 1026 -9.18 -14.66 5.86
C LYS A 1026 -8.96 -16.12 5.49
N LEU A 1027 -8.38 -16.40 4.33
CA LEU A 1027 -8.30 -17.78 3.86
C LEU A 1027 -7.29 -18.62 4.64
N ASN A 1028 -6.48 -18.00 5.50
CA ASN A 1028 -5.55 -18.77 6.33
C ASN A 1028 -6.21 -19.22 7.64
N CYS A 1029 -6.97 -18.35 8.29
CA CYS A 1029 -7.72 -18.71 9.49
C CYS A 1029 -9.18 -18.43 9.19
N LEU A 1030 -9.96 -19.49 8.99
CA LEU A 1030 -11.31 -19.37 8.46
C LEU A 1030 -12.28 -20.11 9.36
N VAL A 1031 -13.23 -19.38 9.95
CA VAL A 1031 -14.31 -19.96 10.72
C VAL A 1031 -15.62 -19.46 10.12
N LEU A 1032 -16.68 -20.23 10.33
CA LEU A 1032 -18.01 -19.89 9.83
C LEU A 1032 -18.99 -19.86 10.99
N LYS A 1033 -19.86 -18.85 10.98
CA LYS A 1033 -20.68 -18.56 12.14
C LYS A 1033 -21.77 -19.62 12.34
N ASP A 1034 -22.31 -20.18 11.26
CA ASP A 1034 -23.37 -21.17 11.38
C ASP A 1034 -22.85 -22.60 11.46
N TYR A 1035 -21.56 -22.82 11.25
CA TYR A 1035 -20.98 -24.14 11.42
C TYR A 1035 -20.94 -24.52 12.90
N PRO A 1036 -21.11 -25.81 13.21
CA PRO A 1036 -20.86 -26.26 14.59
C PRO A 1036 -19.38 -26.20 14.91
N ALA A 1037 -19.09 -26.00 16.20
CA ALA A 1037 -17.71 -25.78 16.63
C ALA A 1037 -16.85 -27.02 16.43
N GLU A 1038 -17.40 -28.21 16.72
CA GLU A 1038 -16.59 -29.42 16.66
C GLU A 1038 -16.27 -29.84 15.23
N LYS A 1039 -17.13 -29.49 14.27
CA LYS A 1039 -16.89 -29.84 12.88
C LYS A 1039 -15.77 -28.97 12.31
N VAL A 1040 -15.13 -29.48 11.25
CA VAL A 1040 -14.09 -28.73 10.58
C VAL A 1040 -14.71 -27.50 9.92
N GLY A 1041 -14.00 -26.39 9.98
CA GLY A 1041 -14.55 -25.10 9.66
C GLY A 1041 -15.12 -24.37 10.85
N GLY A 1042 -15.18 -25.02 12.01
CA GLY A 1042 -15.62 -24.37 13.23
C GLY A 1042 -14.50 -23.62 13.92
N VAL A 1043 -14.78 -23.20 15.14
CA VAL A 1043 -13.84 -22.33 15.86
C VAL A 1043 -12.63 -23.08 16.41
N LEU A 1044 -12.71 -24.39 16.64
CA LEU A 1044 -11.54 -25.08 17.16
C LEU A 1044 -10.73 -25.77 16.06
N ASN A 1045 -11.34 -26.09 14.93
CA ASN A 1045 -10.67 -26.73 13.80
C ASN A 1045 -10.95 -25.91 12.56
N PRO A 1046 -10.37 -24.71 12.47
CA PRO A 1046 -10.67 -23.84 11.34
C PRO A 1046 -9.96 -24.17 10.02
N TYR A 1047 -10.53 -23.63 8.95
CA TYR A 1047 -10.07 -23.98 7.60
C TYR A 1047 -8.78 -23.24 7.30
N GLN A 1048 -7.72 -23.99 7.06
CA GLN A 1048 -6.42 -23.46 6.65
C GLN A 1048 -6.23 -23.81 5.19
N LEU A 1049 -6.37 -22.81 4.32
CA LEU A 1049 -6.38 -23.06 2.90
C LEU A 1049 -5.25 -22.36 2.15
N THR A 1050 -4.80 -21.20 2.62
CA THR A 1050 -3.67 -20.50 2.03
C THR A 1050 -2.44 -20.62 2.92
N ASP A 1051 -1.27 -20.49 2.32
CA ASP A 1051 -0.02 -20.58 3.06
C ASP A 1051 0.16 -19.38 3.98
N GLN A 1052 0.94 -19.57 5.03
CA GLN A 1052 1.20 -18.52 6.00
C GLN A 1052 2.05 -17.43 5.37
N PHE A 1053 1.43 -16.31 5.04
CA PHE A 1053 2.15 -15.21 4.42
C PHE A 1053 3.03 -14.51 5.45
N THR A 1054 4.26 -14.21 5.04
CA THR A 1054 5.19 -13.43 5.84
C THR A 1054 5.59 -12.13 5.17
N SER A 1055 5.96 -12.19 3.89
CA SER A 1055 6.29 -11.02 3.10
C SER A 1055 6.10 -11.38 1.64
N PHE A 1056 5.99 -10.36 0.79
CA PHE A 1056 5.80 -10.60 -0.63
C PHE A 1056 7.05 -11.14 -1.30
N ALA A 1057 8.22 -10.93 -0.70
CA ALA A 1057 9.42 -11.62 -1.18
C ALA A 1057 9.31 -13.12 -0.97
N LYS A 1058 8.79 -13.54 0.19
CA LYS A 1058 8.57 -14.95 0.45
C LYS A 1058 7.31 -15.49 -0.21
N MET A 1059 6.41 -14.60 -0.64
CA MET A 1059 5.15 -15.02 -1.23
C MET A 1059 5.35 -15.36 -2.70
N GLY A 1060 4.77 -16.47 -3.15
CA GLY A 1060 5.09 -17.04 -4.45
C GLY A 1060 3.93 -17.16 -5.42
N THR A 1061 4.13 -17.89 -6.52
CA THR A 1061 3.10 -17.98 -7.55
C THR A 1061 1.86 -18.72 -7.05
N GLN A 1062 2.01 -19.60 -6.06
CA GLN A 1062 0.89 -20.31 -5.46
C GLN A 1062 0.98 -20.20 -3.94
N SER A 1063 -0.14 -19.87 -3.31
CA SER A 1063 -0.26 -19.88 -1.85
C SER A 1063 -1.45 -20.75 -1.52
N GLY A 1064 -1.25 -22.07 -1.49
CA GLY A 1064 -2.32 -23.00 -1.22
C GLY A 1064 -3.34 -23.06 -2.33
N PHE A 1065 -4.58 -22.68 -2.01
CA PHE A 1065 -5.68 -22.69 -2.97
C PHE A 1065 -5.83 -21.39 -3.74
N LEU A 1066 -4.94 -20.43 -3.57
CA LEU A 1066 -4.98 -19.20 -4.34
C LEU A 1066 -3.84 -19.24 -5.35
N PHE A 1067 -4.19 -19.15 -6.62
CA PHE A 1067 -3.24 -19.26 -7.74
C PHE A 1067 -3.07 -17.91 -8.41
N TYR A 1068 -1.82 -17.50 -8.59
CA TYR A 1068 -1.52 -16.31 -9.38
C TYR A 1068 -1.10 -16.71 -10.78
N VAL A 1069 -1.77 -16.15 -11.78
CA VAL A 1069 -1.48 -16.42 -13.19
C VAL A 1069 -0.83 -15.18 -13.79
N PRO A 1070 -0.01 -15.33 -14.84
CA PRO A 1070 0.62 -14.15 -15.45
C PRO A 1070 -0.39 -13.17 -16.03
N ALA A 1071 -0.04 -11.89 -15.93
CA ALA A 1071 -0.91 -10.81 -16.38
C ALA A 1071 -1.17 -10.73 -17.89
N PRO A 1072 -0.19 -10.86 -18.80
CA PRO A 1072 -0.48 -10.53 -20.21
C PRO A 1072 -1.44 -11.50 -20.87
N TYR A 1073 -2.25 -10.94 -21.78
CA TYR A 1073 -3.22 -11.66 -22.61
C TYR A 1073 -4.22 -12.46 -21.77
N THR A 1074 -4.92 -11.72 -20.89
CA THR A 1074 -5.88 -12.35 -20.00
C THR A 1074 -7.29 -11.79 -20.13
N SER A 1075 -7.50 -10.74 -20.91
CA SER A 1075 -8.80 -10.10 -20.99
C SER A 1075 -9.41 -10.13 -22.39
N LYS A 1076 -8.67 -9.70 -23.40
CA LYS A 1076 -9.23 -9.42 -24.72
C LYS A 1076 -9.01 -10.59 -25.67
N ILE A 1077 -9.60 -11.74 -25.32
CA ILE A 1077 -9.48 -12.97 -26.09
C ILE A 1077 -10.88 -13.53 -26.32
N ASP A 1078 -11.12 -14.03 -27.53
CA ASP A 1078 -12.39 -14.68 -27.85
C ASP A 1078 -12.46 -16.02 -27.12
N PRO A 1079 -13.50 -16.27 -26.31
CA PRO A 1079 -13.67 -17.61 -25.75
C PRO A 1079 -14.20 -18.63 -26.74
N LEU A 1080 -14.71 -18.18 -27.89
CA LEU A 1080 -15.23 -19.14 -28.86
C LEU A 1080 -14.11 -19.84 -29.62
N THR A 1081 -13.09 -19.09 -30.02
CA THR A 1081 -11.97 -19.68 -30.75
C THR A 1081 -10.59 -19.20 -30.33
N GLY A 1082 -10.46 -18.21 -29.47
CA GLY A 1082 -9.14 -17.71 -29.09
C GLY A 1082 -8.50 -16.78 -30.10
N PHE A 1083 -9.11 -15.62 -30.34
CA PHE A 1083 -8.57 -14.67 -31.30
C PHE A 1083 -8.02 -13.44 -30.61
N VAL A 1084 -6.78 -13.07 -30.97
CA VAL A 1084 -6.16 -11.80 -30.61
C VAL A 1084 -5.49 -11.26 -31.85
N ASP A 1085 -5.25 -9.95 -31.86
CA ASP A 1085 -4.54 -9.31 -32.96
C ASP A 1085 -3.04 -9.35 -32.71
N PRO A 1086 -2.25 -10.04 -33.54
CA PRO A 1086 -0.82 -10.14 -33.26
C PRO A 1086 -0.04 -8.88 -33.58
N PHE A 1087 -0.60 -7.96 -34.36
CA PHE A 1087 0.12 -6.75 -34.73
C PHE A 1087 0.10 -5.73 -33.60
N VAL A 1088 1.03 -4.78 -33.69
CA VAL A 1088 0.98 -3.55 -32.93
C VAL A 1088 0.83 -2.40 -33.92
N TRP A 1089 0.26 -1.31 -33.45
CA TRP A 1089 0.07 -0.14 -34.29
C TRP A 1089 1.21 0.86 -34.17
N LYS A 1090 2.23 0.56 -33.36
CA LYS A 1090 3.41 1.40 -33.26
C LYS A 1090 4.32 1.23 -34.47
N THR A 1091 4.36 0.02 -35.05
CA THR A 1091 5.27 -0.24 -36.16
C THR A 1091 4.81 0.43 -37.44
N ILE A 1092 3.50 0.47 -37.68
CA ILE A 1092 2.96 1.04 -38.92
C ILE A 1092 2.80 2.54 -38.70
N LYS A 1093 3.79 3.31 -39.17
CA LYS A 1093 3.78 4.76 -39.10
C LYS A 1093 3.76 5.41 -40.48
N ASN A 1094 4.62 4.95 -41.39
CA ASN A 1094 4.73 5.53 -42.72
C ASN A 1094 3.78 4.84 -43.70
N HIS A 1095 3.88 5.23 -44.97
CA HIS A 1095 2.94 4.76 -45.99
C HIS A 1095 3.36 3.45 -46.64
N GLU A 1096 4.66 3.24 -46.88
CA GLU A 1096 5.08 1.97 -47.45
C GLU A 1096 4.92 0.85 -46.43
N SER A 1097 5.07 1.15 -45.13
CA SER A 1097 4.72 0.18 -44.11
C SER A 1097 3.22 -0.11 -44.10
N ARG A 1098 2.41 0.91 -44.41
CA ARG A 1098 0.97 0.70 -44.54
C ARG A 1098 0.66 -0.22 -45.73
N LYS A 1099 1.40 -0.07 -46.83
CA LYS A 1099 1.22 -0.97 -47.96
C LYS A 1099 1.68 -2.39 -47.63
N HIS A 1100 2.76 -2.51 -46.83
CA HIS A 1100 3.18 -3.83 -46.37
C HIS A 1100 2.13 -4.48 -45.49
N PHE A 1101 1.48 -3.69 -44.62
CA PHE A 1101 0.39 -4.21 -43.80
C PHE A 1101 -0.82 -4.57 -44.65
N LEU A 1102 -1.03 -3.85 -45.76
CA LEU A 1102 -2.07 -4.23 -46.72
C LEU A 1102 -1.77 -5.59 -47.35
N GLU A 1103 -0.52 -5.78 -47.81
CA GLU A 1103 -0.18 -7.01 -48.52
C GLU A 1103 0.03 -8.20 -47.59
N GLY A 1104 0.03 -7.98 -46.27
CA GLY A 1104 0.16 -9.09 -45.34
C GLY A 1104 -1.04 -10.01 -45.30
N PHE A 1105 -2.20 -9.53 -45.74
CA PHE A 1105 -3.39 -10.36 -45.82
C PHE A 1105 -3.33 -11.28 -47.04
N ASP A 1106 -4.22 -12.27 -47.06
CA ASP A 1106 -4.20 -13.29 -48.11
C ASP A 1106 -5.12 -12.91 -49.27
N PHE A 1107 -6.42 -12.77 -49.00
CA PHE A 1107 -7.39 -12.43 -50.04
C PHE A 1107 -8.58 -11.78 -49.38
N LEU A 1108 -9.33 -11.00 -50.16
CA LEU A 1108 -10.38 -10.14 -49.62
C LEU A 1108 -11.59 -10.29 -50.55
N HIS A 1109 -12.63 -10.97 -50.09
CA HIS A 1109 -13.75 -11.41 -50.93
C HIS A 1109 -15.07 -11.17 -50.21
N TYR A 1110 -16.07 -10.66 -50.96
CA TYR A 1110 -17.37 -10.32 -50.39
C TYR A 1110 -18.33 -11.44 -50.80
N ASP A 1111 -18.84 -12.15 -49.80
CA ASP A 1111 -19.92 -13.12 -50.01
C ASP A 1111 -21.23 -12.35 -50.11
N VAL A 1112 -21.82 -12.31 -51.32
CA VAL A 1112 -23.05 -11.55 -51.54
C VAL A 1112 -24.28 -12.23 -50.98
N LYS A 1113 -24.16 -13.48 -50.53
CA LYS A 1113 -25.32 -14.19 -50.01
C LYS A 1113 -25.79 -13.62 -48.68
N THR A 1114 -24.86 -13.43 -47.75
CA THR A 1114 -25.19 -12.91 -46.42
C THR A 1114 -24.62 -11.52 -46.16
N GLY A 1115 -23.80 -10.99 -47.07
CA GLY A 1115 -23.29 -9.65 -46.94
C GLY A 1115 -21.99 -9.51 -46.17
N ASP A 1116 -21.46 -10.58 -45.60
CA ASP A 1116 -20.19 -10.50 -44.90
C ASP A 1116 -19.03 -10.41 -45.88
N PHE A 1117 -17.94 -9.82 -45.41
CA PHE A 1117 -16.73 -9.61 -46.21
C PHE A 1117 -15.65 -10.50 -45.63
N ILE A 1118 -15.04 -11.32 -46.48
CA ILE A 1118 -14.10 -12.35 -46.03
C ILE A 1118 -12.68 -11.85 -46.28
N LEU A 1119 -11.93 -11.65 -45.19
CA LEU A 1119 -10.52 -11.30 -45.24
C LEU A 1119 -9.75 -12.34 -44.46
N HIS A 1120 -8.58 -12.74 -44.98
CA HIS A 1120 -7.87 -13.89 -44.44
C HIS A 1120 -6.39 -13.55 -44.33
N PHE A 1121 -5.74 -14.06 -43.29
CA PHE A 1121 -4.34 -13.73 -43.03
C PHE A 1121 -3.60 -14.98 -42.57
N LYS A 1122 -2.32 -15.04 -42.92
CA LYS A 1122 -1.38 -16.05 -42.49
C LYS A 1122 -0.23 -15.38 -41.74
N MET A 1123 0.27 -16.01 -40.68
CA MET A 1123 1.28 -15.36 -39.85
C MET A 1123 2.67 -15.34 -40.47
N ASN A 1124 2.90 -16.01 -41.60
CA ASN A 1124 4.20 -15.87 -42.27
C ASN A 1124 4.31 -14.60 -43.11
N ARG A 1125 3.36 -13.68 -42.94
CA ARG A 1125 3.41 -12.33 -43.48
C ARG A 1125 3.30 -11.34 -42.33
N ASN A 1126 3.72 -10.10 -42.59
CA ASN A 1126 3.69 -9.01 -41.61
C ASN A 1126 4.46 -9.36 -40.34
N LEU A 1127 5.67 -9.92 -40.51
CA LEU A 1127 6.46 -10.35 -39.36
C LEU A 1127 6.93 -9.17 -38.52
N SER A 1128 7.30 -8.06 -39.18
CA SER A 1128 7.76 -6.88 -38.44
C SER A 1128 6.62 -6.25 -37.64
N PHE A 1129 5.41 -6.23 -38.20
CA PHE A 1129 4.28 -5.63 -37.50
C PHE A 1129 3.78 -6.52 -36.37
N GLN A 1130 3.84 -7.84 -36.55
CA GLN A 1130 3.53 -8.75 -35.47
C GLN A 1130 4.58 -8.66 -34.37
N ARG A 1131 4.14 -8.85 -33.13
CA ARG A 1131 5.00 -8.75 -31.96
C ARG A 1131 5.80 -10.02 -31.68
N GLY A 1132 5.89 -10.93 -32.64
CA GLY A 1132 6.57 -12.19 -32.42
C GLY A 1132 5.80 -13.22 -31.64
N LEU A 1133 4.52 -12.96 -31.36
CA LEU A 1133 3.68 -13.85 -30.56
C LEU A 1133 2.42 -14.14 -31.35
N PRO A 1134 2.41 -15.22 -32.15
CA PRO A 1134 1.22 -15.56 -32.93
C PRO A 1134 0.33 -16.60 -32.26
N GLY A 1135 -0.88 -16.81 -32.80
CA GLY A 1135 -1.70 -17.92 -32.40
C GLY A 1135 -1.26 -19.23 -33.04
N PHE A 1136 -1.75 -20.34 -32.48
CA PHE A 1136 -1.29 -21.65 -32.94
C PHE A 1136 -1.92 -22.03 -34.28
N MET A 1137 -3.18 -21.67 -34.49
CA MET A 1137 -3.90 -22.01 -35.73
C MET A 1137 -3.27 -21.34 -36.94
N PRO A 1138 -2.90 -22.13 -37.96
CA PRO A 1138 -2.18 -21.55 -39.11
C PRO A 1138 -2.99 -20.58 -39.94
N ALA A 1139 -4.32 -20.59 -39.85
CA ALA A 1139 -5.15 -19.72 -40.65
C ALA A 1139 -6.02 -18.83 -39.77
N TRP A 1140 -6.31 -17.63 -40.28
CA TRP A 1140 -7.17 -16.68 -39.56
C TRP A 1140 -7.96 -15.88 -40.59
N ASP A 1141 -9.17 -16.34 -40.87
CA ASP A 1141 -10.11 -15.55 -41.66
C ASP A 1141 -10.82 -14.55 -40.75
N ILE A 1142 -10.84 -13.29 -41.17
CA ILE A 1142 -11.49 -12.22 -40.43
C ILE A 1142 -12.82 -11.95 -41.10
N VAL A 1143 -13.92 -12.30 -40.43
CA VAL A 1143 -15.25 -12.17 -40.99
C VAL A 1143 -15.68 -10.72 -40.79
N PHE A 1144 -15.45 -9.92 -41.82
CA PHE A 1144 -15.79 -8.50 -41.79
C PHE A 1144 -17.28 -8.40 -42.12
N GLU A 1145 -18.10 -8.66 -41.10
CA GLU A 1145 -19.52 -8.88 -41.31
C GLU A 1145 -20.27 -7.57 -41.59
N LYS A 1146 -21.42 -7.71 -42.26
CA LYS A 1146 -22.30 -6.59 -42.51
C LYS A 1146 -22.95 -6.14 -41.21
N ASN A 1147 -23.23 -4.83 -41.12
CA ASN A 1147 -23.91 -4.26 -39.96
C ASN A 1147 -25.39 -4.62 -39.97
N GLU A 1148 -25.70 -5.88 -39.68
CA GLU A 1148 -27.07 -6.39 -39.75
C GLU A 1148 -27.57 -6.50 -38.32
N THR A 1149 -28.83 -6.10 -38.11
CA THR A 1149 -29.39 -5.92 -36.77
C THR A 1149 -30.20 -7.14 -36.37
N GLN A 1150 -29.81 -7.79 -35.27
CA GLN A 1150 -30.54 -8.91 -34.70
C GLN A 1150 -30.97 -8.57 -33.28
N PHE A 1151 -31.49 -9.56 -32.58
CA PHE A 1151 -31.98 -9.41 -31.22
C PHE A 1151 -31.20 -10.32 -30.28
N ASP A 1152 -31.20 -9.94 -29.00
CA ASP A 1152 -30.49 -10.69 -27.97
C ASP A 1152 -31.37 -11.85 -27.50
N ALA A 1153 -30.98 -12.50 -26.39
CA ALA A 1153 -31.79 -13.58 -25.83
C ALA A 1153 -33.16 -13.08 -25.37
N LYS A 1154 -33.20 -11.90 -24.74
CA LYS A 1154 -34.49 -11.34 -24.33
C LYS A 1154 -35.20 -10.61 -25.46
N GLY A 1155 -34.49 -10.24 -26.52
CA GLY A 1155 -35.12 -9.69 -27.72
C GLY A 1155 -34.83 -8.24 -28.03
N THR A 1156 -33.93 -7.58 -27.29
CA THR A 1156 -33.62 -6.19 -27.59
C THR A 1156 -32.80 -6.10 -28.87
N PRO A 1157 -33.13 -5.19 -29.79
CA PRO A 1157 -32.39 -5.12 -31.05
C PRO A 1157 -30.99 -4.57 -30.86
N PHE A 1158 -30.04 -5.14 -31.61
CA PHE A 1158 -28.65 -4.71 -31.58
C PHE A 1158 -28.02 -5.03 -32.93
N ILE A 1159 -27.04 -4.22 -33.32
CA ILE A 1159 -26.38 -4.35 -34.62
C ILE A 1159 -25.15 -5.22 -34.45
N ALA A 1160 -25.07 -6.30 -35.24
CA ALA A 1160 -23.87 -7.13 -35.26
C ALA A 1160 -22.72 -6.37 -35.89
N GLY A 1161 -21.53 -6.50 -35.29
CA GLY A 1161 -20.37 -5.79 -35.76
C GLY A 1161 -20.32 -4.32 -35.38
N LYS A 1162 -21.29 -3.84 -34.60
CA LYS A 1162 -21.28 -2.46 -34.12
C LYS A 1162 -20.14 -2.29 -33.13
N ARG A 1163 -19.12 -1.54 -33.52
CA ARG A 1163 -17.89 -1.42 -32.75
C ARG A 1163 -17.71 0.05 -32.36
N ILE A 1164 -18.06 0.36 -31.12
CA ILE A 1164 -18.03 1.74 -30.63
C ILE A 1164 -16.62 2.12 -30.22
N VAL A 1165 -16.20 3.31 -30.64
CA VAL A 1165 -14.84 3.81 -30.43
C VAL A 1165 -14.95 5.29 -30.07
N PRO A 1166 -14.15 5.82 -29.14
CA PRO A 1166 -14.23 7.25 -28.85
C PRO A 1166 -13.70 8.08 -30.02
N VAL A 1167 -14.51 9.03 -30.47
CA VAL A 1167 -14.05 9.96 -31.51
C VAL A 1167 -13.21 11.04 -30.82
N ILE A 1168 -11.93 11.09 -31.16
CA ILE A 1168 -11.05 12.08 -30.58
C ILE A 1168 -11.11 13.36 -31.40
N GLU A 1169 -11.29 14.49 -30.72
CA GLU A 1169 -11.40 15.77 -31.42
C GLU A 1169 -10.05 16.20 -31.97
N ASN A 1170 -9.00 16.12 -31.15
CA ASN A 1170 -7.63 16.31 -31.57
C ASN A 1170 -6.85 15.03 -31.27
N HIS A 1171 -5.54 15.07 -31.47
CA HIS A 1171 -4.71 13.90 -31.19
C HIS A 1171 -4.64 13.59 -29.70
N ARG A 1172 -4.88 14.59 -28.84
CA ARG A 1172 -4.61 14.44 -27.41
C ARG A 1172 -5.73 13.71 -26.68
N PHE A 1173 -6.16 12.55 -27.23
CA PHE A 1173 -7.23 11.67 -26.71
C PHE A 1173 -8.40 12.43 -26.09
N THR A 1174 -8.89 13.43 -26.82
CA THR A 1174 -10.02 14.25 -26.39
C THR A 1174 -11.31 13.64 -26.93
N GLY A 1175 -12.40 14.40 -26.87
CA GLY A 1175 -13.62 14.06 -27.59
C GLY A 1175 -14.49 13.04 -26.90
N ARG A 1176 -15.68 12.87 -27.46
CA ARG A 1176 -16.76 12.02 -26.97
C ARG A 1176 -16.72 10.67 -27.67
N TYR A 1177 -17.80 9.88 -27.50
CA TYR A 1177 -17.90 8.54 -28.04
C TYR A 1177 -18.59 8.64 -29.41
N ARG A 1178 -18.67 7.52 -30.13
CA ARG A 1178 -19.14 7.63 -31.51
C ARG A 1178 -19.69 6.27 -31.91
N ASP A 1179 -20.92 6.23 -32.41
CA ASP A 1179 -21.57 4.98 -32.83
C ASP A 1179 -21.18 4.68 -34.27
N LEU A 1180 -20.10 3.93 -34.46
CA LEU A 1180 -19.45 3.81 -35.75
C LEU A 1180 -19.51 2.37 -36.27
N TYR A 1181 -19.88 2.24 -37.54
CA TYR A 1181 -20.16 0.94 -38.16
C TYR A 1181 -19.20 0.69 -39.32
N PRO A 1182 -18.22 -0.21 -39.18
CA PRO A 1182 -17.17 -0.37 -40.22
C PRO A 1182 -17.62 -0.74 -41.63
N ALA A 1183 -18.67 -1.55 -41.79
CA ALA A 1183 -18.97 -2.14 -43.10
C ALA A 1183 -19.56 -1.13 -44.05
N ASN A 1184 -20.47 -0.27 -43.56
CA ASN A 1184 -20.94 0.84 -44.37
C ASN A 1184 -19.79 1.77 -44.75
N GLU A 1185 -18.82 1.92 -43.85
CA GLU A 1185 -17.64 2.72 -44.16
C GLU A 1185 -16.84 2.13 -45.31
N LEU A 1186 -16.62 0.80 -45.32
CA LEU A 1186 -15.82 0.24 -46.40
C LEU A 1186 -16.59 0.25 -47.72
N ILE A 1187 -17.91 0.00 -47.69
CA ILE A 1187 -18.64 0.05 -48.95
C ILE A 1187 -18.68 1.47 -49.49
N ALA A 1188 -18.72 2.48 -48.61
CA ALA A 1188 -18.61 3.87 -49.04
C ALA A 1188 -17.23 4.17 -49.60
N LEU A 1189 -16.18 3.60 -48.99
CA LEU A 1189 -14.82 3.83 -49.48
C LEU A 1189 -14.61 3.19 -50.85
N LEU A 1190 -15.14 1.97 -51.04
CA LEU A 1190 -14.99 1.30 -52.33
C LEU A 1190 -15.82 2.00 -53.41
N GLU A 1191 -17.01 2.51 -53.06
CA GLU A 1191 -17.78 3.29 -54.01
C GLU A 1191 -17.08 4.61 -54.36
N GLU A 1192 -16.44 5.23 -53.37
CA GLU A 1192 -15.72 6.48 -53.61
C GLU A 1192 -14.48 6.24 -54.49
N LYS A 1193 -13.76 5.15 -54.25
CA LYS A 1193 -12.55 4.85 -55.00
C LYS A 1193 -12.83 4.12 -56.31
N GLY A 1194 -14.09 3.80 -56.59
CA GLY A 1194 -14.42 3.07 -57.81
C GLY A 1194 -14.14 1.59 -57.76
N ILE A 1195 -13.85 1.04 -56.59
CA ILE A 1195 -13.53 -0.37 -56.46
C ILE A 1195 -14.81 -1.18 -56.50
N VAL A 1196 -14.89 -2.13 -57.43
CA VAL A 1196 -16.06 -3.00 -57.54
C VAL A 1196 -15.99 -4.07 -56.46
N PHE A 1197 -17.10 -4.27 -55.76
CA PHE A 1197 -17.17 -5.25 -54.68
C PHE A 1197 -18.16 -6.37 -54.93
N ARG A 1198 -19.20 -6.14 -55.73
CA ARG A 1198 -20.24 -7.13 -55.98
C ARG A 1198 -19.78 -8.32 -56.81
N ASP A 1199 -18.57 -8.25 -57.39
CA ASP A 1199 -18.06 -9.34 -58.21
C ASP A 1199 -17.83 -10.60 -57.37
N GLY A 1200 -17.34 -10.44 -56.15
CA GLY A 1200 -17.01 -11.57 -55.31
C GLY A 1200 -15.62 -12.16 -55.54
N SER A 1201 -14.84 -11.57 -56.43
CA SER A 1201 -13.46 -12.01 -56.65
C SER A 1201 -12.55 -11.32 -55.64
N ASN A 1202 -11.24 -11.39 -55.86
CA ASN A 1202 -10.30 -10.71 -54.98
C ASN A 1202 -10.42 -9.20 -55.14
N ILE A 1203 -10.36 -8.51 -54.00
CA ILE A 1203 -10.56 -7.06 -53.97
C ILE A 1203 -9.34 -6.30 -53.47
N LEU A 1204 -8.46 -6.94 -52.69
CA LEU A 1204 -7.16 -6.36 -52.34
C LEU A 1204 -6.32 -5.89 -53.53
N PRO A 1205 -6.28 -6.57 -54.69
CA PRO A 1205 -5.64 -5.93 -55.86
C PRO A 1205 -6.27 -4.60 -56.26
N LYS A 1206 -7.59 -4.48 -56.15
CA LYS A 1206 -8.24 -3.19 -56.45
C LYS A 1206 -7.92 -2.16 -55.38
N LEU A 1207 -7.59 -2.60 -54.17
CA LEU A 1207 -7.15 -1.66 -53.13
C LEU A 1207 -5.72 -1.20 -53.39
N LEU A 1208 -4.84 -2.11 -53.78
CA LEU A 1208 -3.44 -1.77 -53.94
C LEU A 1208 -3.13 -1.12 -55.28
N GLU A 1209 -4.04 -1.21 -56.28
CA GLU A 1209 -3.80 -0.47 -57.52
C GLU A 1209 -3.99 1.02 -57.32
N ASN A 1210 -4.84 1.41 -56.36
CA ASN A 1210 -5.00 2.82 -55.97
C ASN A 1210 -3.87 3.15 -55.00
N ASP A 1211 -2.83 3.79 -55.51
CA ASP A 1211 -1.62 4.06 -54.72
C ASP A 1211 -1.72 5.33 -53.89
N ASP A 1212 -2.87 6.00 -53.88
CA ASP A 1212 -3.05 7.16 -53.02
C ASP A 1212 -3.05 6.74 -51.55
N SER A 1213 -2.43 7.58 -50.72
CA SER A 1213 -2.29 7.27 -49.30
C SER A 1213 -3.62 7.24 -48.57
N HIS A 1214 -4.64 7.93 -49.10
CA HIS A 1214 -5.93 7.98 -48.43
C HIS A 1214 -6.59 6.61 -48.35
N ALA A 1215 -6.52 5.83 -49.44
CA ALA A 1215 -7.19 4.54 -49.48
C ALA A 1215 -6.58 3.55 -48.49
N ILE A 1216 -5.24 3.41 -48.53
CA ILE A 1216 -4.56 2.48 -47.63
C ILE A 1216 -4.67 2.96 -46.19
N ASP A 1217 -4.61 4.28 -45.96
CA ASP A 1217 -4.80 4.81 -44.61
C ASP A 1217 -6.19 4.47 -44.09
N THR A 1218 -7.22 4.60 -44.93
CA THR A 1218 -8.57 4.30 -44.49
C THR A 1218 -8.78 2.82 -44.22
N MET A 1219 -8.22 1.93 -45.05
CA MET A 1219 -8.49 0.53 -44.79
C MET A 1219 -7.67 0.02 -43.60
N VAL A 1220 -6.47 0.59 -43.37
CA VAL A 1220 -5.72 0.27 -42.16
C VAL A 1220 -6.45 0.79 -40.93
N ALA A 1221 -7.07 1.98 -41.03
CA ALA A 1221 -7.87 2.49 -39.92
C ALA A 1221 -9.08 1.61 -39.65
N LEU A 1222 -9.73 1.09 -40.70
CA LEU A 1222 -10.84 0.17 -40.52
C LEU A 1222 -10.39 -1.16 -39.91
N ILE A 1223 -9.20 -1.63 -40.31
CA ILE A 1223 -8.65 -2.87 -39.74
C ILE A 1223 -8.36 -2.66 -38.25
N ARG A 1224 -7.85 -1.49 -37.89
CA ARG A 1224 -7.67 -1.17 -36.47
C ARG A 1224 -9.00 -1.06 -35.74
N SER A 1225 -10.01 -0.48 -36.38
CA SER A 1225 -11.32 -0.30 -35.76
C SER A 1225 -12.13 -1.58 -35.66
N VAL A 1226 -11.71 -2.64 -36.35
CA VAL A 1226 -12.37 -3.94 -36.26
C VAL A 1226 -11.57 -4.93 -35.42
N LEU A 1227 -10.25 -4.94 -35.57
CA LEU A 1227 -9.38 -5.86 -34.87
C LEU A 1227 -9.30 -5.61 -33.37
N GLN A 1228 -9.79 -4.45 -32.90
CA GLN A 1228 -9.85 -4.21 -31.47
C GLN A 1228 -10.89 -5.12 -30.82
N MET A 1229 -10.78 -5.27 -29.50
CA MET A 1229 -11.63 -6.19 -28.79
C MET A 1229 -12.58 -5.49 -27.82
N ARG A 1230 -12.26 -4.28 -27.40
CA ARG A 1230 -13.04 -3.56 -26.41
C ARG A 1230 -14.02 -2.59 -27.06
N ASN A 1231 -15.29 -2.68 -26.66
CA ASN A 1231 -16.35 -1.77 -27.10
C ASN A 1231 -17.07 -1.26 -25.86
N SER A 1232 -16.66 -0.10 -25.36
CA SER A 1232 -17.19 0.46 -24.13
C SER A 1232 -17.92 1.77 -24.40
N ASN A 1233 -18.85 2.13 -23.53
CA ASN A 1233 -19.57 3.41 -23.64
C ASN A 1233 -19.92 3.85 -22.22
N ALA A 1234 -19.11 4.74 -21.65
CA ALA A 1234 -19.37 5.23 -20.31
C ALA A 1234 -20.52 6.22 -20.27
N ALA A 1235 -20.88 6.84 -21.39
CA ALA A 1235 -21.96 7.82 -21.40
C ALA A 1235 -23.32 7.15 -21.25
N THR A 1236 -23.53 6.02 -21.93
CA THR A 1236 -24.81 5.33 -21.90
C THR A 1236 -24.78 4.01 -21.15
N GLY A 1237 -23.61 3.55 -20.72
CA GLY A 1237 -23.52 2.29 -19.99
C GLY A 1237 -23.58 1.06 -20.83
N GLU A 1238 -23.34 1.17 -22.15
CA GLU A 1238 -23.39 0.03 -23.06
C GLU A 1238 -21.96 -0.40 -23.38
N ASP A 1239 -21.42 -1.28 -22.55
CA ASP A 1239 -20.09 -1.84 -22.75
C ASP A 1239 -20.22 -3.32 -23.07
N TYR A 1240 -19.52 -3.77 -24.11
CA TYR A 1240 -19.69 -5.12 -24.62
C TYR A 1240 -18.44 -5.52 -25.39
N ILE A 1241 -18.37 -6.80 -25.74
CA ILE A 1241 -17.24 -7.36 -26.48
C ILE A 1241 -17.78 -8.09 -27.70
N ASN A 1242 -17.13 -7.87 -28.85
CA ASN A 1242 -17.60 -8.44 -30.12
C ASN A 1242 -16.40 -9.06 -30.84
N SER A 1243 -16.57 -10.30 -31.30
CA SER A 1243 -15.43 -10.95 -31.94
C SER A 1243 -15.56 -10.92 -33.45
N PRO A 1244 -14.45 -10.74 -34.17
CA PRO A 1244 -14.53 -10.65 -35.63
C PRO A 1244 -14.51 -11.99 -36.35
N VAL A 1245 -14.04 -13.05 -35.71
CA VAL A 1245 -13.81 -14.33 -36.37
C VAL A 1245 -14.97 -15.27 -36.10
N ARG A 1246 -15.56 -15.80 -37.18
CA ARG A 1246 -16.60 -16.82 -37.05
C ARG A 1246 -16.02 -18.12 -36.49
N ASP A 1247 -16.77 -18.74 -35.59
CA ASP A 1247 -16.35 -20.02 -35.04
C ASP A 1247 -16.64 -21.15 -36.03
N LEU A 1248 -16.11 -22.33 -35.71
CA LEU A 1248 -16.39 -23.53 -36.50
C LEU A 1248 -17.84 -23.96 -36.40
N ASN A 1249 -18.54 -23.53 -35.34
CA ASN A 1249 -19.98 -23.76 -35.27
C ASN A 1249 -20.71 -22.99 -36.36
N GLY A 1250 -20.25 -21.77 -36.65
CA GLY A 1250 -20.83 -20.99 -37.72
C GLY A 1250 -21.37 -19.65 -37.29
N VAL A 1251 -20.86 -19.12 -36.17
CA VAL A 1251 -21.31 -17.84 -35.64
C VAL A 1251 -20.13 -17.02 -35.18
N CYS A 1252 -20.23 -15.70 -35.36
CA CYS A 1252 -19.32 -14.75 -34.74
C CYS A 1252 -19.80 -14.44 -33.34
N PHE A 1253 -18.87 -14.37 -32.38
CA PHE A 1253 -19.26 -14.17 -30.99
C PHE A 1253 -19.65 -12.70 -30.87
N ASP A 1254 -20.87 -12.44 -30.43
CA ASP A 1254 -21.23 -11.14 -29.88
C ASP A 1254 -21.70 -11.34 -28.44
N SER A 1255 -21.27 -10.45 -27.54
CA SER A 1255 -21.66 -10.54 -26.14
C SER A 1255 -23.15 -10.30 -25.94
N ARG A 1256 -23.80 -9.67 -26.90
CA ARG A 1256 -25.24 -9.50 -26.94
C ARG A 1256 -25.96 -10.78 -27.38
N PHE A 1257 -25.30 -11.94 -27.48
CA PHE A 1257 -26.03 -13.20 -27.56
C PHE A 1257 -26.84 -13.44 -26.29
N GLN A 1258 -26.25 -13.10 -25.14
CA GLN A 1258 -26.87 -13.22 -23.82
C GLN A 1258 -27.28 -14.66 -23.50
N ASN A 1259 -26.52 -15.62 -24.00
CA ASN A 1259 -26.66 -17.05 -23.73
C ASN A 1259 -25.83 -17.42 -22.50
N PRO A 1260 -26.36 -18.26 -21.61
CA PRO A 1260 -25.68 -18.51 -20.32
C PRO A 1260 -24.35 -19.25 -20.44
N GLU A 1261 -24.08 -19.93 -21.56
CA GLU A 1261 -22.85 -20.70 -21.66
C GLU A 1261 -21.62 -19.88 -21.98
N TRP A 1262 -21.77 -18.58 -22.22
CA TRP A 1262 -20.69 -17.71 -22.65
C TRP A 1262 -20.68 -16.46 -21.79
N PRO A 1263 -19.54 -15.75 -21.71
CA PRO A 1263 -19.47 -14.55 -20.87
C PRO A 1263 -20.41 -13.44 -21.32
N MET A 1264 -20.89 -12.66 -20.34
CA MET A 1264 -21.79 -11.53 -20.57
C MET A 1264 -21.06 -10.22 -20.80
N ASP A 1265 -19.75 -10.14 -20.60
CA ASP A 1265 -19.06 -8.86 -20.58
C ASP A 1265 -17.59 -9.07 -20.85
N ALA A 1266 -16.84 -7.96 -20.87
CA ALA A 1266 -15.40 -8.02 -21.07
C ALA A 1266 -14.67 -8.55 -19.84
N ASP A 1267 -14.99 -8.02 -18.67
CA ASP A 1267 -14.38 -8.51 -17.44
C ASP A 1267 -14.84 -9.93 -17.13
N ALA A 1268 -16.07 -10.28 -17.55
CA ALA A 1268 -16.50 -11.67 -17.54
C ALA A 1268 -15.56 -12.54 -18.35
N ASN A 1269 -15.19 -12.07 -19.54
CA ASN A 1269 -14.28 -12.84 -20.39
C ASN A 1269 -12.90 -12.93 -19.77
N GLY A 1270 -12.45 -11.86 -19.10
CA GLY A 1270 -11.17 -11.92 -18.41
C GLY A 1270 -11.14 -12.91 -17.26
N ALA A 1271 -12.22 -12.93 -16.47
CA ALA A 1271 -12.34 -13.91 -15.39
C ALA A 1271 -12.41 -15.33 -15.94
N TYR A 1272 -13.10 -15.51 -17.05
CA TYR A 1272 -13.15 -16.81 -17.70
C TYR A 1272 -11.77 -17.25 -18.16
N HIS A 1273 -10.99 -16.32 -18.73
CA HIS A 1273 -9.63 -16.65 -19.16
C HIS A 1273 -8.74 -17.03 -17.98
N ILE A 1274 -8.83 -16.31 -16.85
CA ILE A 1274 -7.93 -16.67 -15.76
C ILE A 1274 -8.37 -17.98 -15.12
N ALA A 1275 -9.66 -18.31 -15.22
CA ALA A 1275 -10.11 -19.65 -14.84
C ALA A 1275 -9.46 -20.73 -15.72
N LEU A 1276 -9.40 -20.50 -17.04
CA LEU A 1276 -8.68 -21.50 -17.86
C LEU A 1276 -7.16 -21.45 -17.71
N LYS A 1277 -6.55 -20.33 -17.29
CA LYS A 1277 -5.14 -20.44 -16.93
C LYS A 1277 -4.93 -21.26 -15.67
N GLY A 1278 -5.83 -21.14 -14.71
CA GLY A 1278 -5.80 -22.06 -13.57
C GLY A 1278 -5.97 -23.51 -14.01
N GLN A 1279 -6.85 -23.75 -14.97
CA GLN A 1279 -7.05 -25.10 -15.49
C GLN A 1279 -5.81 -25.60 -16.24
N LEU A 1280 -5.12 -24.70 -16.94
CA LEU A 1280 -3.91 -25.06 -17.64
C LEU A 1280 -2.80 -25.41 -16.66
N LEU A 1281 -2.68 -24.64 -15.57
CA LEU A 1281 -1.71 -24.95 -14.53
C LEU A 1281 -2.05 -26.29 -13.85
N LEU A 1282 -3.34 -26.56 -13.67
CA LEU A 1282 -3.77 -27.85 -13.14
C LEU A 1282 -3.41 -29.00 -14.07
N ASN A 1283 -3.56 -28.80 -15.38
CA ASN A 1283 -3.14 -29.83 -16.33
C ASN A 1283 -1.64 -30.06 -16.25
N HIS A 1284 -0.85 -28.98 -16.22
CA HIS A 1284 0.60 -29.09 -16.05
C HIS A 1284 0.96 -29.80 -14.75
N LEU A 1285 0.15 -29.63 -13.70
CA LEU A 1285 0.30 -30.43 -12.50
C LEU A 1285 0.00 -31.90 -12.79
N LYS A 1286 -1.00 -32.16 -13.63
CA LYS A 1286 -1.43 -33.54 -13.88
C LYS A 1286 -0.36 -34.34 -14.61
N GLU A 1287 0.31 -33.76 -15.62
CA GLU A 1287 1.42 -34.52 -16.21
C GLU A 1287 2.78 -34.20 -15.59
N SER A 1288 2.82 -33.69 -14.36
CA SER A 1288 4.07 -33.55 -13.62
C SER A 1288 4.06 -34.45 -12.40
N LYS A 1289 5.20 -35.08 -12.14
CA LYS A 1289 5.37 -35.98 -11.00
C LYS A 1289 6.23 -35.37 -9.89
N ASP A 1290 6.72 -34.15 -10.09
CA ASP A 1290 7.59 -33.51 -9.11
C ASP A 1290 6.83 -32.93 -7.91
N LEU A 1291 5.50 -32.88 -7.98
CA LEU A 1291 4.61 -32.32 -6.96
C LEU A 1291 4.88 -30.85 -6.69
N LYS A 1292 5.53 -30.16 -7.63
CA LYS A 1292 5.77 -28.72 -7.58
C LYS A 1292 5.13 -28.08 -8.82
N LEU A 1293 5.41 -26.80 -9.01
CA LEU A 1293 4.85 -26.05 -10.12
C LEU A 1293 5.89 -25.82 -11.20
N GLN A 1294 5.48 -25.05 -12.21
CA GLN A 1294 6.38 -24.37 -13.12
C GLN A 1294 6.40 -22.90 -12.75
N ASN A 1295 7.56 -22.25 -12.96
CA ASN A 1295 7.76 -20.87 -12.54
C ASN A 1295 6.96 -19.96 -13.46
N GLY A 1296 5.66 -19.83 -13.15
CA GLY A 1296 4.75 -19.13 -14.02
C GLY A 1296 4.45 -19.96 -15.26
N ILE A 1297 3.80 -19.30 -16.22
CA ILE A 1297 3.59 -19.88 -17.54
C ILE A 1297 3.86 -18.81 -18.58
N SER A 1298 4.32 -19.24 -19.75
CA SER A 1298 4.62 -18.31 -20.83
C SER A 1298 3.33 -17.84 -21.50
N ASN A 1299 3.39 -16.62 -22.03
CA ASN A 1299 2.24 -16.06 -22.73
C ASN A 1299 1.94 -16.82 -24.02
N GLN A 1300 2.98 -17.13 -24.80
CA GLN A 1300 2.78 -17.90 -26.02
C GLN A 1300 2.40 -19.35 -25.73
N ASP A 1301 2.88 -19.90 -24.61
CA ASP A 1301 2.43 -21.23 -24.20
C ASP A 1301 0.95 -21.22 -23.84
N TRP A 1302 0.50 -20.19 -23.13
CA TRP A 1302 -0.93 -20.05 -22.84
C TRP A 1302 -1.74 -19.89 -24.11
N LEU A 1303 -1.25 -19.11 -25.07
CA LEU A 1303 -1.99 -18.93 -26.31
C LEU A 1303 -2.03 -20.22 -27.12
N ALA A 1304 -0.93 -20.98 -27.15
CA ALA A 1304 -0.93 -22.29 -27.81
C ALA A 1304 -1.93 -23.23 -27.15
N TYR A 1305 -1.97 -23.24 -25.81
CA TYR A 1305 -2.94 -24.05 -25.07
C TYR A 1305 -4.37 -23.68 -25.44
N ILE A 1306 -4.68 -22.38 -25.46
CA ILE A 1306 -6.07 -21.99 -25.65
C ILE A 1306 -6.48 -22.23 -27.11
N GLN A 1307 -5.54 -22.12 -28.06
CA GLN A 1307 -5.86 -22.45 -29.45
C GLN A 1307 -6.07 -23.95 -29.63
N GLU A 1308 -5.29 -24.78 -28.92
CA GLU A 1308 -5.53 -26.22 -28.99
C GLU A 1308 -6.89 -26.60 -28.43
N LEU A 1309 -7.25 -26.04 -27.27
CA LEU A 1309 -8.48 -26.49 -26.62
C LEU A 1309 -9.75 -25.86 -27.19
N ARG A 1310 -9.70 -24.62 -27.69
CA ARG A 1310 -10.90 -24.04 -28.30
C ARG A 1310 -11.23 -24.70 -29.63
N ASN A 1311 -10.25 -24.78 -30.53
CA ASN A 1311 -10.47 -25.40 -31.83
C ASN A 1311 -9.69 -26.70 -31.97
#